data_5QRP
# 
_entry.id   5QRP 
# 
_audit_conform.dict_name       mmcif_pdbx.dic 
_audit_conform.dict_version    5.387 
_audit_conform.dict_location   http://mmcif.pdb.org/dictionaries/ascii/mmcif_pdbx.dic 
# 
loop_
_database_2.database_id 
_database_2.database_code 
_database_2.pdbx_database_accession 
_database_2.pdbx_DOI 
PDB   5QRP         pdb_00005qrp 10.2210/pdb5qrp/pdb 
WWPDB D_1001402322 ?            ?                   
# 
loop_
_pdbx_audit_revision_history.ordinal 
_pdbx_audit_revision_history.data_content_type 
_pdbx_audit_revision_history.major_revision 
_pdbx_audit_revision_history.minor_revision 
_pdbx_audit_revision_history.revision_date 
1 'Structure model' 1 0 2019-07-10 
2 'Structure model' 1 1 2019-08-07 
3 'Structure model' 1 2 2024-03-06 
# 
_pdbx_audit_revision_details.ordinal             1 
_pdbx_audit_revision_details.revision_ordinal    1 
_pdbx_audit_revision_details.data_content_type   'Structure model' 
_pdbx_audit_revision_details.provider            repository 
_pdbx_audit_revision_details.type                'Initial release' 
_pdbx_audit_revision_details.description         ? 
_pdbx_audit_revision_details.details             ? 
# 
loop_
_pdbx_audit_revision_group.ordinal 
_pdbx_audit_revision_group.revision_ordinal 
_pdbx_audit_revision_group.data_content_type 
_pdbx_audit_revision_group.group 
1 2 'Structure model' 'Author supporting evidence' 
2 2 'Structure model' 'Data collection'            
3 2 'Structure model' 'Structure summary'          
4 3 'Structure model' 'Data collection'            
5 3 'Structure model' 'Database references'        
6 3 'Structure model' 'Derived calculations'       
# 
loop_
_pdbx_audit_revision_category.ordinal 
_pdbx_audit_revision_category.revision_ordinal 
_pdbx_audit_revision_category.data_content_type 
_pdbx_audit_revision_category.category 
1 2 'Structure model' pdbx_entity_instance_feature 
2 2 'Structure model' pdbx_entry_details           
3 3 'Structure model' chem_comp_atom               
4 3 'Structure model' chem_comp_bond               
5 3 'Structure model' database_2                   
6 3 'Structure model' pdbx_struct_conn_angle       
7 3 'Structure model' struct_conn                  
# 
loop_
_pdbx_audit_revision_item.ordinal 
_pdbx_audit_revision_item.revision_ordinal 
_pdbx_audit_revision_item.data_content_type 
_pdbx_audit_revision_item.item 
1  3 'Structure model' '_database_2.pdbx_DOI'                        
2  3 'Structure model' '_database_2.pdbx_database_accession'         
3  3 'Structure model' '_pdbx_struct_conn_angle.ptnr1_auth_comp_id'  
4  3 'Structure model' '_pdbx_struct_conn_angle.ptnr1_auth_seq_id'   
5  3 'Structure model' '_pdbx_struct_conn_angle.ptnr1_label_alt_id'  
6  3 'Structure model' '_pdbx_struct_conn_angle.ptnr1_label_asym_id' 
7  3 'Structure model' '_pdbx_struct_conn_angle.ptnr1_label_atom_id' 
8  3 'Structure model' '_pdbx_struct_conn_angle.ptnr1_label_comp_id' 
9  3 'Structure model' '_pdbx_struct_conn_angle.ptnr1_label_seq_id'  
10 3 'Structure model' '_pdbx_struct_conn_angle.ptnr1_symmetry'      
11 3 'Structure model' '_pdbx_struct_conn_angle.ptnr2_auth_seq_id'   
12 3 'Structure model' '_pdbx_struct_conn_angle.ptnr2_label_asym_id' 
13 3 'Structure model' '_pdbx_struct_conn_angle.ptnr3_auth_comp_id'  
14 3 'Structure model' '_pdbx_struct_conn_angle.ptnr3_auth_seq_id'   
15 3 'Structure model' '_pdbx_struct_conn_angle.ptnr3_label_alt_id'  
16 3 'Structure model' '_pdbx_struct_conn_angle.ptnr3_label_asym_id' 
17 3 'Structure model' '_pdbx_struct_conn_angle.ptnr3_label_atom_id' 
18 3 'Structure model' '_pdbx_struct_conn_angle.ptnr3_label_comp_id' 
19 3 'Structure model' '_pdbx_struct_conn_angle.ptnr3_label_seq_id'  
20 3 'Structure model' '_pdbx_struct_conn_angle.ptnr3_symmetry'      
21 3 'Structure model' '_pdbx_struct_conn_angle.value'               
22 3 'Structure model' '_struct_conn.pdbx_dist_value'                
23 3 'Structure model' '_struct_conn.pdbx_ptnr1_label_alt_id'        
24 3 'Structure model' '_struct_conn.ptnr1_auth_comp_id'             
25 3 'Structure model' '_struct_conn.ptnr1_auth_seq_id'              
26 3 'Structure model' '_struct_conn.ptnr1_label_asym_id'            
27 3 'Structure model' '_struct_conn.ptnr1_label_atom_id'            
28 3 'Structure model' '_struct_conn.ptnr1_label_comp_id'            
29 3 'Structure model' '_struct_conn.ptnr1_label_seq_id'             
30 3 'Structure model' '_struct_conn.ptnr2_auth_comp_id'             
31 3 'Structure model' '_struct_conn.ptnr2_auth_seq_id'              
32 3 'Structure model' '_struct_conn.ptnr2_label_asym_id'            
33 3 'Structure model' '_struct_conn.ptnr2_label_atom_id'            
34 3 'Structure model' '_struct_conn.ptnr2_label_comp_id'            
35 3 'Structure model' '_struct_conn.ptnr2_symmetry'                 
# 
_pdbx_database_status.entry_id                        5QRP 
_pdbx_database_status.status_code                     REL 
_pdbx_database_status.status_code_sf                  REL 
_pdbx_database_status.status_code_mr                  ? 
_pdbx_database_status.status_code_cs                  ? 
_pdbx_database_status.recvd_initial_deposition_date   2019-05-25 
_pdbx_database_status.deposit_site                    RCSB 
_pdbx_database_status.process_site                    RCSB 
_pdbx_database_status.SG_entry                        ? 
_pdbx_database_status.pdb_format_compatible           Y 
_pdbx_database_status.methods_development_category    ? 
_pdbx_database_status.status_code_nmr_data            ? 
# 
loop_
_audit_author.name 
_audit_author.pdbx_ordinal 
'Newman, J.A.'        1  
'Gavard, A.E.'        2  
'Fernandez-Cid, A.'   3  
'Sherestha, L.'       4  
'Burgess-Brown, N.A.' 5  
'von Delft, F.'       6  
'Arrowsmith, C.H.'    7  
'Edwards, A.'         8  
'Bountra, C.'         9  
'Gileadi, O.'         10 
# 
_citation.id                        primary 
_citation.title                     'PanDDA analysis group deposition' 
_citation.journal_abbrev            'To Be Published' 
_citation.journal_volume            ? 
_citation.page_first                ? 
_citation.page_last                 ? 
_citation.year                      ? 
_citation.journal_id_ASTM           ? 
_citation.country                   ? 
_citation.journal_id_ISSN           ? 
_citation.journal_id_CSD            0353 
_citation.book_publisher            ? 
_citation.pdbx_database_id_PubMed   ? 
_citation.pdbx_database_id_DOI      ? 
# 
loop_
_citation_author.citation_id 
_citation_author.name 
_citation_author.identifier_ORCID 
_citation_author.ordinal 
primary 'Newman, J.A.'        ? 1  
primary 'Gavard, A.E.'        ? 2  
primary 'Fernandez-Cid, A.'   ? 3  
primary 'Sherestha, L.'       ? 4  
primary 'Burgess-Brown, N.A.' ? 5  
primary 'von Delft, F.'       ? 6  
primary 'Arrowsmith, C.H.'    ? 7  
primary 'Edwards, A.'         ? 8  
primary 'Bountra, C.'         ? 9  
primary 'Gileadi, O.'         ? 10 
# 
loop_
_entity.id 
_entity.type 
_entity.src_method 
_entity.pdbx_description 
_entity.formula_weight 
_entity.pdbx_number_of_molecules 
_entity.pdbx_ec 
_entity.pdbx_mutation 
_entity.pdbx_fragment 
_entity.details 
1 polymer     man 'T-box transcription factor T'                             19597.586 1  ? ? ? ? 
2 non-polymer syn 'CADMIUM ION'                                              112.411   5  ? ? ? ? 
3 non-polymer syn '4-[(3-cyclopropyl-1,2,4-oxadiazol-5-yl)methyl]piperidine' 207.272   1  ? ? ? ? 
4 water       nat water                                                      18.015    73 ? ? ? ? 
# 
_entity_name_com.entity_id   1 
_entity_name_com.name        'Brachyury protein,Protein T' 
# 
_entity_poly.entity_id                      1 
_entity_poly.type                           'polypeptide(L)' 
_entity_poly.nstd_linkage                   no 
_entity_poly.nstd_monomer                   no 
_entity_poly.pdbx_seq_one_letter_code       
;GELRVGLEESELWLRFKELTNEMIVTKNGRRMFPVLKVNVSGLDPNAMYSFLLDFVAADNHRWKYVNGEWVPGGKPEPQA
PSCVYIHPDSPNFGAHWMKAPVSFSKVKLTNKLNGGGQIMLNSLHKYEPRIHIVRVGGPQRMITSHCFPETQFIAVTAYQ
NEEITALKIKYN
;
_entity_poly.pdbx_seq_one_letter_code_can   
;GELRVGLEESELWLRFKELTNEMIVTKNGRRMFPVLKVNVSGLDPNAMYSFLLDFVAADNHRWKYVNGEWVPGGKPEPQA
PSCVYIHPDSPNFGAHWMKAPVSFSKVKLTNKLNGGGQIMLNSLHKYEPRIHIVRVGGPQRMITSHCFPETQFIAVTAYQ
NEEITALKIKYN
;
_entity_poly.pdbx_strand_id                 A 
_entity_poly.pdbx_target_identifier         ? 
# 
loop_
_pdbx_entity_nonpoly.entity_id 
_pdbx_entity_nonpoly.name 
_pdbx_entity_nonpoly.comp_id 
2 'CADMIUM ION'                                              CD  
3 '4-[(3-cyclopropyl-1,2,4-oxadiazol-5-yl)methyl]piperidine' NXM 
4 water                                                      HOH 
# 
loop_
_entity_poly_seq.entity_id 
_entity_poly_seq.num 
_entity_poly_seq.mon_id 
_entity_poly_seq.hetero 
1 1   GLY n 
1 2   GLU n 
1 3   LEU n 
1 4   ARG n 
1 5   VAL n 
1 6   GLY n 
1 7   LEU n 
1 8   GLU n 
1 9   GLU n 
1 10  SER n 
1 11  GLU n 
1 12  LEU n 
1 13  TRP n 
1 14  LEU n 
1 15  ARG n 
1 16  PHE n 
1 17  LYS n 
1 18  GLU n 
1 19  LEU n 
1 20  THR n 
1 21  ASN n 
1 22  GLU n 
1 23  MET n 
1 24  ILE n 
1 25  VAL n 
1 26  THR n 
1 27  LYS n 
1 28  ASN n 
1 29  GLY n 
1 30  ARG n 
1 31  ARG n 
1 32  MET n 
1 33  PHE n 
1 34  PRO n 
1 35  VAL n 
1 36  LEU n 
1 37  LYS n 
1 38  VAL n 
1 39  ASN n 
1 40  VAL n 
1 41  SER n 
1 42  GLY n 
1 43  LEU n 
1 44  ASP n 
1 45  PRO n 
1 46  ASN n 
1 47  ALA n 
1 48  MET n 
1 49  TYR n 
1 50  SER n 
1 51  PHE n 
1 52  LEU n 
1 53  LEU n 
1 54  ASP n 
1 55  PHE n 
1 56  VAL n 
1 57  ALA n 
1 58  ALA n 
1 59  ASP n 
1 60  ASN n 
1 61  HIS n 
1 62  ARG n 
1 63  TRP n 
1 64  LYS n 
1 65  TYR n 
1 66  VAL n 
1 67  ASN n 
1 68  GLY n 
1 69  GLU n 
1 70  TRP n 
1 71  VAL n 
1 72  PRO n 
1 73  GLY n 
1 74  GLY n 
1 75  LYS n 
1 76  PRO n 
1 77  GLU n 
1 78  PRO n 
1 79  GLN n 
1 80  ALA n 
1 81  PRO n 
1 82  SER n 
1 83  CYS n 
1 84  VAL n 
1 85  TYR n 
1 86  ILE n 
1 87  HIS n 
1 88  PRO n 
1 89  ASP n 
1 90  SER n 
1 91  PRO n 
1 92  ASN n 
1 93  PHE n 
1 94  GLY n 
1 95  ALA n 
1 96  HIS n 
1 97  TRP n 
1 98  MET n 
1 99  LYS n 
1 100 ALA n 
1 101 PRO n 
1 102 VAL n 
1 103 SER n 
1 104 PHE n 
1 105 SER n 
1 106 LYS n 
1 107 VAL n 
1 108 LYS n 
1 109 LEU n 
1 110 THR n 
1 111 ASN n 
1 112 LYS n 
1 113 LEU n 
1 114 ASN n 
1 115 GLY n 
1 116 GLY n 
1 117 GLY n 
1 118 GLN n 
1 119 ILE n 
1 120 MET n 
1 121 LEU n 
1 122 ASN n 
1 123 SER n 
1 124 LEU n 
1 125 HIS n 
1 126 LYS n 
1 127 TYR n 
1 128 GLU n 
1 129 PRO n 
1 130 ARG n 
1 131 ILE n 
1 132 HIS n 
1 133 ILE n 
1 134 VAL n 
1 135 ARG n 
1 136 VAL n 
1 137 GLY n 
1 138 GLY n 
1 139 PRO n 
1 140 GLN n 
1 141 ARG n 
1 142 MET n 
1 143 ILE n 
1 144 THR n 
1 145 SER n 
1 146 HIS n 
1 147 CYS n 
1 148 PHE n 
1 149 PRO n 
1 150 GLU n 
1 151 THR n 
1 152 GLN n 
1 153 PHE n 
1 154 ILE n 
1 155 ALA n 
1 156 VAL n 
1 157 THR n 
1 158 ALA n 
1 159 TYR n 
1 160 GLN n 
1 161 ASN n 
1 162 GLU n 
1 163 GLU n 
1 164 ILE n 
1 165 THR n 
1 166 ALA n 
1 167 LEU n 
1 168 LYS n 
1 169 ILE n 
1 170 LYS n 
1 171 TYR n 
1 172 ASN n 
# 
_entity_src_gen.entity_id                          1 
_entity_src_gen.pdbx_src_id                        1 
_entity_src_gen.pdbx_alt_source_flag               sample 
_entity_src_gen.pdbx_seq_type                      'Biological sequence' 
_entity_src_gen.pdbx_beg_seq_num                   1 
_entity_src_gen.pdbx_end_seq_num                   172 
_entity_src_gen.gene_src_common_name               Human 
_entity_src_gen.gene_src_genus                     ? 
_entity_src_gen.pdbx_gene_src_gene                 'TBXT, T' 
_entity_src_gen.gene_src_species                   ? 
_entity_src_gen.gene_src_strain                    ? 
_entity_src_gen.gene_src_tissue                    ? 
_entity_src_gen.gene_src_tissue_fraction           ? 
_entity_src_gen.gene_src_details                   ? 
_entity_src_gen.pdbx_gene_src_fragment             ? 
_entity_src_gen.pdbx_gene_src_scientific_name      'Homo sapiens' 
_entity_src_gen.pdbx_gene_src_ncbi_taxonomy_id     9606 
_entity_src_gen.pdbx_gene_src_variant              ? 
_entity_src_gen.pdbx_gene_src_cell_line            ? 
_entity_src_gen.pdbx_gene_src_atcc                 ? 
_entity_src_gen.pdbx_gene_src_organ                ? 
_entity_src_gen.pdbx_gene_src_organelle            ? 
_entity_src_gen.pdbx_gene_src_cell                 ? 
_entity_src_gen.pdbx_gene_src_cellular_location    ? 
_entity_src_gen.host_org_common_name               ? 
_entity_src_gen.pdbx_host_org_scientific_name      'Escherichia coli' 
_entity_src_gen.pdbx_host_org_ncbi_taxonomy_id     562 
_entity_src_gen.host_org_genus                     ? 
_entity_src_gen.pdbx_host_org_gene                 ? 
_entity_src_gen.pdbx_host_org_organ                ? 
_entity_src_gen.host_org_species                   ? 
_entity_src_gen.pdbx_host_org_tissue               ? 
_entity_src_gen.pdbx_host_org_tissue_fraction      ? 
_entity_src_gen.pdbx_host_org_strain               ? 
_entity_src_gen.pdbx_host_org_variant              ? 
_entity_src_gen.pdbx_host_org_cell_line            ? 
_entity_src_gen.pdbx_host_org_atcc                 ? 
_entity_src_gen.pdbx_host_org_culture_collection   ? 
_entity_src_gen.pdbx_host_org_cell                 ? 
_entity_src_gen.pdbx_host_org_organelle            ? 
_entity_src_gen.pdbx_host_org_cellular_location    ? 
_entity_src_gen.pdbx_host_org_vector_type          ? 
_entity_src_gen.pdbx_host_org_vector               ? 
_entity_src_gen.host_org_details                   ? 
_entity_src_gen.expression_system_id               ? 
_entity_src_gen.plasmid_name                       ? 
_entity_src_gen.plasmid_details                    ? 
_entity_src_gen.pdbx_description                   ? 
# 
loop_
_chem_comp.id 
_chem_comp.type 
_chem_comp.mon_nstd_flag 
_chem_comp.name 
_chem_comp.pdbx_synonyms 
_chem_comp.formula 
_chem_comp.formula_weight 
ALA 'L-peptide linking' y ALANINE                                                    ? 'C3 H7 N O2'     89.093  
ARG 'L-peptide linking' y ARGININE                                                   ? 'C6 H15 N4 O2 1' 175.209 
ASN 'L-peptide linking' y ASPARAGINE                                                 ? 'C4 H8 N2 O3'    132.118 
ASP 'L-peptide linking' y 'ASPARTIC ACID'                                            ? 'C4 H7 N O4'     133.103 
CD  non-polymer         . 'CADMIUM ION'                                              ? 'Cd 2'           112.411 
CYS 'L-peptide linking' y CYSTEINE                                                   ? 'C3 H7 N O2 S'   121.158 
GLN 'L-peptide linking' y GLUTAMINE                                                  ? 'C5 H10 N2 O3'   146.144 
GLU 'L-peptide linking' y 'GLUTAMIC ACID'                                            ? 'C5 H9 N O4'     147.129 
GLY 'peptide linking'   y GLYCINE                                                    ? 'C2 H5 N O2'     75.067  
HIS 'L-peptide linking' y HISTIDINE                                                  ? 'C6 H10 N3 O2 1' 156.162 
HOH non-polymer         . WATER                                                      ? 'H2 O'           18.015  
ILE 'L-peptide linking' y ISOLEUCINE                                                 ? 'C6 H13 N O2'    131.173 
LEU 'L-peptide linking' y LEUCINE                                                    ? 'C6 H13 N O2'    131.173 
LYS 'L-peptide linking' y LYSINE                                                     ? 'C6 H15 N2 O2 1' 147.195 
MET 'L-peptide linking' y METHIONINE                                                 ? 'C5 H11 N O2 S'  149.211 
NXM non-polymer         . '4-[(3-cyclopropyl-1,2,4-oxadiazol-5-yl)methyl]piperidine' ? 'C11 H17 N3 O'   207.272 
PHE 'L-peptide linking' y PHENYLALANINE                                              ? 'C9 H11 N O2'    165.189 
PRO 'L-peptide linking' y PROLINE                                                    ? 'C5 H9 N O2'     115.130 
SER 'L-peptide linking' y SERINE                                                     ? 'C3 H7 N O3'     105.093 
THR 'L-peptide linking' y THREONINE                                                  ? 'C4 H9 N O3'     119.119 
TRP 'L-peptide linking' y TRYPTOPHAN                                                 ? 'C11 H12 N2 O2'  204.225 
TYR 'L-peptide linking' y TYROSINE                                                   ? 'C9 H11 N O3'    181.189 
VAL 'L-peptide linking' y VALINE                                                     ? 'C5 H11 N O2'    117.146 
# 
loop_
_pdbx_poly_seq_scheme.asym_id 
_pdbx_poly_seq_scheme.entity_id 
_pdbx_poly_seq_scheme.seq_id 
_pdbx_poly_seq_scheme.mon_id 
_pdbx_poly_seq_scheme.ndb_seq_num 
_pdbx_poly_seq_scheme.pdb_seq_num 
_pdbx_poly_seq_scheme.auth_seq_num 
_pdbx_poly_seq_scheme.pdb_mon_id 
_pdbx_poly_seq_scheme.auth_mon_id 
_pdbx_poly_seq_scheme.pdb_strand_id 
_pdbx_poly_seq_scheme.pdb_ins_code 
_pdbx_poly_seq_scheme.hetero 
A 1 1   GLY 1   40  ?   ?   ?   A . n 
A 1 2   GLU 2   41  41  GLU GLU A . n 
A 1 3   LEU 3   42  42  LEU LEU A . n 
A 1 4   ARG 4   43  43  ARG ARG A . n 
A 1 5   VAL 5   44  44  VAL VAL A . n 
A 1 6   GLY 6   45  45  GLY GLY A . n 
A 1 7   LEU 7   46  46  LEU LEU A . n 
A 1 8   GLU 8   47  47  GLU GLU A . n 
A 1 9   GLU 9   48  48  GLU GLU A . n 
A 1 10  SER 10  49  49  SER SER A . n 
A 1 11  GLU 11  50  50  GLU GLU A . n 
A 1 12  LEU 12  51  51  LEU LEU A . n 
A 1 13  TRP 13  52  52  TRP TRP A . n 
A 1 14  LEU 14  53  53  LEU LEU A . n 
A 1 15  ARG 15  54  54  ARG ARG A . n 
A 1 16  PHE 16  55  55  PHE PHE A . n 
A 1 17  LYS 17  56  56  LYS LYS A . n 
A 1 18  GLU 18  57  57  GLU GLU A . n 
A 1 19  LEU 19  58  58  LEU LEU A . n 
A 1 20  THR 20  59  59  THR THR A . n 
A 1 21  ASN 21  60  60  ASN ASN A . n 
A 1 22  GLU 22  61  61  GLU GLU A . n 
A 1 23  MET 23  62  62  MET MET A . n 
A 1 24  ILE 24  63  63  ILE ILE A . n 
A 1 25  VAL 25  64  64  VAL VAL A . n 
A 1 26  THR 26  65  65  THR THR A . n 
A 1 27  LYS 27  66  66  LYS LYS A . n 
A 1 28  ASN 28  67  67  ASN ASN A . n 
A 1 29  GLY 29  68  68  GLY GLY A . n 
A 1 30  ARG 30  69  69  ARG ARG A . n 
A 1 31  ARG 31  70  70  ARG ARG A . n 
A 1 32  MET 32  71  71  MET MET A . n 
A 1 33  PHE 33  72  72  PHE PHE A . n 
A 1 34  PRO 34  73  73  PRO PRO A . n 
A 1 35  VAL 35  74  74  VAL VAL A . n 
A 1 36  LEU 36  75  75  LEU LEU A . n 
A 1 37  LYS 37  76  76  LYS LYS A . n 
A 1 38  VAL 38  77  77  VAL VAL A . n 
A 1 39  ASN 39  78  78  ASN ASN A . n 
A 1 40  VAL 40  79  79  VAL VAL A . n 
A 1 41  SER 41  80  80  SER SER A . n 
A 1 42  GLY 42  81  81  GLY GLY A . n 
A 1 43  LEU 43  82  82  LEU LEU A . n 
A 1 44  ASP 44  83  83  ASP ASP A . n 
A 1 45  PRO 45  84  84  PRO PRO A . n 
A 1 46  ASN 46  85  85  ASN ASN A . n 
A 1 47  ALA 47  86  86  ALA ALA A . n 
A 1 48  MET 48  87  87  MET MET A . n 
A 1 49  TYR 49  88  88  TYR TYR A . n 
A 1 50  SER 50  89  89  SER SER A . n 
A 1 51  PHE 51  90  90  PHE PHE A . n 
A 1 52  LEU 52  91  91  LEU LEU A . n 
A 1 53  LEU 53  92  92  LEU LEU A . n 
A 1 54  ASP 54  93  93  ASP ASP A . n 
A 1 55  PHE 55  94  94  PHE PHE A . n 
A 1 56  VAL 56  95  95  VAL VAL A . n 
A 1 57  ALA 57  96  96  ALA ALA A . n 
A 1 58  ALA 58  97  97  ALA ALA A . n 
A 1 59  ASP 59  98  98  ASP ASP A . n 
A 1 60  ASN 60  99  99  ASN ASN A . n 
A 1 61  HIS 61  100 100 HIS HIS A . n 
A 1 62  ARG 62  101 101 ARG ARG A . n 
A 1 63  TRP 63  102 102 TRP TRP A . n 
A 1 64  LYS 64  103 103 LYS LYS A . n 
A 1 65  TYR 65  104 104 TYR TYR A . n 
A 1 66  VAL 66  105 105 VAL VAL A . n 
A 1 67  ASN 67  106 106 ASN ASN A . n 
A 1 68  GLY 68  107 107 GLY GLY A . n 
A 1 69  GLU 69  108 108 GLU GLU A . n 
A 1 70  TRP 70  109 109 TRP TRP A . n 
A 1 71  VAL 71  110 110 VAL VAL A . n 
A 1 72  PRO 72  111 111 PRO PRO A . n 
A 1 73  GLY 73  112 112 GLY GLY A . n 
A 1 74  GLY 74  113 113 GLY GLY A . n 
A 1 75  LYS 75  114 114 LYS LYS A . n 
A 1 76  PRO 76  115 115 PRO PRO A . n 
A 1 77  GLU 77  116 116 GLU GLU A . n 
A 1 78  PRO 78  117 117 PRO PRO A . n 
A 1 79  GLN 79  118 118 GLN GLN A . n 
A 1 80  ALA 80  119 119 ALA ALA A . n 
A 1 81  PRO 81  120 120 PRO PRO A . n 
A 1 82  SER 82  121 121 SER SER A . n 
A 1 83  CYS 83  122 122 CYS CYS A . n 
A 1 84  VAL 84  123 123 VAL VAL A . n 
A 1 85  TYR 85  124 124 TYR TYR A . n 
A 1 86  ILE 86  125 125 ILE ILE A . n 
A 1 87  HIS 87  126 126 HIS HIS A . n 
A 1 88  PRO 88  127 127 PRO PRO A . n 
A 1 89  ASP 89  128 128 ASP ASP A . n 
A 1 90  SER 90  129 129 SER SER A . n 
A 1 91  PRO 91  130 130 PRO PRO A . n 
A 1 92  ASN 92  131 131 ASN ASN A . n 
A 1 93  PHE 93  132 132 PHE PHE A . n 
A 1 94  GLY 94  133 133 GLY GLY A . n 
A 1 95  ALA 95  134 134 ALA ALA A . n 
A 1 96  HIS 96  135 135 HIS HIS A . n 
A 1 97  TRP 97  136 136 TRP TRP A . n 
A 1 98  MET 98  137 137 MET MET A . n 
A 1 99  LYS 99  138 138 LYS LYS A . n 
A 1 100 ALA 100 139 139 ALA ALA A . n 
A 1 101 PRO 101 140 140 PRO PRO A . n 
A 1 102 VAL 102 141 141 VAL VAL A . n 
A 1 103 SER 103 142 142 SER SER A . n 
A 1 104 PHE 104 143 143 PHE PHE A . n 
A 1 105 SER 105 144 144 SER SER A . n 
A 1 106 LYS 106 145 145 LYS LYS A . n 
A 1 107 VAL 107 146 146 VAL VAL A . n 
A 1 108 LYS 108 147 147 LYS LYS A . n 
A 1 109 LEU 109 148 148 LEU LEU A . n 
A 1 110 THR 110 149 149 THR THR A . n 
A 1 111 ASN 111 150 150 ASN ASN A . n 
A 1 112 LYS 112 151 151 LYS LYS A . n 
A 1 113 LEU 113 152 152 LEU LEU A . n 
A 1 114 ASN 114 153 153 ASN ASN A . n 
A 1 115 GLY 115 154 154 GLY GLY A . n 
A 1 116 GLY 116 155 155 GLY GLY A . n 
A 1 117 GLY 117 156 156 GLY GLY A . n 
A 1 118 GLN 118 157 157 GLN GLN A . n 
A 1 119 ILE 119 158 158 ILE ILE A . n 
A 1 120 MET 120 159 159 MET MET A . n 
A 1 121 LEU 121 160 160 LEU LEU A . n 
A 1 122 ASN 122 161 161 ASN ASN A . n 
A 1 123 SER 123 162 162 SER SER A . n 
A 1 124 LEU 124 163 163 LEU LEU A . n 
A 1 125 HIS 125 164 164 HIS HIS A . n 
A 1 126 LYS 126 165 165 LYS LYS A . n 
A 1 127 TYR 127 166 166 TYR TYR A . n 
A 1 128 GLU 128 167 167 GLU GLU A . n 
A 1 129 PRO 129 168 168 PRO PRO A . n 
A 1 130 ARG 130 169 169 ARG ARG A . n 
A 1 131 ILE 131 170 170 ILE ILE A . n 
A 1 132 HIS 132 171 171 HIS HIS A . n 
A 1 133 ILE 133 172 172 ILE ILE A . n 
A 1 134 VAL 134 173 173 VAL VAL A . n 
A 1 135 ARG 135 174 174 ARG ARG A . n 
A 1 136 VAL 136 175 175 VAL VAL A . n 
A 1 137 GLY 137 176 176 GLY GLY A . n 
A 1 138 GLY 138 177 177 GLY GLY A . n 
A 1 139 PRO 139 178 178 PRO PRO A . n 
A 1 140 GLN 140 179 179 GLN GLN A . n 
A 1 141 ARG 141 180 180 ARG ARG A . n 
A 1 142 MET 142 181 181 MET MET A . n 
A 1 143 ILE 143 182 182 ILE ILE A . n 
A 1 144 THR 144 183 183 THR THR A . n 
A 1 145 SER 145 184 184 SER SER A . n 
A 1 146 HIS 146 185 185 HIS HIS A . n 
A 1 147 CYS 147 186 186 CYS CYS A . n 
A 1 148 PHE 148 187 187 PHE PHE A . n 
A 1 149 PRO 149 188 188 PRO PRO A . n 
A 1 150 GLU 150 189 189 GLU GLU A . n 
A 1 151 THR 151 190 190 THR THR A . n 
A 1 152 GLN 152 191 191 GLN GLN A . n 
A 1 153 PHE 153 192 192 PHE PHE A . n 
A 1 154 ILE 154 193 193 ILE ILE A . n 
A 1 155 ALA 155 194 194 ALA ALA A . n 
A 1 156 VAL 156 195 195 VAL VAL A . n 
A 1 157 THR 157 196 196 THR THR A . n 
A 1 158 ALA 158 197 197 ALA ALA A . n 
A 1 159 TYR 159 198 198 TYR TYR A . n 
A 1 160 GLN 160 199 199 GLN GLN A . n 
A 1 161 ASN 161 200 200 ASN ASN A . n 
A 1 162 GLU 162 201 201 GLU GLU A . n 
A 1 163 GLU 163 202 202 GLU GLU A . n 
A 1 164 ILE 164 203 203 ILE ILE A . n 
A 1 165 THR 165 204 204 THR THR A . n 
A 1 166 ALA 166 205 205 ALA ALA A . n 
A 1 167 LEU 167 206 206 LEU LEU A . n 
A 1 168 LYS 168 207 207 LYS LYS A . n 
A 1 169 ILE 169 208 208 ILE ILE A . n 
A 1 170 LYS 170 209 209 LYS LYS A . n 
A 1 171 TYR 171 210 210 TYR TYR A . n 
A 1 172 ASN 172 211 211 ASN ASN A . n 
# 
loop_
_pdbx_nonpoly_scheme.asym_id 
_pdbx_nonpoly_scheme.entity_id 
_pdbx_nonpoly_scheme.mon_id 
_pdbx_nonpoly_scheme.ndb_seq_num 
_pdbx_nonpoly_scheme.pdb_seq_num 
_pdbx_nonpoly_scheme.auth_seq_num 
_pdbx_nonpoly_scheme.pdb_mon_id 
_pdbx_nonpoly_scheme.auth_mon_id 
_pdbx_nonpoly_scheme.pdb_strand_id 
_pdbx_nonpoly_scheme.pdb_ins_code 
B 2 CD  1  301 1  CD  CD  A . 
C 2 CD  1  302 2  CD  CD  A . 
D 2 CD  1  303 3  CD  CD  A . 
E 2 CD  1  304 4  CD  CD  A . 
F 2 CD  1  305 5  CD  CD  A . 
G 3 NXM 1  306 1  NXM LIG A . 
H 4 HOH 1  401 48 HOH HOH A . 
H 4 HOH 2  402 79 HOH HOH A . 
H 4 HOH 3  403 53 HOH HOH A . 
H 4 HOH 4  404 42 HOH HOH A . 
H 4 HOH 5  405 24 HOH HOH A . 
H 4 HOH 6  406 68 HOH HOH A . 
H 4 HOH 7  407 45 HOH HOH A . 
H 4 HOH 8  408 61 HOH HOH A . 
H 4 HOH 9  409 58 HOH HOH A . 
H 4 HOH 10 410 21 HOH HOH A . 
H 4 HOH 11 411 70 HOH HOH A . 
H 4 HOH 12 412 71 HOH HOH A . 
H 4 HOH 13 413 16 HOH HOH A . 
H 4 HOH 14 414 55 HOH HOH A . 
H 4 HOH 15 415 44 HOH HOH A . 
H 4 HOH 16 416 32 HOH HOH A . 
H 4 HOH 17 417 54 HOH HOH A . 
H 4 HOH 18 418 41 HOH HOH A . 
H 4 HOH 19 419 14 HOH HOH A . 
H 4 HOH 20 420 75 HOH HOH A . 
H 4 HOH 21 421 4  HOH HOH A . 
H 4 HOH 22 422 49 HOH HOH A . 
H 4 HOH 23 423 51 HOH HOH A . 
H 4 HOH 24 424 52 HOH HOH A . 
H 4 HOH 25 425 50 HOH HOH A . 
H 4 HOH 26 426 52 HOH HOH A . 
H 4 HOH 27 427 76 HOH HOH A . 
H 4 HOH 28 428 33 HOH HOH A . 
H 4 HOH 29 429 47 HOH HOH A . 
H 4 HOH 30 430 17 HOH HOH A . 
H 4 HOH 31 431 6  HOH HOH A . 
H 4 HOH 32 432 10 HOH HOH A . 
H 4 HOH 33 433 31 HOH HOH A . 
H 4 HOH 34 434 67 HOH HOH A . 
H 4 HOH 35 435 69 HOH HOH A . 
H 4 HOH 36 436 73 HOH HOH A . 
H 4 HOH 37 437 30 HOH HOH A . 
H 4 HOH 38 438 56 HOH HOH A . 
H 4 HOH 39 439 45 HOH HOH A . 
H 4 HOH 40 440 1  HOH HOH A . 
H 4 HOH 41 441 8  HOH HOH A . 
H 4 HOH 42 442 57 HOH HOH A . 
H 4 HOH 43 443 60 HOH HOH A . 
H 4 HOH 44 444 66 HOH HOH A . 
H 4 HOH 45 445 23 HOH HOH A . 
H 4 HOH 46 446 64 HOH HOH A . 
H 4 HOH 47 447 8  HOH HOH A . 
H 4 HOH 48 448 63 HOH HOH A . 
H 4 HOH 49 449 18 HOH HOH A . 
H 4 HOH 50 450 14 HOH HOH A . 
H 4 HOH 51 451 11 HOH HOH A . 
H 4 HOH 52 452 15 HOH HOH A . 
H 4 HOH 53 453 28 HOH HOH A . 
H 4 HOH 54 454 12 HOH HOH A . 
H 4 HOH 55 455 46 HOH HOH A . 
H 4 HOH 56 456 2  HOH HOH A . 
H 4 HOH 57 457 77 HOH HOH A . 
H 4 HOH 58 458 4  HOH HOH A . 
H 4 HOH 59 459 1  HOH HOH A . 
H 4 HOH 60 460 65 HOH HOH A . 
H 4 HOH 61 461 6  HOH HOH A . 
H 4 HOH 62 462 7  HOH HOH A . 
H 4 HOH 63 463 3  HOH HOH A . 
H 4 HOH 64 464 72 HOH HOH A . 
H 4 HOH 65 465 3  HOH HOH A . 
H 4 HOH 66 466 5  HOH HOH A . 
H 4 HOH 67 467 10 HOH HOH A . 
H 4 HOH 68 468 62 HOH HOH A . 
H 4 HOH 69 469 78 HOH HOH A . 
H 4 HOH 70 470 43 HOH HOH A . 
H 4 HOH 71 471 16 HOH HOH A . 
H 4 HOH 72 472 17 HOH HOH A . 
H 4 HOH 73 473 18 HOH HOH A . 
# 
loop_
_pdbx_unobs_or_zero_occ_atoms.id 
_pdbx_unobs_or_zero_occ_atoms.PDB_model_num 
_pdbx_unobs_or_zero_occ_atoms.polymer_flag 
_pdbx_unobs_or_zero_occ_atoms.occupancy_flag 
_pdbx_unobs_or_zero_occ_atoms.auth_asym_id 
_pdbx_unobs_or_zero_occ_atoms.auth_comp_id 
_pdbx_unobs_or_zero_occ_atoms.auth_seq_id 
_pdbx_unobs_or_zero_occ_atoms.PDB_ins_code 
_pdbx_unobs_or_zero_occ_atoms.auth_atom_id 
_pdbx_unobs_or_zero_occ_atoms.label_alt_id 
_pdbx_unobs_or_zero_occ_atoms.label_asym_id 
_pdbx_unobs_or_zero_occ_atoms.label_comp_id 
_pdbx_unobs_or_zero_occ_atoms.label_seq_id 
_pdbx_unobs_or_zero_occ_atoms.label_atom_id 
1 1 Y 1 A ARG 43 ? CG  ? A ARG 4 CG  
2 1 Y 1 A ARG 43 ? CD  ? A ARG 4 CD  
3 1 Y 1 A ARG 43 ? NE  ? A ARG 4 NE  
4 1 Y 1 A ARG 43 ? CZ  ? A ARG 4 CZ  
5 1 Y 1 A ARG 43 ? NH1 ? A ARG 4 NH1 
6 1 Y 1 A ARG 43 ? NH2 ? A ARG 4 NH2 
# 
loop_
_software.pdbx_ordinal 
_software.name 
_software.version 
_software.date 
_software.type 
_software.contact_author 
_software.contact_author_email 
_software.classification 
_software.location 
_software.language 
_software.citation_id 
1 REFMAC      5.8.0238 ?               program 'Garib N. Murshudov' garib@ysbl.york.ac.uk    refinement        
http://www.ccp4.ac.uk/dist/html/refmac5.html        Fortran_77 ? 
2 Aimless     0.7.1    27/03/18        program 'Phil Evans'         ?                        'data scaling'    
http://www.mrc-lmb.cam.ac.uk/harry/pre/aimless.html ?          ? 
3 PDB_EXTRACT 3.23     'SEP. 23, 2016' package PDB                  deposit@deposit.rcsb.org 'data extraction' 
http://sw-tools.pdb.org/apps/PDB_EXTRACT/           C++        ? 
4 XDS         .        ?               program ?                    ?                        'data reduction'  ? ?          ? 
5 REFMAC      .        ?               program ?                    ?                        phasing           ? ?          ? 
# 
_cell.entry_id           5QRP 
_cell.length_a           60.260 
_cell.length_b           60.260 
_cell.length_c           109.996 
_cell.angle_alpha        90.000 
_cell.angle_beta         90.000 
_cell.angle_gamma        90.000 
_cell.Z_PDB              8 
_cell.pdbx_unique_axis   ? 
# 
_symmetry.entry_id                         5QRP 
_symmetry.Int_Tables_number                91 
_symmetry.space_group_name_H-M             'P 41 2 2' 
_symmetry.pdbx_full_space_group_name_H-M   ? 
_symmetry.cell_setting                     ? 
# 
_exptl.crystals_number   1 
_exptl.entry_id          5QRP 
_exptl.method            'X-RAY DIFFRACTION' 
# 
_exptl_crystal.id                    1 
_exptl_crystal.pdbx_mosaicity        0.000 
_exptl_crystal.pdbx_mosaicity_esd    ? 
_exptl_crystal.density_Matthews      2.55 
_exptl_crystal.density_diffrn        ? 
_exptl_crystal.density_meas          ? 
_exptl_crystal.density_meas_temp     ? 
_exptl_crystal.density_percent_sol   51.72 
_exptl_crystal.size_max              ? 
_exptl_crystal.size_mid              ? 
_exptl_crystal.size_min              ? 
_exptl_crystal.size_rad              ? 
_exptl_crystal.description           ? 
# 
_exptl_crystal_grow.crystal_id      1 
_exptl_crystal_grow.method          'VAPOR DIFFUSION, SITTING DROP' 
_exptl_crystal_grow.pH              4.5 
_exptl_crystal_grow.temp            298 
_exptl_crystal_grow.pdbx_details    '0.1 M CdCl, 0.1 M Acetate pH 4.5, 32% PEG 400' 
_exptl_crystal_grow.temp_details    ? 
_exptl_crystal_grow.pdbx_pH_range   ? 
# 
_diffrn.id                     1 
_diffrn.ambient_temp           100 
_diffrn.crystal_id             1 
_diffrn.ambient_temp_details   ? 
# 
_diffrn_detector.detector               PIXEL 
_diffrn_detector.type                   'DECTRIS PILATUS 6M' 
_diffrn_detector.pdbx_collection_date   2018-07-15 
_diffrn_detector.diffrn_id              1 
_diffrn_detector.details                ? 
# 
_diffrn_radiation.diffrn_id                        1 
_diffrn_radiation.wavelength_id                    1 
_diffrn_radiation.pdbx_diffrn_protocol             'SINGLE WAVELENGTH' 
_diffrn_radiation.pdbx_monochromatic_or_laue_m_l   M 
_diffrn_radiation.monochromator                    ? 
_diffrn_radiation.pdbx_scattering_type             x-ray 
# 
_diffrn_radiation_wavelength.id           1 
_diffrn_radiation_wavelength.wavelength   0.91587 
_diffrn_radiation_wavelength.wt           1.0 
# 
_diffrn_source.diffrn_id                   1 
_diffrn_source.source                      SYNCHROTRON 
_diffrn_source.type                        'DIAMOND BEAMLINE I04-1' 
_diffrn_source.pdbx_wavelength_list        0.91587 
_diffrn_source.pdbx_synchrotron_site       Diamond 
_diffrn_source.pdbx_synchrotron_beamline   I04-1 
_diffrn_source.pdbx_wavelength             ? 
# 
_reflns.entry_id                     5QRP 
_reflns.pdbx_diffrn_id               1 
_reflns.pdbx_ordinal                 1 
_reflns.observed_criterion_sigma_I   ? 
_reflns.observed_criterion_sigma_F   ? 
_reflns.d_resolution_low             109.980 
_reflns.d_resolution_high            1.670 
_reflns.number_obs                   24349 
_reflns.number_all                   ? 
_reflns.percent_possible_obs         100.000 
_reflns.pdbx_Rmerge_I_obs            0.094 
_reflns.pdbx_Rsym_value              ? 
_reflns.pdbx_netI_over_sigmaI        11.600 
_reflns.B_iso_Wilson_estimate        ? 
_reflns.pdbx_redundancy              12.600 
_reflns.pdbx_Rrim_I_all              0.098 
_reflns.pdbx_Rpim_I_all              0.028 
_reflns.pdbx_CC_half                 0.998 
_reflns.pdbx_netI_over_av_sigmaI     ? 
_reflns.pdbx_number_measured_all     305867 
_reflns.pdbx_scaling_rejects         239 
_reflns.pdbx_chi_squared             ? 
_reflns.Rmerge_F_all                 ? 
_reflns.Rmerge_F_obs                 ? 
_reflns.observed_criterion_F_max     ? 
_reflns.observed_criterion_F_min     ? 
_reflns.observed_criterion_I_max     ? 
_reflns.observed_criterion_I_min     ? 
_reflns.pdbx_d_res_high_opt          ? 
_reflns.pdbx_d_res_low_opt           ? 
_reflns.details                      ? 
# 
loop_
_reflns_shell.pdbx_diffrn_id 
_reflns_shell.pdbx_ordinal 
_reflns_shell.d_res_high 
_reflns_shell.d_res_low 
_reflns_shell.number_measured_obs 
_reflns_shell.number_measured_all 
_reflns_shell.number_unique_obs 
_reflns_shell.pdbx_rejects 
_reflns_shell.Rmerge_I_obs 
_reflns_shell.meanI_over_sigI_obs 
_reflns_shell.pdbx_Rsym_value 
_reflns_shell.pdbx_chi_squared 
_reflns_shell.pdbx_redundancy 
_reflns_shell.percent_possible_obs 
_reflns_shell.pdbx_netI_over_sigmaI_obs 
_reflns_shell.number_possible 
_reflns_shell.number_unique_all 
_reflns_shell.Rmerge_F_all 
_reflns_shell.Rmerge_F_obs 
_reflns_shell.Rmerge_I_all 
_reflns_shell.meanI_over_sigI_all 
_reflns_shell.percent_possible_all 
_reflns_shell.pdbx_Rrim_I_all 
_reflns_shell.pdbx_Rpim_I_all 
_reflns_shell.pdbx_CC_half 
1 1 1.670 1.710   ? 22747 ? ? 1.825 ? ? ? 12.900 ? 1.200  ? 1758 ? ? ? ? 100.000 1.900 0.526 0.859 
1 2 7.470 109.980 ? 3688  ? ? 0.061 ? ? ? 10.600 ? 32.800 ? 349  ? ? ? ? 99.800  0.064 0.019 0.996 
# 
_refine.entry_id                                 5QRP 
_refine.pdbx_refine_id                           'X-RAY DIFFRACTION' 
_refine.ls_d_res_high                            1.6700 
_refine.ls_d_res_low                             60.2600 
_refine.pdbx_ls_sigma_F                          0.000 
_refine.pdbx_data_cutoff_high_absF               ? 
_refine.pdbx_data_cutoff_low_absF                ? 
_refine.ls_percent_reflns_obs                    99.9300 
_refine.ls_number_reflns_obs                     23106 
_refine.ls_number_reflns_all                     ? 
_refine.pdbx_ls_cross_valid_method               THROUGHOUT 
_refine.ls_matrix_type                           ? 
_refine.pdbx_R_Free_selection_details            RANDOM 
_refine.details                                  
'HYDROGENS HAVE BEEN ADDED IN THE RIDING POSITIONS U VALUES      : REFINED INDIVIDUALLY' 
_refine.ls_R_factor_all                          ? 
_refine.ls_R_factor_obs                          0.2261 
_refine.ls_R_factor_R_work                       0.2247 
_refine.ls_wR_factor_R_work                      ? 
_refine.ls_R_factor_R_free                       0.2545 
_refine.ls_wR_factor_R_free                      ? 
_refine.ls_percent_reflns_R_free                 4.9000 
_refine.ls_number_reflns_R_free                  1184 
_refine.ls_number_reflns_R_work                  ? 
_refine.ls_R_factor_R_free_error                 ? 
_refine.B_iso_mean                               39.9260 
_refine.solvent_model_param_bsol                 ? 
_refine.solvent_model_param_ksol                 ? 
_refine.pdbx_isotropic_thermal_model             ? 
_refine.aniso_B[1][1]                            1.4900 
_refine.aniso_B[2][2]                            1.4900 
_refine.aniso_B[3][3]                            -2.9900 
_refine.aniso_B[1][2]                            -0.0000 
_refine.aniso_B[1][3]                            -0.0000 
_refine.aniso_B[2][3]                            -0.0000 
_refine.correlation_coeff_Fo_to_Fc               0.9590 
_refine.correlation_coeff_Fo_to_Fc_free          0.9450 
_refine.overall_SU_R_Cruickshank_DPI             ? 
_refine.pdbx_overall_SU_R_free_Cruickshank_DPI   ? 
_refine.pdbx_overall_SU_R_Blow_DPI               ? 
_refine.pdbx_overall_SU_R_free_Blow_DPI          ? 
_refine.overall_SU_R_free                        ? 
_refine.pdbx_overall_ESU_R                       0.1140 
_refine.pdbx_overall_ESU_R_Free                  0.1110 
_refine.overall_SU_ML                            0.1060 
_refine.overall_SU_B                             3.4600 
_refine.solvent_model_details                    MASK 
_refine.pdbx_solvent_vdw_probe_radii             1.2000 
_refine.pdbx_solvent_ion_probe_radii             0.8000 
_refine.pdbx_solvent_shrinkage_radii             0.8000 
_refine.ls_number_parameters                     ? 
_refine.ls_number_restraints                     ? 
_refine.pdbx_starting_model                      6f58 
_refine.pdbx_method_to_determine_struct          'FOURIER SYNTHESIS' 
_refine.pdbx_stereochemistry_target_values       'MAXIMUM LIKELIHOOD' 
_refine.pdbx_stereochem_target_val_spec_case     ? 
_refine.overall_FOM_work_R_set                   ? 
_refine.B_iso_max                                102.930 
_refine.B_iso_min                                22.270 
_refine.pdbx_overall_phase_error                 ? 
_refine.occupancy_max                            ? 
_refine.occupancy_min                            ? 
_refine.pdbx_diffrn_id                           1 
_refine.pdbx_TLS_residual_ADP_flag               ? 
_refine.pdbx_ls_sigma_I                          ? 
_refine.pdbx_data_cutoff_high_rms_absF           ? 
_refine.ls_R_factor_R_free_error_details         ? 
# 
_refine_hist.cycle_id                         final 
_refine_hist.pdbx_refine_id                   'X-RAY DIFFRACTION' 
_refine_hist.d_res_high                       1.6700 
_refine_hist.d_res_low                        60.2600 
_refine_hist.pdbx_number_atoms_ligand         19 
_refine_hist.number_atoms_solvent             73 
_refine_hist.number_atoms_total               1461 
_refine_hist.pdbx_number_residues_total       172 
_refine_hist.pdbx_B_iso_mean_ligand           70.42 
_refine_hist.pdbx_B_iso_mean_solvent          39.39 
_refine_hist.pdbx_number_atoms_protein        1369 
_refine_hist.pdbx_number_atoms_nucleic_acid   0 
# 
loop_
_refine_ls_restr.pdbx_refine_id 
_refine_ls_restr.type 
_refine_ls_restr.number 
_refine_ls_restr.dev_ideal 
_refine_ls_restr.dev_ideal_target 
_refine_ls_restr.weight 
_refine_ls_restr.pdbx_restraint_function 
'X-RAY DIFFRACTION' r_bond_refined_d       1538 0.007  0.013  ? ? 
'X-RAY DIFFRACTION' r_bond_other_d         1383 0.001  0.017  ? ? 
'X-RAY DIFFRACTION' r_angle_refined_deg    2037 1.477  1.670  ? ? 
'X-RAY DIFFRACTION' r_angle_other_deg      3230 1.276  1.608  ? ? 
'X-RAY DIFFRACTION' r_dihedral_angle_1_deg 183  7.835  5.000  ? ? 
'X-RAY DIFFRACTION' r_dihedral_angle_2_deg 71   28.313 22.676 ? ? 
'X-RAY DIFFRACTION' r_dihedral_angle_3_deg 247  17.058 15.000 ? ? 
'X-RAY DIFFRACTION' r_dihedral_angle_4_deg 7    14.553 15.000 ? ? 
'X-RAY DIFFRACTION' r_chiral_restr         189  0.070  0.200  ? ? 
'X-RAY DIFFRACTION' r_gen_planes_refined   1703 0.007  0.020  ? ? 
'X-RAY DIFFRACTION' r_gen_planes_other     306  0.002  0.020  ? ? 
'X-RAY DIFFRACTION' r_mcbond_it            737  3.086  4.028  ? ? 
'X-RAY DIFFRACTION' r_mcbond_other         737  3.086  4.028  ? ? 
'X-RAY DIFFRACTION' r_mcangle_it           907  4.614  6.025  ? ? 
# 
_refine_ls_shell.d_res_high                       1.6700 
_refine_ls_shell.d_res_low                        1.7130 
_refine_ls_shell.pdbx_total_number_of_bins_used   20 
_refine_ls_shell.percent_reflns_obs               99.6600 
_refine_ls_shell.number_reflns_R_work             1662 
_refine_ls_shell.R_factor_all                     ? 
_refine_ls_shell.R_factor_R_work                  0.3560 
_refine_ls_shell.R_factor_R_free                  0.3250 
_refine_ls_shell.percent_reflns_R_free            ? 
_refine_ls_shell.number_reflns_R_free             89 
_refine_ls_shell.R_factor_R_free_error            ? 
_refine_ls_shell.number_reflns_all                1751 
_refine_ls_shell.number_reflns_obs                ? 
_refine_ls_shell.pdbx_refine_id                   'X-RAY DIFFRACTION' 
# 
_struct.entry_id                  5QRP 
_struct.title                     
'PanDDA analysis group deposition -- Crystal Structure of human Brachyury in complex with Z2442270563' 
_struct.pdbx_model_details        ? 
_struct.pdbx_CASP_flag            ? 
_struct.pdbx_model_type_details   ? 
# 
_struct_keywords.entry_id        5QRP 
_struct_keywords.text            'SGC - Diamond I04-1 fragment screening, PanDDA, XChemExplorer, TRANSCRIPTION' 
_struct_keywords.pdbx_keywords   TRANSCRIPTION 
# 
loop_
_struct_asym.id 
_struct_asym.pdbx_blank_PDB_chainid_flag 
_struct_asym.pdbx_modified 
_struct_asym.entity_id 
_struct_asym.details 
A N N 1 ? 
B N N 2 ? 
C N N 2 ? 
D N N 2 ? 
E N N 2 ? 
F N N 2 ? 
G N N 3 ? 
H N N 4 ? 
# 
_struct_ref.id                         1 
_struct_ref.db_name                    UNP 
_struct_ref.db_code                    TBXT_HUMAN 
_struct_ref.pdbx_db_accession          O15178 
_struct_ref.pdbx_db_isoform            ? 
_struct_ref.entity_id                  1 
_struct_ref.pdbx_seq_one_letter_code   
;ELRVGLEESELWLRFKELTNEMIVTKNGRRMFPVLKVNVSGLDPNAMYSFLLDFVAADNHRWKYVNGEWVPGGKPEPQAP
SCVYIHPDSPNFGAHWMKAPVSFSKVKLTNKLNGGGQIMLNSLHKYEPRIHIVRVGGPQRMITSHCFPETQFIAVTAYQN
EEITALKIKYN
;
_struct_ref.pdbx_align_begin           41 
# 
_struct_ref_seq.align_id                      1 
_struct_ref_seq.ref_id                        1 
_struct_ref_seq.pdbx_PDB_id_code              5QRP 
_struct_ref_seq.pdbx_strand_id                A 
_struct_ref_seq.seq_align_beg                 2 
_struct_ref_seq.pdbx_seq_align_beg_ins_code   ? 
_struct_ref_seq.seq_align_end                 172 
_struct_ref_seq.pdbx_seq_align_end_ins_code   ? 
_struct_ref_seq.pdbx_db_accession             O15178 
_struct_ref_seq.db_align_beg                  41 
_struct_ref_seq.pdbx_db_align_beg_ins_code    ? 
_struct_ref_seq.db_align_end                  211 
_struct_ref_seq.pdbx_db_align_end_ins_code    ? 
_struct_ref_seq.pdbx_auth_seq_align_beg       41 
_struct_ref_seq.pdbx_auth_seq_align_end       211 
# 
_struct_ref_seq_dif.align_id                     1 
_struct_ref_seq_dif.pdbx_pdb_id_code             5QRP 
_struct_ref_seq_dif.mon_id                       GLY 
_struct_ref_seq_dif.pdbx_pdb_strand_id           A 
_struct_ref_seq_dif.seq_num                      1 
_struct_ref_seq_dif.pdbx_pdb_ins_code            ? 
_struct_ref_seq_dif.pdbx_seq_db_name             UNP 
_struct_ref_seq_dif.pdbx_seq_db_accession_code   O15178 
_struct_ref_seq_dif.db_mon_id                    ? 
_struct_ref_seq_dif.pdbx_seq_db_seq_num          ? 
_struct_ref_seq_dif.details                      'expression tag' 
_struct_ref_seq_dif.pdbx_auth_seq_num            40 
_struct_ref_seq_dif.pdbx_ordinal                 1 
# 
_pdbx_struct_assembly.id                   1 
_pdbx_struct_assembly.details              author_defined_assembly 
_pdbx_struct_assembly.method_details       ? 
_pdbx_struct_assembly.oligomeric_details   monomeric 
_pdbx_struct_assembly.oligomeric_count     1 
# 
_pdbx_struct_assembly_gen.assembly_id       1 
_pdbx_struct_assembly_gen.oper_expression   1 
_pdbx_struct_assembly_gen.asym_id_list      A,B,C,D,E,F,G,H 
# 
_pdbx_struct_oper_list.id                   1 
_pdbx_struct_oper_list.type                 'identity operation' 
_pdbx_struct_oper_list.name                 1_555 
_pdbx_struct_oper_list.symmetry_operation   x,y,z 
_pdbx_struct_oper_list.matrix[1][1]         1.0000000000 
_pdbx_struct_oper_list.matrix[1][2]         0.0000000000 
_pdbx_struct_oper_list.matrix[1][3]         0.0000000000 
_pdbx_struct_oper_list.vector[1]            0.0000000000 
_pdbx_struct_oper_list.matrix[2][1]         0.0000000000 
_pdbx_struct_oper_list.matrix[2][2]         1.0000000000 
_pdbx_struct_oper_list.matrix[2][3]         0.0000000000 
_pdbx_struct_oper_list.vector[2]            0.0000000000 
_pdbx_struct_oper_list.matrix[3][1]         0.0000000000 
_pdbx_struct_oper_list.matrix[3][2]         0.0000000000 
_pdbx_struct_oper_list.matrix[3][3]         1.0000000000 
_pdbx_struct_oper_list.vector[3]            0.0000000000 
# 
loop_
_struct_conf.conf_type_id 
_struct_conf.id 
_struct_conf.pdbx_PDB_helix_id 
_struct_conf.beg_label_comp_id 
_struct_conf.beg_label_asym_id 
_struct_conf.beg_label_seq_id 
_struct_conf.pdbx_beg_PDB_ins_code 
_struct_conf.end_label_comp_id 
_struct_conf.end_label_asym_id 
_struct_conf.end_label_seq_id 
_struct_conf.pdbx_end_PDB_ins_code 
_struct_conf.beg_auth_comp_id 
_struct_conf.beg_auth_asym_id 
_struct_conf.beg_auth_seq_id 
_struct_conf.end_auth_comp_id 
_struct_conf.end_auth_asym_id 
_struct_conf.end_auth_seq_id 
_struct_conf.pdbx_PDB_helix_class 
_struct_conf.details 
_struct_conf.pdbx_PDB_helix_length 
HELX_P HELX_P1 AA1 GLU A 9   ? LEU A 19  ? GLU A 48  LEU A 58  1 ? 11 
HELX_P HELX_P2 AA2 GLY A 94  ? LYS A 99  ? GLY A 133 LYS A 138 1 ? 6  
HELX_P HELX_P3 AA3 PRO A 149 ? GLN A 152 ? PRO A 188 GLN A 191 5 ? 4  
HELX_P HELX_P4 AA4 ASN A 161 ? ASN A 172 ? ASN A 200 ASN A 211 1 ? 12 
# 
_struct_conf_type.id          HELX_P 
_struct_conf_type.criteria    ? 
_struct_conf_type.reference   ? 
# 
loop_
_struct_conn.id 
_struct_conn.conn_type_id 
_struct_conn.pdbx_leaving_atom_flag 
_struct_conn.pdbx_PDB_id 
_struct_conn.ptnr1_label_asym_id 
_struct_conn.ptnr1_label_comp_id 
_struct_conn.ptnr1_label_seq_id 
_struct_conn.ptnr1_label_atom_id 
_struct_conn.pdbx_ptnr1_label_alt_id 
_struct_conn.pdbx_ptnr1_PDB_ins_code 
_struct_conn.pdbx_ptnr1_standard_comp_id 
_struct_conn.ptnr1_symmetry 
_struct_conn.ptnr2_label_asym_id 
_struct_conn.ptnr2_label_comp_id 
_struct_conn.ptnr2_label_seq_id 
_struct_conn.ptnr2_label_atom_id 
_struct_conn.pdbx_ptnr2_label_alt_id 
_struct_conn.pdbx_ptnr2_PDB_ins_code 
_struct_conn.ptnr1_auth_asym_id 
_struct_conn.ptnr1_auth_comp_id 
_struct_conn.ptnr1_auth_seq_id 
_struct_conn.ptnr2_auth_asym_id 
_struct_conn.ptnr2_auth_comp_id 
_struct_conn.ptnr2_auth_seq_id 
_struct_conn.ptnr2_symmetry 
_struct_conn.pdbx_ptnr3_label_atom_id 
_struct_conn.pdbx_ptnr3_label_seq_id 
_struct_conn.pdbx_ptnr3_label_comp_id 
_struct_conn.pdbx_ptnr3_label_asym_id 
_struct_conn.pdbx_ptnr3_label_alt_id 
_struct_conn.pdbx_ptnr3_PDB_ins_code 
_struct_conn.details 
_struct_conn.pdbx_dist_value 
_struct_conn.pdbx_value_order 
_struct_conn.pdbx_role 
metalc1  metalc ? ? A HIS 61  NE2 ? ? ? 1_555 E CD  . CD ? ? A HIS 100 A CD  304 1_555 ? ? ? ? ? ? ? 2.169 ? ? 
metalc2  metalc ? ? A CYS 83  SG  ? ? ? 1_555 D CD  . CD ? ? A CYS 122 A CD  303 1_555 ? ? ? ? ? ? ? 2.643 ? ? 
metalc3  metalc ? ? A CYS 83  SG  ? ? ? 1_555 F CD  . CD ? ? A CYS 122 A CD  305 1_555 ? ? ? ? ? ? ? 2.434 ? ? 
metalc4  metalc ? ? A GLU 128 OE1 ? ? ? 1_555 B CD  . CD ? ? A GLU 167 A CD  301 1_555 ? ? ? ? ? ? ? 2.507 ? ? 
metalc5  metalc ? ? A GLU 128 OE1 ? ? ? 1_555 B CD  . CD ? ? A GLU 167 A CD  301 5_655 ? ? ? ? ? ? ? 2.507 ? ? 
metalc6  metalc ? ? A GLU 128 OE1 ? ? ? 1_555 C CD  . CD ? ? A GLU 167 A CD  302 1_555 ? ? ? ? ? ? ? 2.637 ? ? 
metalc7  metalc ? ? A GLU 128 OE2 ? ? ? 1_555 C CD  . CD ? ? A GLU 167 A CD  302 1_555 ? ? ? ? ? ? ? 2.280 ? ? 
metalc8  metalc ? ? A CYS 147 SG  A ? ? 1_555 B CD  . CD ? ? A CYS 186 A CD  301 1_555 ? ? ? ? ? ? ? 2.428 ? ? 
metalc9  metalc ? ? A CYS 147 SG  B ? ? 1_555 B CD  . CD ? ? A CYS 186 A CD  301 1_555 ? ? ? ? ? ? ? 2.518 ? ? 
metalc10 metalc ? ? A CYS 147 SG  A ? ? 1_555 B CD  . CD ? ? A CYS 186 A CD  301 5_655 ? ? ? ? ? ? ? 2.428 ? ? 
metalc11 metalc ? ? A CYS 147 SG  B ? ? 1_555 B CD  . CD ? ? A CYS 186 A CD  301 5_655 ? ? ? ? ? ? ? 2.518 ? ? 
metalc12 metalc ? ? A CYS 147 SG  A ? ? 1_555 C CD  . CD ? ? A CYS 186 A CD  302 5_655 ? ? ? ? ? ? ? 2.525 ? ? 
metalc13 metalc ? ? A CYS 147 SG  B ? ? 1_555 C CD  . CD ? ? A CYS 186 A CD  302 5_655 ? ? ? ? ? ? ? 2.457 ? ? 
metalc14 metalc ? ? B CD  .   CD  ? ? ? 1_555 H HOH . O  ? ? A CD  301 A HOH 459 1_555 ? ? ? ? ? ? ? 2.216 ? ? 
metalc15 metalc ? ? B CD  .   CD  ? ? ? 1_555 H HOH . O  ? ? A CD  301 A HOH 459 5_655 ? ? ? ? ? ? ? 2.216 ? ? 
metalc16 metalc ? ? C CD  .   CD  ? ? ? 1_555 H HOH . O  ? ? A CD  302 A HOH 458 5_655 ? ? ? ? ? ? ? 2.342 ? ? 
metalc17 metalc ? ? C CD  .   CD  ? ? ? 1_555 H HOH . O  ? ? A CD  302 A HOH 465 1_555 ? ? ? ? ? ? ? 2.410 ? ? 
metalc18 metalc ? ? D CD  .   CD  ? ? ? 1_555 H HOH . O  ? ? A CD  303 A HOH 457 1_555 ? ? ? ? ? ? ? 2.430 ? ? 
metalc19 metalc ? ? D CD  .   CD  ? ? ? 1_555 H HOH . O  ? ? A CD  303 A HOH 472 1_555 ? ? ? ? ? ? ? 2.667 ? ? 
metalc20 metalc ? ? E CD  .   CD  ? ? ? 1_555 H HOH . O  ? ? A CD  304 A HOH 461 1_555 ? ? ? ? ? ? ? 2.377 ? ? 
metalc21 metalc ? ? E CD  .   CD  ? ? ? 1_555 H HOH . O  ? ? A CD  304 A HOH 462 1_555 ? ? ? ? ? ? ? 2.399 ? ? 
metalc22 metalc ? ? E CD  .   CD  ? ? ? 1_555 H HOH . O  ? ? A CD  304 A HOH 466 1_555 ? ? ? ? ? ? ? 2.270 ? ? 
metalc23 metalc ? ? F CD  .   CD  ? ? ? 1_555 H HOH . O  ? ? A CD  305 A HOH 454 1_555 ? ? ? ? ? ? ? 2.565 ? ? 
metalc24 metalc ? ? F CD  .   CD  ? ? ? 1_555 H HOH . O  ? ? A CD  305 A HOH 473 1_555 ? ? ? ? ? ? ? 2.678 ? ? 
# 
_struct_conn_type.id          metalc 
_struct_conn_type.criteria    ? 
_struct_conn_type.reference   ? 
# 
loop_
_pdbx_struct_conn_angle.id 
_pdbx_struct_conn_angle.ptnr1_label_atom_id 
_pdbx_struct_conn_angle.ptnr1_label_alt_id 
_pdbx_struct_conn_angle.ptnr1_label_asym_id 
_pdbx_struct_conn_angle.ptnr1_label_comp_id 
_pdbx_struct_conn_angle.ptnr1_label_seq_id 
_pdbx_struct_conn_angle.ptnr1_auth_atom_id 
_pdbx_struct_conn_angle.ptnr1_auth_asym_id 
_pdbx_struct_conn_angle.ptnr1_auth_comp_id 
_pdbx_struct_conn_angle.ptnr1_auth_seq_id 
_pdbx_struct_conn_angle.ptnr1_PDB_ins_code 
_pdbx_struct_conn_angle.ptnr1_symmetry 
_pdbx_struct_conn_angle.ptnr2_label_atom_id 
_pdbx_struct_conn_angle.ptnr2_label_alt_id 
_pdbx_struct_conn_angle.ptnr2_label_asym_id 
_pdbx_struct_conn_angle.ptnr2_label_comp_id 
_pdbx_struct_conn_angle.ptnr2_label_seq_id 
_pdbx_struct_conn_angle.ptnr2_auth_atom_id 
_pdbx_struct_conn_angle.ptnr2_auth_asym_id 
_pdbx_struct_conn_angle.ptnr2_auth_comp_id 
_pdbx_struct_conn_angle.ptnr2_auth_seq_id 
_pdbx_struct_conn_angle.ptnr2_PDB_ins_code 
_pdbx_struct_conn_angle.ptnr2_symmetry 
_pdbx_struct_conn_angle.ptnr3_label_atom_id 
_pdbx_struct_conn_angle.ptnr3_label_alt_id 
_pdbx_struct_conn_angle.ptnr3_label_asym_id 
_pdbx_struct_conn_angle.ptnr3_label_comp_id 
_pdbx_struct_conn_angle.ptnr3_label_seq_id 
_pdbx_struct_conn_angle.ptnr3_auth_atom_id 
_pdbx_struct_conn_angle.ptnr3_auth_asym_id 
_pdbx_struct_conn_angle.ptnr3_auth_comp_id 
_pdbx_struct_conn_angle.ptnr3_auth_seq_id 
_pdbx_struct_conn_angle.ptnr3_PDB_ins_code 
_pdbx_struct_conn_angle.ptnr3_symmetry 
_pdbx_struct_conn_angle.value 
_pdbx_struct_conn_angle.value_esd 
1  NE2 ? A HIS 61  ? A HIS 100 ? 1_555 CD ? E CD . ? A CD 304 ? 1_555 O   ? H HOH .   ? A HOH 461 ? 1_555 101.1 ? 
2  NE2 ? A HIS 61  ? A HIS 100 ? 1_555 CD ? E CD . ? A CD 304 ? 1_555 O   ? H HOH .   ? A HOH 462 ? 1_555 102.2 ? 
3  O   ? H HOH .   ? A HOH 461 ? 1_555 CD ? E CD . ? A CD 304 ? 1_555 O   ? H HOH .   ? A HOH 462 ? 1_555 120.6 ? 
4  NE2 ? A HIS 61  ? A HIS 100 ? 1_555 CD ? E CD . ? A CD 304 ? 1_555 O   ? H HOH .   ? A HOH 466 ? 1_555 115.4 ? 
5  O   ? H HOH .   ? A HOH 461 ? 1_555 CD ? E CD . ? A CD 304 ? 1_555 O   ? H HOH .   ? A HOH 466 ? 1_555 107.0 ? 
6  O   ? H HOH .   ? A HOH 462 ? 1_555 CD ? E CD . ? A CD 304 ? 1_555 O   ? H HOH .   ? A HOH 466 ? 1_555 110.5 ? 
7  SG  ? A CYS 83  ? A CYS 122 ? 1_555 CD ? D CD . ? A CD 303 ? 1_555 O   ? H HOH .   ? A HOH 457 ? 1_555 94.0  ? 
8  SG  ? A CYS 83  ? A CYS 122 ? 1_555 CD ? D CD . ? A CD 303 ? 1_555 O   ? H HOH .   ? A HOH 472 ? 1_555 87.9  ? 
9  O   ? H HOH .   ? A HOH 457 ? 1_555 CD ? D CD . ? A CD 303 ? 1_555 O   ? H HOH .   ? A HOH 472 ? 1_555 174.3 ? 
10 SG  ? A CYS 83  ? A CYS 122 ? 1_555 CD ? F CD . ? A CD 305 ? 1_555 O   ? H HOH .   ? A HOH 454 ? 1_555 98.0  ? 
11 SG  ? A CYS 83  ? A CYS 122 ? 1_555 CD ? F CD . ? A CD 305 ? 1_555 O   ? H HOH .   ? A HOH 473 ? 1_555 93.6  ? 
12 O   ? H HOH .   ? A HOH 454 ? 1_555 CD ? F CD . ? A CD 305 ? 1_555 O   ? H HOH .   ? A HOH 473 ? 1_555 168.4 ? 
13 OE1 ? A GLU 128 ? A GLU 167 ? 1_555 CD ? B CD . ? A CD 301 ? 1_555 OE1 ? A GLU 128 ? A GLU 167 ? 1_555 0.0   ? 
14 OE1 ? A GLU 128 ? A GLU 167 ? 1_555 CD ? B CD . ? A CD 301 ? 1_555 SG  A A CYS 147 ? A CYS 186 ? 1_555 93.6  ? 
15 OE1 ? A GLU 128 ? A GLU 167 ? 1_555 CD ? B CD . ? A CD 301 ? 1_555 SG  A A CYS 147 ? A CYS 186 ? 1_555 93.6  ? 
16 OE1 ? A GLU 128 ? A GLU 167 ? 1_555 CD ? B CD . ? A CD 301 ? 1_555 SG  B A CYS 147 ? A CYS 186 ? 1_555 88.0  ? 
17 OE1 ? A GLU 128 ? A GLU 167 ? 1_555 CD ? B CD . ? A CD 301 ? 1_555 SG  B A CYS 147 ? A CYS 186 ? 1_555 88.0  ? 
18 SG  A A CYS 147 ? A CYS 186 ? 1_555 CD ? B CD . ? A CD 301 ? 1_555 SG  B A CYS 147 ? A CYS 186 ? 1_555 38.8  ? 
19 OE1 ? A GLU 128 ? A GLU 167 ? 1_555 CD ? B CD . ? A CD 301 ? 1_555 SG  A A CYS 147 ? A CYS 186 ? 1_555 93.6  ? 
20 OE1 ? A GLU 128 ? A GLU 167 ? 1_555 CD ? B CD . ? A CD 301 ? 1_555 SG  A A CYS 147 ? A CYS 186 ? 1_555 93.6  ? 
21 SG  A A CYS 147 ? A CYS 186 ? 1_555 CD ? B CD . ? A CD 301 ? 1_555 SG  A A CYS 147 ? A CYS 186 ? 1_555 0.0   ? 
22 SG  B A CYS 147 ? A CYS 186 ? 1_555 CD ? B CD . ? A CD 301 ? 1_555 SG  A A CYS 147 ? A CYS 186 ? 1_555 38.8  ? 
23 OE1 ? A GLU 128 ? A GLU 167 ? 1_555 CD ? B CD . ? A CD 301 ? 1_555 SG  B A CYS 147 ? A CYS 186 ? 1_555 88.0  ? 
24 OE1 ? A GLU 128 ? A GLU 167 ? 1_555 CD ? B CD . ? A CD 301 ? 1_555 SG  B A CYS 147 ? A CYS 186 ? 1_555 88.0  ? 
25 SG  A A CYS 147 ? A CYS 186 ? 1_555 CD ? B CD . ? A CD 301 ? 1_555 SG  B A CYS 147 ? A CYS 186 ? 1_555 38.8  ? 
26 SG  B A CYS 147 ? A CYS 186 ? 1_555 CD ? B CD . ? A CD 301 ? 1_555 SG  B A CYS 147 ? A CYS 186 ? 1_555 0.0   ? 
27 SG  A A CYS 147 ? A CYS 186 ? 1_555 CD ? B CD . ? A CD 301 ? 1_555 SG  B A CYS 147 ? A CYS 186 ? 1_555 38.8  ? 
28 OE1 ? A GLU 128 ? A GLU 167 ? 1_555 CD ? B CD . ? A CD 301 ? 1_555 O   ? H HOH .   ? A HOH 459 ? 1_555 91.2  ? 
29 OE1 ? A GLU 128 ? A GLU 167 ? 1_555 CD ? B CD . ? A CD 301 ? 1_555 O   ? H HOH .   ? A HOH 459 ? 1_555 91.2  ? 
30 SG  A A CYS 147 ? A CYS 186 ? 1_555 CD ? B CD . ? A CD 301 ? 1_555 O   ? H HOH .   ? A HOH 459 ? 1_555 114.8 ? 
31 SG  B A CYS 147 ? A CYS 186 ? 1_555 CD ? B CD . ? A CD 301 ? 1_555 O   ? H HOH .   ? A HOH 459 ? 1_555 153.3 ? 
32 SG  A A CYS 147 ? A CYS 186 ? 1_555 CD ? B CD . ? A CD 301 ? 1_555 O   ? H HOH .   ? A HOH 459 ? 1_555 114.8 ? 
33 SG  B A CYS 147 ? A CYS 186 ? 1_555 CD ? B CD . ? A CD 301 ? 1_555 O   ? H HOH .   ? A HOH 459 ? 1_555 153.3 ? 
34 OE1 ? A GLU 128 ? A GLU 167 ? 1_555 CD ? B CD . ? A CD 301 ? 1_555 O   ? H HOH .   ? A HOH 459 ? 5_655 96.2  ? 
35 OE1 ? A GLU 128 ? A GLU 167 ? 1_555 CD ? B CD . ? A CD 301 ? 1_555 O   ? H HOH .   ? A HOH 459 ? 5_655 96.2  ? 
36 SG  A A CYS 147 ? A CYS 186 ? 1_555 CD ? B CD . ? A CD 301 ? 1_555 O   ? H HOH .   ? A HOH 459 ? 5_655 77.9  ? 
37 SG  B A CYS 147 ? A CYS 186 ? 1_555 CD ? B CD . ? A CD 301 ? 1_555 O   ? H HOH .   ? A HOH 459 ? 5_655 116.6 ? 
38 SG  A A CYS 147 ? A CYS 186 ? 1_555 CD ? B CD . ? A CD 301 ? 1_555 O   ? H HOH .   ? A HOH 459 ? 5_655 77.9  ? 
39 SG  B A CYS 147 ? A CYS 186 ? 1_555 CD ? B CD . ? A CD 301 ? 1_555 O   ? H HOH .   ? A HOH 459 ? 5_655 116.6 ? 
40 O   ? H HOH .   ? A HOH 459 ? 1_555 CD ? B CD . ? A CD 301 ? 1_555 O   ? H HOH .   ? A HOH 459 ? 5_655 37.0  ? 
41 OE1 ? A GLU 128 ? A GLU 167 ? 1_555 CD ? C CD . ? A CD 302 ? 1_555 OE2 ? A GLU 128 ? A GLU 167 ? 1_555 51.7  ? 
42 OE1 ? A GLU 128 ? A GLU 167 ? 1_555 CD ? C CD . ? A CD 302 ? 1_555 SG  A A CYS 147 ? A CYS 186 ? 1_555 33.2  ? 
43 OE2 ? A GLU 128 ? A GLU 167 ? 1_555 CD ? C CD . ? A CD 302 ? 1_555 SG  A A CYS 147 ? A CYS 186 ? 1_555 76.2  ? 
44 OE1 ? A GLU 128 ? A GLU 167 ? 1_555 CD ? C CD . ? A CD 302 ? 1_555 SG  B A CYS 147 ? A CYS 186 ? 1_555 45.7  ? 
45 OE2 ? A GLU 128 ? A GLU 167 ? 1_555 CD ? C CD . ? A CD 302 ? 1_555 SG  B A CYS 147 ? A CYS 186 ? 1_555 78.1  ? 
46 SG  A A CYS 147 ? A CYS 186 ? 1_555 CD ? C CD . ? A CD 302 ? 1_555 SG  B A CYS 147 ? A CYS 186 ? 1_555 16.5  ? 
47 OE1 ? A GLU 128 ? A GLU 167 ? 1_555 CD ? C CD . ? A CD 302 ? 1_555 O   ? H HOH .   ? A HOH 458 ? 5_655 141.8 ? 
48 OE2 ? A GLU 128 ? A GLU 167 ? 1_555 CD ? C CD . ? A CD 302 ? 1_555 O   ? H HOH .   ? A HOH 458 ? 5_655 102.6 ? 
49 SG  A A CYS 147 ? A CYS 186 ? 1_555 CD ? C CD . ? A CD 302 ? 1_555 O   ? H HOH .   ? A HOH 458 ? 5_655 124.6 ? 
50 SG  B A CYS 147 ? A CYS 186 ? 1_555 CD ? C CD . ? A CD 302 ? 1_555 O   ? H HOH .   ? A HOH 458 ? 5_655 108.1 ? 
51 OE1 ? A GLU 128 ? A GLU 167 ? 1_555 CD ? C CD . ? A CD 302 ? 1_555 O   ? H HOH .   ? A HOH 465 ? 1_555 107.8 ? 
52 OE2 ? A GLU 128 ? A GLU 167 ? 1_555 CD ? C CD . ? A CD 302 ? 1_555 O   ? H HOH .   ? A HOH 465 ? 1_555 105.4 ? 
53 SG  A A CYS 147 ? A CYS 186 ? 1_555 CD ? C CD . ? A CD 302 ? 1_555 O   ? H HOH .   ? A HOH 465 ? 1_555 127.8 ? 
54 SG  B A CYS 147 ? A CYS 186 ? 1_555 CD ? C CD . ? A CD 302 ? 1_555 O   ? H HOH .   ? A HOH 465 ? 1_555 143.8 ? 
55 O   ? H HOH .   ? A HOH 458 ? 5_655 CD ? C CD . ? A CD 302 ? 1_555 O   ? H HOH .   ? A HOH 465 ? 1_555 106.3 ? 
# 
loop_
_struct_mon_prot_cis.pdbx_id 
_struct_mon_prot_cis.label_comp_id 
_struct_mon_prot_cis.label_seq_id 
_struct_mon_prot_cis.label_asym_id 
_struct_mon_prot_cis.label_alt_id 
_struct_mon_prot_cis.pdbx_PDB_ins_code 
_struct_mon_prot_cis.auth_comp_id 
_struct_mon_prot_cis.auth_seq_id 
_struct_mon_prot_cis.auth_asym_id 
_struct_mon_prot_cis.pdbx_label_comp_id_2 
_struct_mon_prot_cis.pdbx_label_seq_id_2 
_struct_mon_prot_cis.pdbx_label_asym_id_2 
_struct_mon_prot_cis.pdbx_PDB_ins_code_2 
_struct_mon_prot_cis.pdbx_auth_comp_id_2 
_struct_mon_prot_cis.pdbx_auth_seq_id_2 
_struct_mon_prot_cis.pdbx_auth_asym_id_2 
_struct_mon_prot_cis.pdbx_PDB_model_num 
_struct_mon_prot_cis.pdbx_omega_angle 
1 PHE 33 A . ? PHE 72  A PRO 34 A ? PRO 73  A 1 -6.21  
2 SER 90 A . ? SER 129 A PRO 91 A ? PRO 130 A 1 -16.59 
# 
loop_
_struct_sheet.id 
_struct_sheet.type 
_struct_sheet.number_strands 
_struct_sheet.details 
AA1 ? 3 ? 
AA2 ? 5 ? 
AA3 ? 4 ? 
AA4 ? 3 ? 
AA5 ? 2 ? 
# 
loop_
_struct_sheet_order.sheet_id 
_struct_sheet_order.range_id_1 
_struct_sheet_order.range_id_2 
_struct_sheet_order.offset 
_struct_sheet_order.sense 
AA1 1 2 ? anti-parallel 
AA1 2 3 ? anti-parallel 
AA2 1 2 ? parallel      
AA2 2 3 ? anti-parallel 
AA2 3 4 ? anti-parallel 
AA2 4 5 ? anti-parallel 
AA3 1 2 ? anti-parallel 
AA3 2 3 ? anti-parallel 
AA3 3 4 ? anti-parallel 
AA4 1 2 ? anti-parallel 
AA4 2 3 ? parallel      
AA5 1 2 ? anti-parallel 
# 
loop_
_struct_sheet_range.sheet_id 
_struct_sheet_range.id 
_struct_sheet_range.beg_label_comp_id 
_struct_sheet_range.beg_label_asym_id 
_struct_sheet_range.beg_label_seq_id 
_struct_sheet_range.pdbx_beg_PDB_ins_code 
_struct_sheet_range.end_label_comp_id 
_struct_sheet_range.end_label_asym_id 
_struct_sheet_range.end_label_seq_id 
_struct_sheet_range.pdbx_end_PDB_ins_code 
_struct_sheet_range.beg_auth_comp_id 
_struct_sheet_range.beg_auth_asym_id 
_struct_sheet_range.beg_auth_seq_id 
_struct_sheet_range.end_auth_comp_id 
_struct_sheet_range.end_auth_asym_id 
_struct_sheet_range.end_auth_seq_id 
AA1 1 ARG A 4   ? LEU A 7   ? ARG A 43  LEU A 46  
AA1 2 LYS A 37  ? SER A 41  ? LYS A 76  SER A 80  
AA1 3 VAL A 102 ? SER A 103 ? VAL A 141 SER A 142 
AA2 1 GLU A 22  ? ILE A 24  ? GLU A 61  ILE A 63  
AA2 2 PHE A 153 ? VAL A 156 ? PHE A 192 VAL A 195 
AA2 3 LYS A 126 ? VAL A 136 ? LYS A 165 VAL A 175 
AA2 4 MET A 48  ? ALA A 57  ? MET A 87  ALA A 96  
AA2 5 ASN A 92  ? PHE A 93  ? ASN A 131 PHE A 132 
AA3 1 TYR A 85  ? ILE A 86  ? TYR A 124 ILE A 125 
AA3 2 MET A 48  ? ALA A 57  ? MET A 87  ALA A 96  
AA3 3 LYS A 126 ? VAL A 136 ? LYS A 165 VAL A 175 
AA3 4 MET A 142 ? CYS A 147 ? MET A 181 CYS A 186 
AA4 1 ARG A 30  ? ARG A 31  ? ARG A 69  ARG A 70  
AA4 2 LYS A 108 ? THR A 110 ? LYS A 147 THR A 149 
AA4 3 ILE A 119 ? MET A 120 ? ILE A 158 MET A 159 
AA5 1 TRP A 63  ? VAL A 66  ? TRP A 102 VAL A 105 
AA5 2 GLU A 69  ? PRO A 72  ? GLU A 108 PRO A 111 
# 
loop_
_pdbx_struct_sheet_hbond.sheet_id 
_pdbx_struct_sheet_hbond.range_id_1 
_pdbx_struct_sheet_hbond.range_id_2 
_pdbx_struct_sheet_hbond.range_1_label_atom_id 
_pdbx_struct_sheet_hbond.range_1_label_comp_id 
_pdbx_struct_sheet_hbond.range_1_label_asym_id 
_pdbx_struct_sheet_hbond.range_1_label_seq_id 
_pdbx_struct_sheet_hbond.range_1_PDB_ins_code 
_pdbx_struct_sheet_hbond.range_1_auth_atom_id 
_pdbx_struct_sheet_hbond.range_1_auth_comp_id 
_pdbx_struct_sheet_hbond.range_1_auth_asym_id 
_pdbx_struct_sheet_hbond.range_1_auth_seq_id 
_pdbx_struct_sheet_hbond.range_2_label_atom_id 
_pdbx_struct_sheet_hbond.range_2_label_comp_id 
_pdbx_struct_sheet_hbond.range_2_label_asym_id 
_pdbx_struct_sheet_hbond.range_2_label_seq_id 
_pdbx_struct_sheet_hbond.range_2_PDB_ins_code 
_pdbx_struct_sheet_hbond.range_2_auth_atom_id 
_pdbx_struct_sheet_hbond.range_2_auth_comp_id 
_pdbx_struct_sheet_hbond.range_2_auth_asym_id 
_pdbx_struct_sheet_hbond.range_2_auth_seq_id 
AA1 1 2 N GLY A 6   ? N GLY A 45  O ASN A 39  ? O ASN A 78  
AA1 2 3 N VAL A 38  ? N VAL A 77  O VAL A 102 ? O VAL A 141 
AA2 1 2 N MET A 23  ? N MET A 62  O VAL A 156 ? O VAL A 195 
AA2 2 3 O PHE A 153 ? O PHE A 192 N TYR A 127 ? N TYR A 166 
AA2 3 4 O ARG A 130 ? O ARG A 169 N ASP A 54  ? N ASP A 93  
AA2 4 5 N TYR A 49  ? N TYR A 88  O ASN A 92  ? O ASN A 131 
AA3 1 2 O TYR A 85  ? O TYR A 124 N LEU A 53  ? N LEU A 92  
AA3 2 3 N ASP A 54  ? N ASP A 93  O ARG A 130 ? O ARG A 169 
AA3 3 4 N ILE A 133 ? N ILE A 172 O THR A 144 ? O THR A 183 
AA4 1 2 N ARG A 30  ? N ARG A 69  O LEU A 109 ? O LEU A 148 
AA4 2 3 N LYS A 108 ? N LYS A 147 O ILE A 119 ? O ILE A 158 
AA5 1 2 N VAL A 66  ? N VAL A 105 O GLU A 69  ? O GLU A 108 
# 
loop_
_struct_site.id 
_struct_site.pdbx_evidence_code 
_struct_site.pdbx_auth_asym_id 
_struct_site.pdbx_auth_comp_id 
_struct_site.pdbx_auth_seq_id 
_struct_site.pdbx_auth_ins_code 
_struct_site.pdbx_num_residues 
_struct_site.details 
AC1 Software A CD  301 ? 8 'binding site for residue CD A 301'  
AC2 Software A CD  302 ? 6 'binding site for residue CD A 302'  
AC3 Software A CD  303 ? 4 'binding site for residue CD A 303'  
AC4 Software A CD  304 ? 5 'binding site for residue CD A 304'  
AC5 Software A CD  305 ? 4 'binding site for residue CD A 305'  
AC6 Software A NXM 306 ? 4 'binding site for residue NXM A 306' 
# 
loop_
_struct_site_gen.id 
_struct_site_gen.site_id 
_struct_site_gen.pdbx_num_res 
_struct_site_gen.label_comp_id 
_struct_site_gen.label_asym_id 
_struct_site_gen.label_seq_id 
_struct_site_gen.pdbx_auth_ins_code 
_struct_site_gen.auth_comp_id 
_struct_site_gen.auth_asym_id 
_struct_site_gen.auth_seq_id 
_struct_site_gen.label_atom_id 
_struct_site_gen.label_alt_id 
_struct_site_gen.symmetry 
_struct_site_gen.details 
1  AC1 8 GLU A 128 ? GLU A 167 . ? 1_555 ? 
2  AC1 8 GLU A 128 ? GLU A 167 . ? 5_655 ? 
3  AC1 8 CYS A 147 ? CYS A 186 . ? 1_555 ? 
4  AC1 8 CYS A 147 ? CYS A 186 . ? 5_655 ? 
5  AC1 8 CD  C .   ? CD  A 302 . ? 1_555 ? 
6  AC1 8 CD  C .   ? CD  A 302 . ? 5_655 ? 
7  AC1 8 HOH H .   ? HOH A 459 . ? 5_655 ? 
8  AC1 8 HOH H .   ? HOH A 459 . ? 1_555 ? 
9  AC2 6 GLU A 128 ? GLU A 167 . ? 1_555 ? 
10 AC2 6 CYS A 147 ? CYS A 186 . ? 5_655 ? 
11 AC2 6 CD  B .   ? CD  A 301 . ? 5_655 ? 
12 AC2 6 CD  B .   ? CD  A 301 . ? 1_555 ? 
13 AC2 6 HOH H .   ? HOH A 458 . ? 5_655 ? 
14 AC2 6 HOH H .   ? HOH A 465 . ? 1_555 ? 
15 AC3 4 CYS A 83  ? CYS A 122 . ? 1_555 ? 
16 AC3 4 HOH H .   ? HOH A 445 . ? 1_555 ? 
17 AC3 4 HOH H .   ? HOH A 457 . ? 1_555 ? 
18 AC3 4 HOH H .   ? HOH A 472 . ? 1_555 ? 
19 AC4 5 LEU A 52  ? LEU A 91  . ? 5_655 ? 
20 AC4 5 HIS A 61  ? HIS A 100 . ? 1_555 ? 
21 AC4 5 HOH H .   ? HOH A 461 . ? 1_555 ? 
22 AC4 5 HOH H .   ? HOH A 462 . ? 1_555 ? 
23 AC4 5 HOH H .   ? HOH A 466 . ? 1_555 ? 
24 AC5 4 CYS A 83  ? CYS A 122 . ? 1_555 ? 
25 AC5 4 HOH H .   ? HOH A 454 . ? 1_555 ? 
26 AC5 4 HOH H .   ? HOH A 472 . ? 1_555 ? 
27 AC5 4 HOH H .   ? HOH A 473 . ? 1_555 ? 
28 AC6 4 SER A 50  ? SER A 89  . ? 1_555 ? 
29 AC6 4 PHE A 93  ? PHE A 132 . ? 6_555 ? 
30 AC6 4 VAL A 136 ? VAL A 175 . ? 1_555 ? 
31 AC6 4 ARG A 141 ? ARG A 180 . ? 1_555 ? 
# 
loop_
_pdbx_validate_torsion.id 
_pdbx_validate_torsion.PDB_model_num 
_pdbx_validate_torsion.auth_comp_id 
_pdbx_validate_torsion.auth_asym_id 
_pdbx_validate_torsion.auth_seq_id 
_pdbx_validate_torsion.PDB_ins_code 
_pdbx_validate_torsion.label_alt_id 
_pdbx_validate_torsion.phi 
_pdbx_validate_torsion.psi 
1 1 THR A 59  ? ? 69.72   105.70 
2 1 LYS A 114 ? ? -118.55 64.52  
3 1 PHE A 143 ? ? -92.29  55.98  
# 
loop_
_pdbx_struct_special_symmetry.id 
_pdbx_struct_special_symmetry.PDB_model_num 
_pdbx_struct_special_symmetry.auth_asym_id 
_pdbx_struct_special_symmetry.auth_comp_id 
_pdbx_struct_special_symmetry.auth_seq_id 
_pdbx_struct_special_symmetry.PDB_ins_code 
_pdbx_struct_special_symmetry.label_asym_id 
_pdbx_struct_special_symmetry.label_comp_id 
_pdbx_struct_special_symmetry.label_seq_id 
1 1 A CD  301 ? B CD  . 
2 1 A HOH 407 ? H HOH . 
# 
_phasing.method   MR 
# 
_pdbx_entry_details.entry_id                 5QRP 
_pdbx_entry_details.has_ligand_of_interest   Y 
_pdbx_entry_details.compound_details         ? 
_pdbx_entry_details.source_details           ? 
_pdbx_entry_details.nonpolymer_details       ? 
_pdbx_entry_details.sequence_details         ? 
# 
loop_
_pdbx_distant_solvent_atoms.id 
_pdbx_distant_solvent_atoms.PDB_model_num 
_pdbx_distant_solvent_atoms.auth_atom_id 
_pdbx_distant_solvent_atoms.label_alt_id 
_pdbx_distant_solvent_atoms.auth_asym_id 
_pdbx_distant_solvent_atoms.auth_comp_id 
_pdbx_distant_solvent_atoms.auth_seq_id 
_pdbx_distant_solvent_atoms.PDB_ins_code 
_pdbx_distant_solvent_atoms.neighbor_macromolecule_distance 
_pdbx_distant_solvent_atoms.neighbor_ligand_distance 
1 1 O ? A HOH 472 ? 6.39 . 
2 1 O ? A HOH 473 ? 6.83 . 
# 
_pdbx_unobs_or_zero_occ_residues.id               1 
_pdbx_unobs_or_zero_occ_residues.PDB_model_num    1 
_pdbx_unobs_or_zero_occ_residues.polymer_flag     Y 
_pdbx_unobs_or_zero_occ_residues.occupancy_flag   1 
_pdbx_unobs_or_zero_occ_residues.auth_asym_id     A 
_pdbx_unobs_or_zero_occ_residues.auth_comp_id     GLY 
_pdbx_unobs_or_zero_occ_residues.auth_seq_id      40 
_pdbx_unobs_or_zero_occ_residues.PDB_ins_code     ? 
_pdbx_unobs_or_zero_occ_residues.label_asym_id    A 
_pdbx_unobs_or_zero_occ_residues.label_comp_id    GLY 
_pdbx_unobs_or_zero_occ_residues.label_seq_id     1 
# 
loop_
_chem_comp_atom.comp_id 
_chem_comp_atom.atom_id 
_chem_comp_atom.type_symbol 
_chem_comp_atom.pdbx_aromatic_flag 
_chem_comp_atom.pdbx_stereo_config 
_chem_comp_atom.pdbx_ordinal 
ALA N    N  N N 1   
ALA CA   C  N S 2   
ALA C    C  N N 3   
ALA O    O  N N 4   
ALA CB   C  N N 5   
ALA OXT  O  N N 6   
ALA H    H  N N 7   
ALA H2   H  N N 8   
ALA HA   H  N N 9   
ALA HB1  H  N N 10  
ALA HB2  H  N N 11  
ALA HB3  H  N N 12  
ALA HXT  H  N N 13  
ARG N    N  N N 14  
ARG CA   C  N S 15  
ARG C    C  N N 16  
ARG O    O  N N 17  
ARG CB   C  N N 18  
ARG CG   C  N N 19  
ARG CD   C  N N 20  
ARG NE   N  N N 21  
ARG CZ   C  N N 22  
ARG NH1  N  N N 23  
ARG NH2  N  N N 24  
ARG OXT  O  N N 25  
ARG H    H  N N 26  
ARG H2   H  N N 27  
ARG HA   H  N N 28  
ARG HB2  H  N N 29  
ARG HB3  H  N N 30  
ARG HG2  H  N N 31  
ARG HG3  H  N N 32  
ARG HD2  H  N N 33  
ARG HD3  H  N N 34  
ARG HE   H  N N 35  
ARG HH11 H  N N 36  
ARG HH12 H  N N 37  
ARG HH21 H  N N 38  
ARG HH22 H  N N 39  
ARG HXT  H  N N 40  
ASN N    N  N N 41  
ASN CA   C  N S 42  
ASN C    C  N N 43  
ASN O    O  N N 44  
ASN CB   C  N N 45  
ASN CG   C  N N 46  
ASN OD1  O  N N 47  
ASN ND2  N  N N 48  
ASN OXT  O  N N 49  
ASN H    H  N N 50  
ASN H2   H  N N 51  
ASN HA   H  N N 52  
ASN HB2  H  N N 53  
ASN HB3  H  N N 54  
ASN HD21 H  N N 55  
ASN HD22 H  N N 56  
ASN HXT  H  N N 57  
ASP N    N  N N 58  
ASP CA   C  N S 59  
ASP C    C  N N 60  
ASP O    O  N N 61  
ASP CB   C  N N 62  
ASP CG   C  N N 63  
ASP OD1  O  N N 64  
ASP OD2  O  N N 65  
ASP OXT  O  N N 66  
ASP H    H  N N 67  
ASP H2   H  N N 68  
ASP HA   H  N N 69  
ASP HB2  H  N N 70  
ASP HB3  H  N N 71  
ASP HD2  H  N N 72  
ASP HXT  H  N N 73  
CD  CD   CD N N 74  
CYS N    N  N N 75  
CYS CA   C  N R 76  
CYS C    C  N N 77  
CYS O    O  N N 78  
CYS CB   C  N N 79  
CYS SG   S  N N 80  
CYS OXT  O  N N 81  
CYS H    H  N N 82  
CYS H2   H  N N 83  
CYS HA   H  N N 84  
CYS HB2  H  N N 85  
CYS HB3  H  N N 86  
CYS HG   H  N N 87  
CYS HXT  H  N N 88  
GLN N    N  N N 89  
GLN CA   C  N S 90  
GLN C    C  N N 91  
GLN O    O  N N 92  
GLN CB   C  N N 93  
GLN CG   C  N N 94  
GLN CD   C  N N 95  
GLN OE1  O  N N 96  
GLN NE2  N  N N 97  
GLN OXT  O  N N 98  
GLN H    H  N N 99  
GLN H2   H  N N 100 
GLN HA   H  N N 101 
GLN HB2  H  N N 102 
GLN HB3  H  N N 103 
GLN HG2  H  N N 104 
GLN HG3  H  N N 105 
GLN HE21 H  N N 106 
GLN HE22 H  N N 107 
GLN HXT  H  N N 108 
GLU N    N  N N 109 
GLU CA   C  N S 110 
GLU C    C  N N 111 
GLU O    O  N N 112 
GLU CB   C  N N 113 
GLU CG   C  N N 114 
GLU CD   C  N N 115 
GLU OE1  O  N N 116 
GLU OE2  O  N N 117 
GLU OXT  O  N N 118 
GLU H    H  N N 119 
GLU H2   H  N N 120 
GLU HA   H  N N 121 
GLU HB2  H  N N 122 
GLU HB3  H  N N 123 
GLU HG2  H  N N 124 
GLU HG3  H  N N 125 
GLU HE2  H  N N 126 
GLU HXT  H  N N 127 
GLY N    N  N N 128 
GLY CA   C  N N 129 
GLY C    C  N N 130 
GLY O    O  N N 131 
GLY OXT  O  N N 132 
GLY H    H  N N 133 
GLY H2   H  N N 134 
GLY HA2  H  N N 135 
GLY HA3  H  N N 136 
GLY HXT  H  N N 137 
HIS N    N  N N 138 
HIS CA   C  N S 139 
HIS C    C  N N 140 
HIS O    O  N N 141 
HIS CB   C  N N 142 
HIS CG   C  Y N 143 
HIS ND1  N  Y N 144 
HIS CD2  C  Y N 145 
HIS CE1  C  Y N 146 
HIS NE2  N  Y N 147 
HIS OXT  O  N N 148 
HIS H    H  N N 149 
HIS H2   H  N N 150 
HIS HA   H  N N 151 
HIS HB2  H  N N 152 
HIS HB3  H  N N 153 
HIS HD1  H  N N 154 
HIS HD2  H  N N 155 
HIS HE1  H  N N 156 
HIS HE2  H  N N 157 
HIS HXT  H  N N 158 
HOH O    O  N N 159 
HOH H1   H  N N 160 
HOH H2   H  N N 161 
ILE N    N  N N 162 
ILE CA   C  N S 163 
ILE C    C  N N 164 
ILE O    O  N N 165 
ILE CB   C  N S 166 
ILE CG1  C  N N 167 
ILE CG2  C  N N 168 
ILE CD1  C  N N 169 
ILE OXT  O  N N 170 
ILE H    H  N N 171 
ILE H2   H  N N 172 
ILE HA   H  N N 173 
ILE HB   H  N N 174 
ILE HG12 H  N N 175 
ILE HG13 H  N N 176 
ILE HG21 H  N N 177 
ILE HG22 H  N N 178 
ILE HG23 H  N N 179 
ILE HD11 H  N N 180 
ILE HD12 H  N N 181 
ILE HD13 H  N N 182 
ILE HXT  H  N N 183 
LEU N    N  N N 184 
LEU CA   C  N S 185 
LEU C    C  N N 186 
LEU O    O  N N 187 
LEU CB   C  N N 188 
LEU CG   C  N N 189 
LEU CD1  C  N N 190 
LEU CD2  C  N N 191 
LEU OXT  O  N N 192 
LEU H    H  N N 193 
LEU H2   H  N N 194 
LEU HA   H  N N 195 
LEU HB2  H  N N 196 
LEU HB3  H  N N 197 
LEU HG   H  N N 198 
LEU HD11 H  N N 199 
LEU HD12 H  N N 200 
LEU HD13 H  N N 201 
LEU HD21 H  N N 202 
LEU HD22 H  N N 203 
LEU HD23 H  N N 204 
LEU HXT  H  N N 205 
LYS N    N  N N 206 
LYS CA   C  N S 207 
LYS C    C  N N 208 
LYS O    O  N N 209 
LYS CB   C  N N 210 
LYS CG   C  N N 211 
LYS CD   C  N N 212 
LYS CE   C  N N 213 
LYS NZ   N  N N 214 
LYS OXT  O  N N 215 
LYS H    H  N N 216 
LYS H2   H  N N 217 
LYS HA   H  N N 218 
LYS HB2  H  N N 219 
LYS HB3  H  N N 220 
LYS HG2  H  N N 221 
LYS HG3  H  N N 222 
LYS HD2  H  N N 223 
LYS HD3  H  N N 224 
LYS HE2  H  N N 225 
LYS HE3  H  N N 226 
LYS HZ1  H  N N 227 
LYS HZ2  H  N N 228 
LYS HZ3  H  N N 229 
LYS HXT  H  N N 230 
MET N    N  N N 231 
MET CA   C  N S 232 
MET C    C  N N 233 
MET O    O  N N 234 
MET CB   C  N N 235 
MET CG   C  N N 236 
MET SD   S  N N 237 
MET CE   C  N N 238 
MET OXT  O  N N 239 
MET H    H  N N 240 
MET H2   H  N N 241 
MET HA   H  N N 242 
MET HB2  H  N N 243 
MET HB3  H  N N 244 
MET HG2  H  N N 245 
MET HG3  H  N N 246 
MET HE1  H  N N 247 
MET HE2  H  N N 248 
MET HE3  H  N N 249 
MET HXT  H  N N 250 
NXM N1   N  Y N 251 
NXM C4   C  N N 252 
NXM C5   C  N N 253 
NXM C6   C  Y N 254 
NXM C7   C  Y N 255 
NXM C8   C  N N 256 
NXM C10  C  N N 257 
NXM N    N  N N 258 
NXM C    C  N N 259 
NXM O    O  Y N 260 
NXM C1   C  N N 261 
NXM C2   C  N N 262 
NXM C3   C  N N 263 
NXM C9   C  N N 264 
NXM N2   N  Y N 265 
NXM H1   H  N N 266 
NXM H2   H  N N 267 
NXM H3   H  N N 268 
NXM H4   H  N N 269 
NXM H5   H  N N 270 
NXM H6   H  N N 271 
NXM H7   H  N N 272 
NXM H8   H  N N 273 
NXM H10  H  N N 274 
NXM H11  H  N N 275 
NXM H12  H  N N 276 
NXM H13  H  N N 277 
NXM H14  H  N N 278 
NXM H15  H  N N 279 
NXM H16  H  N N 280 
NXM H17  H  N N 281 
NXM H18  H  N N 282 
PHE N    N  N N 283 
PHE CA   C  N S 284 
PHE C    C  N N 285 
PHE O    O  N N 286 
PHE CB   C  N N 287 
PHE CG   C  Y N 288 
PHE CD1  C  Y N 289 
PHE CD2  C  Y N 290 
PHE CE1  C  Y N 291 
PHE CE2  C  Y N 292 
PHE CZ   C  Y N 293 
PHE OXT  O  N N 294 
PHE H    H  N N 295 
PHE H2   H  N N 296 
PHE HA   H  N N 297 
PHE HB2  H  N N 298 
PHE HB3  H  N N 299 
PHE HD1  H  N N 300 
PHE HD2  H  N N 301 
PHE HE1  H  N N 302 
PHE HE2  H  N N 303 
PHE HZ   H  N N 304 
PHE HXT  H  N N 305 
PRO N    N  N N 306 
PRO CA   C  N S 307 
PRO C    C  N N 308 
PRO O    O  N N 309 
PRO CB   C  N N 310 
PRO CG   C  N N 311 
PRO CD   C  N N 312 
PRO OXT  O  N N 313 
PRO H    H  N N 314 
PRO HA   H  N N 315 
PRO HB2  H  N N 316 
PRO HB3  H  N N 317 
PRO HG2  H  N N 318 
PRO HG3  H  N N 319 
PRO HD2  H  N N 320 
PRO HD3  H  N N 321 
PRO HXT  H  N N 322 
SER N    N  N N 323 
SER CA   C  N S 324 
SER C    C  N N 325 
SER O    O  N N 326 
SER CB   C  N N 327 
SER OG   O  N N 328 
SER OXT  O  N N 329 
SER H    H  N N 330 
SER H2   H  N N 331 
SER HA   H  N N 332 
SER HB2  H  N N 333 
SER HB3  H  N N 334 
SER HG   H  N N 335 
SER HXT  H  N N 336 
THR N    N  N N 337 
THR CA   C  N S 338 
THR C    C  N N 339 
THR O    O  N N 340 
THR CB   C  N R 341 
THR OG1  O  N N 342 
THR CG2  C  N N 343 
THR OXT  O  N N 344 
THR H    H  N N 345 
THR H2   H  N N 346 
THR HA   H  N N 347 
THR HB   H  N N 348 
THR HG1  H  N N 349 
THR HG21 H  N N 350 
THR HG22 H  N N 351 
THR HG23 H  N N 352 
THR HXT  H  N N 353 
TRP N    N  N N 354 
TRP CA   C  N S 355 
TRP C    C  N N 356 
TRP O    O  N N 357 
TRP CB   C  N N 358 
TRP CG   C  Y N 359 
TRP CD1  C  Y N 360 
TRP CD2  C  Y N 361 
TRP NE1  N  Y N 362 
TRP CE2  C  Y N 363 
TRP CE3  C  Y N 364 
TRP CZ2  C  Y N 365 
TRP CZ3  C  Y N 366 
TRP CH2  C  Y N 367 
TRP OXT  O  N N 368 
TRP H    H  N N 369 
TRP H2   H  N N 370 
TRP HA   H  N N 371 
TRP HB2  H  N N 372 
TRP HB3  H  N N 373 
TRP HD1  H  N N 374 
TRP HE1  H  N N 375 
TRP HE3  H  N N 376 
TRP HZ2  H  N N 377 
TRP HZ3  H  N N 378 
TRP HH2  H  N N 379 
TRP HXT  H  N N 380 
TYR N    N  N N 381 
TYR CA   C  N S 382 
TYR C    C  N N 383 
TYR O    O  N N 384 
TYR CB   C  N N 385 
TYR CG   C  Y N 386 
TYR CD1  C  Y N 387 
TYR CD2  C  Y N 388 
TYR CE1  C  Y N 389 
TYR CE2  C  Y N 390 
TYR CZ   C  Y N 391 
TYR OH   O  N N 392 
TYR OXT  O  N N 393 
TYR H    H  N N 394 
TYR H2   H  N N 395 
TYR HA   H  N N 396 
TYR HB2  H  N N 397 
TYR HB3  H  N N 398 
TYR HD1  H  N N 399 
TYR HD2  H  N N 400 
TYR HE1  H  N N 401 
TYR HE2  H  N N 402 
TYR HH   H  N N 403 
TYR HXT  H  N N 404 
VAL N    N  N N 405 
VAL CA   C  N S 406 
VAL C    C  N N 407 
VAL O    O  N N 408 
VAL CB   C  N N 409 
VAL CG1  C  N N 410 
VAL CG2  C  N N 411 
VAL OXT  O  N N 412 
VAL H    H  N N 413 
VAL H2   H  N N 414 
VAL HA   H  N N 415 
VAL HB   H  N N 416 
VAL HG11 H  N N 417 
VAL HG12 H  N N 418 
VAL HG13 H  N N 419 
VAL HG21 H  N N 420 
VAL HG22 H  N N 421 
VAL HG23 H  N N 422 
VAL HXT  H  N N 423 
# 
loop_
_chem_comp_bond.comp_id 
_chem_comp_bond.atom_id_1 
_chem_comp_bond.atom_id_2 
_chem_comp_bond.value_order 
_chem_comp_bond.pdbx_aromatic_flag 
_chem_comp_bond.pdbx_stereo_config 
_chem_comp_bond.pdbx_ordinal 
ALA N   CA   sing N N 1   
ALA N   H    sing N N 2   
ALA N   H2   sing N N 3   
ALA CA  C    sing N N 4   
ALA CA  CB   sing N N 5   
ALA CA  HA   sing N N 6   
ALA C   O    doub N N 7   
ALA C   OXT  sing N N 8   
ALA CB  HB1  sing N N 9   
ALA CB  HB2  sing N N 10  
ALA CB  HB3  sing N N 11  
ALA OXT HXT  sing N N 12  
ARG N   CA   sing N N 13  
ARG N   H    sing N N 14  
ARG N   H2   sing N N 15  
ARG CA  C    sing N N 16  
ARG CA  CB   sing N N 17  
ARG CA  HA   sing N N 18  
ARG C   O    doub N N 19  
ARG C   OXT  sing N N 20  
ARG CB  CG   sing N N 21  
ARG CB  HB2  sing N N 22  
ARG CB  HB3  sing N N 23  
ARG CG  CD   sing N N 24  
ARG CG  HG2  sing N N 25  
ARG CG  HG3  sing N N 26  
ARG CD  NE   sing N N 27  
ARG CD  HD2  sing N N 28  
ARG CD  HD3  sing N N 29  
ARG NE  CZ   sing N N 30  
ARG NE  HE   sing N N 31  
ARG CZ  NH1  sing N N 32  
ARG CZ  NH2  doub N N 33  
ARG NH1 HH11 sing N N 34  
ARG NH1 HH12 sing N N 35  
ARG NH2 HH21 sing N N 36  
ARG NH2 HH22 sing N N 37  
ARG OXT HXT  sing N N 38  
ASN N   CA   sing N N 39  
ASN N   H    sing N N 40  
ASN N   H2   sing N N 41  
ASN CA  C    sing N N 42  
ASN CA  CB   sing N N 43  
ASN CA  HA   sing N N 44  
ASN C   O    doub N N 45  
ASN C   OXT  sing N N 46  
ASN CB  CG   sing N N 47  
ASN CB  HB2  sing N N 48  
ASN CB  HB3  sing N N 49  
ASN CG  OD1  doub N N 50  
ASN CG  ND2  sing N N 51  
ASN ND2 HD21 sing N N 52  
ASN ND2 HD22 sing N N 53  
ASN OXT HXT  sing N N 54  
ASP N   CA   sing N N 55  
ASP N   H    sing N N 56  
ASP N   H2   sing N N 57  
ASP CA  C    sing N N 58  
ASP CA  CB   sing N N 59  
ASP CA  HA   sing N N 60  
ASP C   O    doub N N 61  
ASP C   OXT  sing N N 62  
ASP CB  CG   sing N N 63  
ASP CB  HB2  sing N N 64  
ASP CB  HB3  sing N N 65  
ASP CG  OD1  doub N N 66  
ASP CG  OD2  sing N N 67  
ASP OD2 HD2  sing N N 68  
ASP OXT HXT  sing N N 69  
CYS N   CA   sing N N 70  
CYS N   H    sing N N 71  
CYS N   H2   sing N N 72  
CYS CA  C    sing N N 73  
CYS CA  CB   sing N N 74  
CYS CA  HA   sing N N 75  
CYS C   O    doub N N 76  
CYS C   OXT  sing N N 77  
CYS CB  SG   sing N N 78  
CYS CB  HB2  sing N N 79  
CYS CB  HB3  sing N N 80  
CYS SG  HG   sing N N 81  
CYS OXT HXT  sing N N 82  
GLN N   CA   sing N N 83  
GLN N   H    sing N N 84  
GLN N   H2   sing N N 85  
GLN CA  C    sing N N 86  
GLN CA  CB   sing N N 87  
GLN CA  HA   sing N N 88  
GLN C   O    doub N N 89  
GLN C   OXT  sing N N 90  
GLN CB  CG   sing N N 91  
GLN CB  HB2  sing N N 92  
GLN CB  HB3  sing N N 93  
GLN CG  CD   sing N N 94  
GLN CG  HG2  sing N N 95  
GLN CG  HG3  sing N N 96  
GLN CD  OE1  doub N N 97  
GLN CD  NE2  sing N N 98  
GLN NE2 HE21 sing N N 99  
GLN NE2 HE22 sing N N 100 
GLN OXT HXT  sing N N 101 
GLU N   CA   sing N N 102 
GLU N   H    sing N N 103 
GLU N   H2   sing N N 104 
GLU CA  C    sing N N 105 
GLU CA  CB   sing N N 106 
GLU CA  HA   sing N N 107 
GLU C   O    doub N N 108 
GLU C   OXT  sing N N 109 
GLU CB  CG   sing N N 110 
GLU CB  HB2  sing N N 111 
GLU CB  HB3  sing N N 112 
GLU CG  CD   sing N N 113 
GLU CG  HG2  sing N N 114 
GLU CG  HG3  sing N N 115 
GLU CD  OE1  doub N N 116 
GLU CD  OE2  sing N N 117 
GLU OE2 HE2  sing N N 118 
GLU OXT HXT  sing N N 119 
GLY N   CA   sing N N 120 
GLY N   H    sing N N 121 
GLY N   H2   sing N N 122 
GLY CA  C    sing N N 123 
GLY CA  HA2  sing N N 124 
GLY CA  HA3  sing N N 125 
GLY C   O    doub N N 126 
GLY C   OXT  sing N N 127 
GLY OXT HXT  sing N N 128 
HIS N   CA   sing N N 129 
HIS N   H    sing N N 130 
HIS N   H2   sing N N 131 
HIS CA  C    sing N N 132 
HIS CA  CB   sing N N 133 
HIS CA  HA   sing N N 134 
HIS C   O    doub N N 135 
HIS C   OXT  sing N N 136 
HIS CB  CG   sing N N 137 
HIS CB  HB2  sing N N 138 
HIS CB  HB3  sing N N 139 
HIS CG  ND1  sing Y N 140 
HIS CG  CD2  doub Y N 141 
HIS ND1 CE1  doub Y N 142 
HIS ND1 HD1  sing N N 143 
HIS CD2 NE2  sing Y N 144 
HIS CD2 HD2  sing N N 145 
HIS CE1 NE2  sing Y N 146 
HIS CE1 HE1  sing N N 147 
HIS NE2 HE2  sing N N 148 
HIS OXT HXT  sing N N 149 
HOH O   H1   sing N N 150 
HOH O   H2   sing N N 151 
ILE N   CA   sing N N 152 
ILE N   H    sing N N 153 
ILE N   H2   sing N N 154 
ILE CA  C    sing N N 155 
ILE CA  CB   sing N N 156 
ILE CA  HA   sing N N 157 
ILE C   O    doub N N 158 
ILE C   OXT  sing N N 159 
ILE CB  CG1  sing N N 160 
ILE CB  CG2  sing N N 161 
ILE CB  HB   sing N N 162 
ILE CG1 CD1  sing N N 163 
ILE CG1 HG12 sing N N 164 
ILE CG1 HG13 sing N N 165 
ILE CG2 HG21 sing N N 166 
ILE CG2 HG22 sing N N 167 
ILE CG2 HG23 sing N N 168 
ILE CD1 HD11 sing N N 169 
ILE CD1 HD12 sing N N 170 
ILE CD1 HD13 sing N N 171 
ILE OXT HXT  sing N N 172 
LEU N   CA   sing N N 173 
LEU N   H    sing N N 174 
LEU N   H2   sing N N 175 
LEU CA  C    sing N N 176 
LEU CA  CB   sing N N 177 
LEU CA  HA   sing N N 178 
LEU C   O    doub N N 179 
LEU C   OXT  sing N N 180 
LEU CB  CG   sing N N 181 
LEU CB  HB2  sing N N 182 
LEU CB  HB3  sing N N 183 
LEU CG  CD1  sing N N 184 
LEU CG  CD2  sing N N 185 
LEU CG  HG   sing N N 186 
LEU CD1 HD11 sing N N 187 
LEU CD1 HD12 sing N N 188 
LEU CD1 HD13 sing N N 189 
LEU CD2 HD21 sing N N 190 
LEU CD2 HD22 sing N N 191 
LEU CD2 HD23 sing N N 192 
LEU OXT HXT  sing N N 193 
LYS N   CA   sing N N 194 
LYS N   H    sing N N 195 
LYS N   H2   sing N N 196 
LYS CA  C    sing N N 197 
LYS CA  CB   sing N N 198 
LYS CA  HA   sing N N 199 
LYS C   O    doub N N 200 
LYS C   OXT  sing N N 201 
LYS CB  CG   sing N N 202 
LYS CB  HB2  sing N N 203 
LYS CB  HB3  sing N N 204 
LYS CG  CD   sing N N 205 
LYS CG  HG2  sing N N 206 
LYS CG  HG3  sing N N 207 
LYS CD  CE   sing N N 208 
LYS CD  HD2  sing N N 209 
LYS CD  HD3  sing N N 210 
LYS CE  NZ   sing N N 211 
LYS CE  HE2  sing N N 212 
LYS CE  HE3  sing N N 213 
LYS NZ  HZ1  sing N N 214 
LYS NZ  HZ2  sing N N 215 
LYS NZ  HZ3  sing N N 216 
LYS OXT HXT  sing N N 217 
MET N   CA   sing N N 218 
MET N   H    sing N N 219 
MET N   H2   sing N N 220 
MET CA  C    sing N N 221 
MET CA  CB   sing N N 222 
MET CA  HA   sing N N 223 
MET C   O    doub N N 224 
MET C   OXT  sing N N 225 
MET CB  CG   sing N N 226 
MET CB  HB2  sing N N 227 
MET CB  HB3  sing N N 228 
MET CG  SD   sing N N 229 
MET CG  HG2  sing N N 230 
MET CG  HG3  sing N N 231 
MET SD  CE   sing N N 232 
MET CE  HE1  sing N N 233 
MET CE  HE2  sing N N 234 
MET CE  HE3  sing N N 235 
MET OXT HXT  sing N N 236 
NXM C9  C8   sing N N 237 
NXM C9  C10  sing N N 238 
NXM C8  C10  sing N N 239 
NXM C8  C7   sing N N 240 
NXM N2  C7   doub Y N 241 
NXM N2  O    sing Y N 242 
NXM C7  N1   sing Y N 243 
NXM C3  C2   sing N N 244 
NXM C3  N    sing N N 245 
NXM O   C6   sing Y N 246 
NXM C2  C1   sing N N 247 
NXM N1  C6   doub Y N 248 
NXM N   C4   sing N N 249 
NXM C6  C    sing N N 250 
NXM C1  C    sing N N 251 
NXM C1  C5   sing N N 252 
NXM C4  C5   sing N N 253 
NXM C4  H1   sing N N 254 
NXM C4  H2   sing N N 255 
NXM C5  H3   sing N N 256 
NXM C5  H4   sing N N 257 
NXM C8  H5   sing N N 258 
NXM C10 H6   sing N N 259 
NXM C10 H7   sing N N 260 
NXM N   H8   sing N N 261 
NXM C   H10  sing N N 262 
NXM C   H11  sing N N 263 
NXM C1  H12  sing N N 264 
NXM C2  H13  sing N N 265 
NXM C2  H14  sing N N 266 
NXM C3  H15  sing N N 267 
NXM C3  H16  sing N N 268 
NXM C9  H17  sing N N 269 
NXM C9  H18  sing N N 270 
PHE N   CA   sing N N 271 
PHE N   H    sing N N 272 
PHE N   H2   sing N N 273 
PHE CA  C    sing N N 274 
PHE CA  CB   sing N N 275 
PHE CA  HA   sing N N 276 
PHE C   O    doub N N 277 
PHE C   OXT  sing N N 278 
PHE CB  CG   sing N N 279 
PHE CB  HB2  sing N N 280 
PHE CB  HB3  sing N N 281 
PHE CG  CD1  doub Y N 282 
PHE CG  CD2  sing Y N 283 
PHE CD1 CE1  sing Y N 284 
PHE CD1 HD1  sing N N 285 
PHE CD2 CE2  doub Y N 286 
PHE CD2 HD2  sing N N 287 
PHE CE1 CZ   doub Y N 288 
PHE CE1 HE1  sing N N 289 
PHE CE2 CZ   sing Y N 290 
PHE CE2 HE2  sing N N 291 
PHE CZ  HZ   sing N N 292 
PHE OXT HXT  sing N N 293 
PRO N   CA   sing N N 294 
PRO N   CD   sing N N 295 
PRO N   H    sing N N 296 
PRO CA  C    sing N N 297 
PRO CA  CB   sing N N 298 
PRO CA  HA   sing N N 299 
PRO C   O    doub N N 300 
PRO C   OXT  sing N N 301 
PRO CB  CG   sing N N 302 
PRO CB  HB2  sing N N 303 
PRO CB  HB3  sing N N 304 
PRO CG  CD   sing N N 305 
PRO CG  HG2  sing N N 306 
PRO CG  HG3  sing N N 307 
PRO CD  HD2  sing N N 308 
PRO CD  HD3  sing N N 309 
PRO OXT HXT  sing N N 310 
SER N   CA   sing N N 311 
SER N   H    sing N N 312 
SER N   H2   sing N N 313 
SER CA  C    sing N N 314 
SER CA  CB   sing N N 315 
SER CA  HA   sing N N 316 
SER C   O    doub N N 317 
SER C   OXT  sing N N 318 
SER CB  OG   sing N N 319 
SER CB  HB2  sing N N 320 
SER CB  HB3  sing N N 321 
SER OG  HG   sing N N 322 
SER OXT HXT  sing N N 323 
THR N   CA   sing N N 324 
THR N   H    sing N N 325 
THR N   H2   sing N N 326 
THR CA  C    sing N N 327 
THR CA  CB   sing N N 328 
THR CA  HA   sing N N 329 
THR C   O    doub N N 330 
THR C   OXT  sing N N 331 
THR CB  OG1  sing N N 332 
THR CB  CG2  sing N N 333 
THR CB  HB   sing N N 334 
THR OG1 HG1  sing N N 335 
THR CG2 HG21 sing N N 336 
THR CG2 HG22 sing N N 337 
THR CG2 HG23 sing N N 338 
THR OXT HXT  sing N N 339 
TRP N   CA   sing N N 340 
TRP N   H    sing N N 341 
TRP N   H2   sing N N 342 
TRP CA  C    sing N N 343 
TRP CA  CB   sing N N 344 
TRP CA  HA   sing N N 345 
TRP C   O    doub N N 346 
TRP C   OXT  sing N N 347 
TRP CB  CG   sing N N 348 
TRP CB  HB2  sing N N 349 
TRP CB  HB3  sing N N 350 
TRP CG  CD1  doub Y N 351 
TRP CG  CD2  sing Y N 352 
TRP CD1 NE1  sing Y N 353 
TRP CD1 HD1  sing N N 354 
TRP CD2 CE2  doub Y N 355 
TRP CD2 CE3  sing Y N 356 
TRP NE1 CE2  sing Y N 357 
TRP NE1 HE1  sing N N 358 
TRP CE2 CZ2  sing Y N 359 
TRP CE3 CZ3  doub Y N 360 
TRP CE3 HE3  sing N N 361 
TRP CZ2 CH2  doub Y N 362 
TRP CZ2 HZ2  sing N N 363 
TRP CZ3 CH2  sing Y N 364 
TRP CZ3 HZ3  sing N N 365 
TRP CH2 HH2  sing N N 366 
TRP OXT HXT  sing N N 367 
TYR N   CA   sing N N 368 
TYR N   H    sing N N 369 
TYR N   H2   sing N N 370 
TYR CA  C    sing N N 371 
TYR CA  CB   sing N N 372 
TYR CA  HA   sing N N 373 
TYR C   O    doub N N 374 
TYR C   OXT  sing N N 375 
TYR CB  CG   sing N N 376 
TYR CB  HB2  sing N N 377 
TYR CB  HB3  sing N N 378 
TYR CG  CD1  doub Y N 379 
TYR CG  CD2  sing Y N 380 
TYR CD1 CE1  sing Y N 381 
TYR CD1 HD1  sing N N 382 
TYR CD2 CE2  doub Y N 383 
TYR CD2 HD2  sing N N 384 
TYR CE1 CZ   doub Y N 385 
TYR CE1 HE1  sing N N 386 
TYR CE2 CZ   sing Y N 387 
TYR CE2 HE2  sing N N 388 
TYR CZ  OH   sing N N 389 
TYR OH  HH   sing N N 390 
TYR OXT HXT  sing N N 391 
VAL N   CA   sing N N 392 
VAL N   H    sing N N 393 
VAL N   H2   sing N N 394 
VAL CA  C    sing N N 395 
VAL CA  CB   sing N N 396 
VAL CA  HA   sing N N 397 
VAL C   O    doub N N 398 
VAL C   OXT  sing N N 399 
VAL CB  CG1  sing N N 400 
VAL CB  CG2  sing N N 401 
VAL CB  HB   sing N N 402 
VAL CG1 HG11 sing N N 403 
VAL CG1 HG12 sing N N 404 
VAL CG1 HG13 sing N N 405 
VAL CG2 HG21 sing N N 406 
VAL CG2 HG22 sing N N 407 
VAL CG2 HG23 sing N N 408 
VAL OXT HXT  sing N N 409 
# 
_pdbx_deposit_group.group_id            G_1002080 
_pdbx_deposit_group.group_description   
;Human Brachyury screened against the DSI-poised Fragment Library by X-ray Crystallography at the XChem facility of Diamond Light Source beamline I04-1
;
_pdbx_deposit_group.group_title         'PanDDA analysis group deposition' 
_pdbx_deposit_group.group_type          'changed state' 
# 
_pdbx_entity_instance_feature.ordinal        1 
_pdbx_entity_instance_feature.comp_id        NXM 
_pdbx_entity_instance_feature.asym_id        ? 
_pdbx_entity_instance_feature.seq_num        ? 
_pdbx_entity_instance_feature.auth_comp_id   NXM 
_pdbx_entity_instance_feature.auth_asym_id   ? 
_pdbx_entity_instance_feature.auth_seq_num   ? 
_pdbx_entity_instance_feature.feature_type   'SUBJECT OF INVESTIGATION' 
_pdbx_entity_instance_feature.details        ? 
# 
_atom_sites.entry_id                    5QRP 
_atom_sites.fract_transf_matrix[1][1]   0.00253076 
_atom_sites.fract_transf_matrix[1][2]   -0.00897778 
_atom_sites.fract_transf_matrix[1][3]   -0.01372548 
_atom_sites.fract_transf_matrix[2][1]   0.01557236 
_atom_sites.fract_transf_matrix[2][2]   0.00567365 
_atom_sites.fract_transf_matrix[2][3]   -0.00083981 
_atom_sites.fract_transf_matrix[3][1]   0.00281957 
_atom_sites.fract_transf_matrix[3][2]   -0.00698552 
_atom_sites.fract_transf_matrix[3][3]   0.00508908 
_atom_sites.fract_transf_vector[1]      0.344870 
_atom_sites.fract_transf_vector[2]      -0.022491 
_atom_sites.fract_transf_vector[3]      0.060308 
# 
loop_
_atom_type.symbol 
C  
CD 
N  
O  
S  
# 
loop_
_atom_site.group_PDB 
_atom_site.id 
_atom_site.type_symbol 
_atom_site.label_atom_id 
_atom_site.label_alt_id 
_atom_site.label_comp_id 
_atom_site.label_asym_id 
_atom_site.label_entity_id 
_atom_site.label_seq_id 
_atom_site.pdbx_PDB_ins_code 
_atom_site.Cartn_x 
_atom_site.Cartn_y 
_atom_site.Cartn_z 
_atom_site.occupancy 
_atom_site.B_iso_or_equiv 
_atom_site.pdbx_formal_charge 
_atom_site.auth_seq_id 
_atom_site.auth_comp_id 
_atom_site.auth_asym_id 
_atom_site.auth_atom_id 
_atom_site.pdbx_PDB_model_num 
ATOM   1    N  N   . GLU A 1 2   ? -8.005  -20.940 -10.067 1.00 75.77  ? 41  GLU A N   1 
ATOM   2    C  CA  . GLU A 1 2   ? -7.388  -19.623 -10.412 1.00 71.08  ? 41  GLU A CA  1 
ATOM   3    C  C   . GLU A 1 2   ? -7.081  -18.889 -9.089  1.00 65.57  ? 41  GLU A C   1 
ATOM   4    O  O   . GLU A 1 2   ? -7.909  -18.934 -8.153  1.00 59.67  ? 41  GLU A O   1 
ATOM   5    C  CB  . GLU A 1 2   ? -8.308  -18.853 -11.380 1.00 72.93  ? 41  GLU A CB  1 
ATOM   6    C  CG  . GLU A 1 2   ? -7.625  -18.296 -12.635 1.00 72.88  ? 41  GLU A CG  1 
ATOM   7    C  CD  . GLU A 1 2   ? -7.628  -19.174 -13.887 1.00 79.28  ? 41  GLU A CD  1 
ATOM   8    O  OE1 . GLU A 1 2   ? -7.978  -18.670 -14.995 1.00 74.47  ? 41  GLU A OE1 1 
ATOM   9    O  OE2 . GLU A 1 2   ? -7.250  -20.356 -13.769 1.00 77.89  ? 41  GLU A OE2 1 
ATOM   10   N  N   . LEU A 1 3   ? -5.895  -18.290 -8.993  1.00 59.63  ? 42  LEU A N   1 
ATOM   11   C  CA  . LEU A 1 3   ? -5.449  -17.449 -7.849  1.00 59.31  ? 42  LEU A CA  1 
ATOM   12   C  C   . LEU A 1 3   ? -6.320  -16.183 -7.776  1.00 54.63  ? 42  LEU A C   1 
ATOM   13   O  O   . LEU A 1 3   ? -6.308  -15.426 -8.749  1.00 54.96  ? 42  LEU A O   1 
ATOM   14   C  CB  . LEU A 1 3   ? -3.971  -17.125 -8.083  1.00 58.61  ? 42  LEU A CB  1 
ATOM   15   C  CG  . LEU A 1 3   ? -3.271  -16.233 -7.061  1.00 61.45  ? 42  LEU A CG  1 
ATOM   16   C  CD1 . LEU A 1 3   ? -3.891  -16.338 -5.674  1.00 63.89  ? 42  LEU A CD1 1 
ATOM   17   C  CD2 . LEU A 1 3   ? -1.786  -16.579 -7.011  1.00 62.99  ? 42  LEU A CD2 1 
ATOM   18   N  N   . ARG A 1 4   ? -7.067  -15.989 -6.683  1.00 48.16  ? 43  ARG A N   1 
ATOM   19   C  CA  . ARG A 1 4   ? -7.974  -14.829 -6.472  1.00 45.54  ? 43  ARG A CA  1 
ATOM   20   C  C   . ARG A 1 4   ? -7.438  -13.954 -5.331  1.00 48.68  ? 43  ARG A C   1 
ATOM   21   O  O   . ARG A 1 4   ? -7.203  -14.489 -4.227  1.00 44.37  ? 43  ARG A O   1 
ATOM   22   C  CB  . ARG A 1 4   ? -9.393  -15.307 -6.153  1.00 42.47  ? 43  ARG A CB  1 
ATOM   23   N  N   . VAL A 1 5   ? -7.260  -12.654 -5.587  1.00 49.93  ? 44  VAL A N   1 
ATOM   24   C  CA  . VAL A 1 5   ? -6.818  -11.641 -4.581  1.00 47.18  ? 44  VAL A CA  1 
ATOM   25   C  C   . VAL A 1 5   ? -7.958  -10.639 -4.389  1.00 49.92  ? 44  VAL A C   1 
ATOM   26   O  O   . VAL A 1 5   ? -8.344  -10.037 -5.402  1.00 47.94  ? 44  VAL A O   1 
ATOM   27   C  CB  . VAL A 1 5   ? -5.528  -10.928 -5.034  1.00 47.47  ? 44  VAL A CB  1 
ATOM   28   C  CG1 . VAL A 1 5   ? -5.110  -9.825  -4.067  1.00 44.85  ? 44  VAL A CG1 1 
ATOM   29   C  CG2 . VAL A 1 5   ? -4.383  -11.901 -5.249  1.00 46.48  ? 44  VAL A CG2 1 
ATOM   30   N  N   . GLY A 1 6   ? -8.433  -10.458 -3.149  1.00 47.71  ? 45  GLY A N   1 
ATOM   31   C  CA  . GLY A 1 6   ? -9.517  -9.530  -2.769  1.00 47.52  ? 45  GLY A CA  1 
ATOM   32   C  C   . GLY A 1 6   ? -9.090  -8.563  -1.669  1.00 46.72  ? 45  GLY A C   1 
ATOM   33   O  O   . GLY A 1 6   ? -8.268  -8.934  -0.804  1.00 43.17  ? 45  GLY A O   1 
ATOM   34   N  N   . LEU A 1 7   ? -9.638  -7.350  -1.685  1.00 43.66  ? 46  LEU A N   1 
ATOM   35   C  CA  . LEU A 1 7   ? -9.394  -6.334  -0.636  1.00 40.75  ? 46  LEU A CA  1 
ATOM   36   C  C   . LEU A 1 7   ? -10.366 -6.573  0.526   1.00 42.84  ? 46  LEU A C   1 
ATOM   37   O  O   . LEU A 1 7   ? -11.576 -6.613  0.270   1.00 41.60  ? 46  LEU A O   1 
ATOM   38   C  CB  . LEU A 1 7   ? -9.596  -4.953  -1.264  1.00 39.83  ? 46  LEU A CB  1 
ATOM   39   C  CG  . LEU A 1 7   ? -9.435  -3.773  -0.311  1.00 36.56  ? 46  LEU A CG  1 
ATOM   40   C  CD1 . LEU A 1 7   ? -8.071  -3.805  0.342   1.00 33.64  ? 46  LEU A CD1 1 
ATOM   41   C  CD2 . LEU A 1 7   ? -9.648  -2.463  -1.039  1.00 36.92  ? 46  LEU A CD2 1 
ATOM   42   N  N   . GLU A 1 8   ? -9.859  -6.741  1.752   1.00 38.35  ? 47  GLU A N   1 
ATOM   43   C  CA  . GLU A 1 8   ? -10.699 -6.815  2.974   1.00 40.11  ? 47  GLU A CA  1 
ATOM   44   C  C   . GLU A 1 8   ? -11.051 -5.374  3.362   1.00 42.67  ? 47  GLU A C   1 
ATOM   45   O  O   . GLU A 1 8   ? -10.208 -4.470  3.123   1.00 40.69  ? 47  GLU A O   1 
ATOM   46   C  CB  . GLU A 1 8   ? -9.983  -7.610  4.072   1.00 46.65  ? 47  GLU A CB  1 
ATOM   47   C  CG  . GLU A 1 8   ? -10.775 -7.739  5.374   1.00 53.37  ? 47  GLU A CG  1 
ATOM   48   C  CD  . GLU A 1 8   ? -11.752 -8.906  5.478   1.00 57.84  ? 47  GLU A CD  1 
ATOM   49   O  OE1 . GLU A 1 8   ? -11.864 -9.661  4.501   1.00 61.36  ? 47  GLU A OE1 1 
ATOM   50   O  OE2 . GLU A 1 8   ? -12.397 -9.065  6.551   1.00 63.79  ? 47  GLU A OE2 1 
ATOM   51   N  N   . GLU A 1 9   ? -12.266 -5.163  3.877   1.00 41.02  ? 48  GLU A N   1 
ATOM   52   C  CA  . GLU A 1 9   ? -12.797 -3.843  4.314   1.00 43.42  ? 48  GLU A CA  1 
ATOM   53   C  C   . GLU A 1 9   ? -12.767 -2.829  3.162   1.00 40.68  ? 48  GLU A C   1 
ATOM   54   O  O   . GLU A 1 9   ? -12.389 -1.670  3.408   1.00 38.81  ? 48  GLU A O   1 
ATOM   55   C  CB  . GLU A 1 9   ? -11.970 -3.260  5.464   1.00 49.16  ? 48  GLU A CB  1 
ATOM   56   C  CG  . GLU A 1 9   ? -11.850 -4.148  6.688   1.00 56.08  ? 48  GLU A CG  1 
ATOM   57   C  CD  . GLU A 1 9   ? -11.040 -3.525  7.817   1.00 60.60  ? 48  GLU A CD  1 
ATOM   58   O  OE1 . GLU A 1 9   ? -11.110 -2.290  7.988   1.00 64.53  ? 48  GLU A OE1 1 
ATOM   59   O  OE2 . GLU A 1 9   ? -10.324 -4.267  8.514   1.00 63.16  ? 48  GLU A OE2 1 
ATOM   60   N  N   . SER A 1 10  ? -13.200 -3.199  1.956   1.00 36.49  ? 49  SER A N   1 
ATOM   61   C  CA  . SER A 1 10  ? -13.279 -2.250  0.812   1.00 39.46  ? 49  SER A CA  1 
ATOM   62   C  C   . SER A 1 10  ? -14.252 -1.107  1.135   1.00 36.43  ? 49  SER A C   1 
ATOM   63   O  O   . SER A 1 10  ? -13.908 0.038   0.821   1.00 37.29  ? 49  SER A O   1 
ATOM   64   C  CB  . SER A 1 10  ? -13.636 -2.961  -0.481  1.00 41.74  ? 49  SER A CB  1 
ATOM   65   O  OG  . SER A 1 10  ? -14.787 -3.762  -0.282  1.00 47.78  ? 49  SER A OG  1 
ATOM   66   N  N   . GLU A 1 11  ? -15.429 -1.407  1.706   1.00 40.67  ? 50  GLU A N   1 
ATOM   67   C  CA  . GLU A 1 11  ? -16.396 -0.421  2.289   1.00 46.97  ? 50  GLU A CA  1 
ATOM   68   C  C   . GLU A 1 11  ? -15.646 0.800   2.851   1.00 41.78  ? 50  GLU A C   1 
ATOM   69   O  O   . GLU A 1 11  ? -15.947 1.948   2.441   1.00 44.92  ? 50  GLU A O   1 
ATOM   70   C  CB  . GLU A 1 11  ? -17.222 -1.080  3.404   1.00 48.10  ? 50  GLU A CB  1 
ATOM   71   C  CG  . GLU A 1 11  ? -17.580 -0.164  4.576   1.00 56.99  ? 50  GLU A CG  1 
ATOM   72   C  CD  . GLU A 1 11  ? -18.700 0.820   4.284   1.00 59.65  ? 50  GLU A CD  1 
ATOM   73   O  OE1 . GLU A 1 11  ? -19.131 1.530   5.205   1.00 60.23  ? 50  GLU A OE1 1 
ATOM   74   O  OE2 . GLU A 1 11  ? -19.143 0.866   3.128   1.00 73.32  ? 50  GLU A OE2 1 
ATOM   75   N  N   . LEU A 1 12  ? -14.722 0.548   3.772   1.00 40.25  ? 51  LEU A N   1 
ATOM   76   C  CA  . LEU A 1 12  ? -14.044 1.582   4.601   1.00 44.24  ? 51  LEU A CA  1 
ATOM   77   C  C   . LEU A 1 12  ? -13.026 2.335   3.742   1.00 40.04  ? 51  LEU A C   1 
ATOM   78   O  O   . LEU A 1 12  ? -12.960 3.579   3.810   1.00 37.17  ? 51  LEU A O   1 
ATOM   79   C  CB  . LEU A 1 12  ? -13.338 0.903   5.778   1.00 47.15  ? 51  LEU A CB  1 
ATOM   80   C  CG  . LEU A 1 12  ? -12.592 1.862   6.709   1.00 52.38  ? 51  LEU A CG  1 
ATOM   81   C  CD1 . LEU A 1 12  ? -13.528 2.938   7.235   1.00 51.77  ? 51  LEU A CD1 1 
ATOM   82   C  CD2 . LEU A 1 12  ? -11.926 1.118   7.852   1.00 53.32  ? 51  LEU A CD2 1 
ATOM   83   N  N   . TRP A 1 13  ? -12.213 1.601   2.985   1.00 34.84  ? 52  TRP A N   1 
ATOM   84   C  CA  . TRP A 1 13  ? -11.247 2.221   2.047   1.00 31.03  ? 52  TRP A CA  1 
ATOM   85   C  C   . TRP A 1 13  ? -11.980 3.189   1.115   1.00 34.42  ? 52  TRP A C   1 
ATOM   86   O  O   . TRP A 1 13  ? -11.439 4.276   0.879   1.00 34.92  ? 52  TRP A O   1 
ATOM   87   C  CB  . TRP A 1 13  ? -10.514 1.154   1.247   1.00 28.46  ? 52  TRP A CB  1 
ATOM   88   C  CG  . TRP A 1 13  ? -9.354  0.536   1.951   1.00 27.36  ? 52  TRP A CG  1 
ATOM   89   C  CD1 . TRP A 1 13  ? -9.286  -0.712  2.484   1.00 27.69  ? 52  TRP A CD1 1 
ATOM   90   C  CD2 . TRP A 1 13  ? -8.052  1.123   2.143   1.00 28.68  ? 52  TRP A CD2 1 
ATOM   91   N  NE1 . TRP A 1 13  ? -8.046  -0.937  3.013   1.00 29.20  ? 52  TRP A NE1 1 
ATOM   92   C  CE2 . TRP A 1 13  ? -7.264  0.171   2.818   1.00 26.44  ? 52  TRP A CE2 1 
ATOM   93   C  CE3 . TRP A 1 13  ? -7.503  2.380   1.875   1.00 27.44  ? 52  TRP A CE3 1 
ATOM   94   C  CZ2 . TRP A 1 13  ? -5.935  0.407   3.159   1.00 27.36  ? 52  TRP A CZ2 1 
ATOM   95   C  CZ3 . TRP A 1 13  ? -6.194  2.622   2.225   1.00 27.43  ? 52  TRP A CZ3 1 
ATOM   96   C  CH2 . TRP A 1 13  ? -5.417  1.646   2.865   1.00 28.77  ? 52  TRP A CH2 1 
ATOM   97   N  N   . LEU A 1 14  ? -13.167 2.820   0.619   1.00 35.97  ? 53  LEU A N   1 
ATOM   98   C  CA  . LEU A 1 14  ? -13.916 3.663   -0.357  1.00 40.43  ? 53  LEU A CA  1 
ATOM   99   C  C   . LEU A 1 14  ? -14.359 4.981   0.306   1.00 39.48  ? 53  LEU A C   1 
ATOM   100  O  O   . LEU A 1 14  ? -14.375 6.007   -0.403  1.00 38.41  ? 53  LEU A O   1 
ATOM   101  C  CB  . LEU A 1 14  ? -15.102 2.878   -0.937  1.00 44.20  ? 53  LEU A CB  1 
ATOM   102  C  CG  . LEU A 1 14  ? -14.891 2.227   -2.314  1.00 49.84  ? 53  LEU A CG  1 
ATOM   103  C  CD1 . LEU A 1 14  ? -13.419 2.050   -2.673  1.00 55.18  ? 53  LEU A CD1 1 
ATOM   104  C  CD2 . LEU A 1 14  ? -15.616 0.893   -2.403  1.00 52.61  ? 53  LEU A CD2 1 
ATOM   105  N  N   . ARG A 1 15  ? -14.666 4.980   1.608   1.00 39.12  ? 54  ARG A N   1 
ATOM   106  C  CA  . ARG A 1 15  ? -14.989 6.229   2.350   1.00 43.61  ? 54  ARG A CA  1 
ATOM   107  C  C   . ARG A 1 15  ? -13.777 7.167   2.288   1.00 37.91  ? 54  ARG A C   1 
ATOM   108  O  O   . ARG A 1 15  ? -13.997 8.379   2.116   1.00 41.56  ? 54  ARG A O   1 
ATOM   109  C  CB  . ARG A 1 15  ? -15.340 5.987   3.823   1.00 50.03  ? 54  ARG A CB  1 
ATOM   110  C  CG  . ARG A 1 15  ? -16.385 4.908   4.070   1.00 58.28  ? 54  ARG A CG  1 
ATOM   111  C  CD  . ARG A 1 15  ? -17.784 5.458   4.216   1.00 63.29  ? 54  ARG A CD  1 
ATOM   112  N  NE  . ARG A 1 15  ? -17.963 6.171   5.473   1.00 65.37  ? 54  ARG A NE  1 
ATOM   113  C  CZ  . ARG A 1 15  ? -18.175 5.598   6.655   1.00 67.02  ? 54  ARG A CZ  1 
ATOM   114  N  NH1 . ARG A 1 15  ? -18.211 4.280   6.781   1.00 67.52  ? 54  ARG A NH1 1 
ATOM   115  N  NH2 . ARG A 1 15  ? -18.335 6.360   7.721   1.00 68.77  ? 54  ARG A NH2 1 
ATOM   116  N  N   . PHE A 1 16  ? -12.563 6.643   2.469   1.00 31.11  ? 55  PHE A N   1 
ATOM   117  C  CA  . PHE A 1 16  ? -11.308 7.448   2.454   1.00 30.75  ? 55  PHE A CA  1 
ATOM   118  C  C   . PHE A 1 16  ? -11.062 7.921   1.034   1.00 32.41  ? 55  PHE A C   1 
ATOM   119  O  O   . PHE A 1 16  ? -10.741 9.110   0.820   1.00 34.04  ? 55  PHE A O   1 
ATOM   120  C  CB  . PHE A 1 16  ? -10.092 6.672   2.967   1.00 29.52  ? 55  PHE A CB  1 
ATOM   121  C  CG  . PHE A 1 16  ? -10.052 6.567   4.467   1.00 30.41  ? 55  PHE A CG  1 
ATOM   122  C  CD1 . PHE A 1 16  ? -9.468  7.576   5.222   1.00 30.36  ? 55  PHE A CD1 1 
ATOM   123  C  CD2 . PHE A 1 16  ? -10.642 5.499   5.122   1.00 28.52  ? 55  PHE A CD2 1 
ATOM   124  C  CE1 . PHE A 1 16  ? -9.461  7.497   6.606   1.00 29.47  ? 55  PHE A CE1 1 
ATOM   125  C  CE2 . PHE A 1 16  ? -10.625 5.414   6.505   1.00 30.94  ? 55  PHE A CE2 1 
ATOM   126  C  CZ  . PHE A 1 16  ? -10.056 6.426   7.240   1.00 31.36  ? 55  PHE A CZ  1 
ATOM   127  N  N   . LYS A 1 17  ? -11.185 6.985   0.079   1.00 33.48  ? 56  LYS A N   1 
ATOM   128  C  CA  . LYS A 1 17  ? -10.956 7.306   -1.347  1.00 34.10  ? 56  LYS A CA  1 
ATOM   129  C  C   . LYS A 1 17  ? -11.925 8.394   -1.799  1.00 33.71  ? 56  LYS A C   1 
ATOM   130  O  O   . LYS A 1 17  ? -11.450 9.268   -2.537  1.00 33.72  ? 56  LYS A O   1 
ATOM   131  C  CB  . LYS A 1 17  ? -11.037 6.088   -2.273  1.00 35.21  ? 56  LYS A CB  1 
ATOM   132  C  CG  . LYS A 1 17  ? -10.812 6.468   -3.731  1.00 37.24  ? 56  LYS A CG  1 
ATOM   133  C  CD  . LYS A 1 17  ? -10.228 5.408   -4.594  1.00 40.12  ? 56  LYS A CD  1 
ATOM   134  C  CE  . LYS A 1 17  ? -10.094 5.866   -6.030  1.00 37.64  ? 56  LYS A CE  1 
ATOM   135  N  NZ  . LYS A 1 17  ? -9.907  4.693   -6.904  1.00 40.34  ? 56  LYS A NZ  1 
ATOM   136  N  N   . GLU A 1 18  ? -13.211 8.383   -1.409  1.00 37.00  ? 57  GLU A N   1 
ATOM   137  C  CA  . GLU A 1 18  ? -14.140 9.423   -1.952  1.00 40.62  ? 57  GLU A CA  1 
ATOM   138  C  C   . GLU A 1 18  ? -13.679 10.815  -1.485  1.00 37.77  ? 57  GLU A C   1 
ATOM   139  O  O   . GLU A 1 18  ? -13.979 11.781  -2.202  1.00 39.89  ? 57  GLU A O   1 
ATOM   140  C  CB  . GLU A 1 18  ? -15.631 9.134   -1.729  1.00 47.52  ? 57  GLU A CB  1 
ATOM   141  C  CG  . GLU A 1 18  ? -16.064 8.762   -0.326  1.00 58.29  ? 57  GLU A CG  1 
ATOM   142  C  CD  . GLU A 1 18  ? -17.415 8.051   -0.262  1.00 66.02  ? 57  GLU A CD  1 
ATOM   143  O  OE1 . GLU A 1 18  ? -17.916 7.618   -1.334  1.00 70.36  ? 57  GLU A OE1 1 
ATOM   144  O  OE2 . GLU A 1 18  ? -17.975 7.922   0.858   1.00 57.06  ? 57  GLU A OE2 1 
ATOM   145  N  N   . LEU A 1 19  ? -12.886 10.925  -0.411  1.00 37.91  ? 58  LEU A N   1 
ATOM   146  C  CA  . LEU A 1 19  ? -12.386 12.235  0.121   1.00 39.86  ? 58  LEU A CA  1 
ATOM   147  C  C   . LEU A 1 19  ? -11.009 12.591  -0.435  1.00 35.44  ? 58  LEU A C   1 
ATOM   148  O  O   . LEU A 1 19  ? -10.508 13.690  -0.093  1.00 34.27  ? 58  LEU A O   1 
ATOM   149  C  CB  . LEU A 1 19  ? -12.297 12.170  1.647   1.00 38.15  ? 58  LEU A CB  1 
ATOM   150  C  CG  . LEU A 1 19  ? -13.595 11.829  2.378   1.00 38.58  ? 58  LEU A CG  1 
ATOM   151  C  CD1 . LEU A 1 19  ? -13.321 11.601  3.860   1.00 42.62  ? 58  LEU A CD1 1 
ATOM   152  C  CD2 . LEU A 1 19  ? -14.638 12.920  2.197   1.00 40.69  ? 58  LEU A CD2 1 
ATOM   153  N  N   . THR A 1 20  ? -10.391 11.692  -1.207  1.00 32.44  ? 59  THR A N   1 
ATOM   154  C  CA  . THR A 1 20  ? -8.930  11.675  -1.496  1.00 30.30  ? 59  THR A CA  1 
ATOM   155  C  C   . THR A 1 20  ? -8.153  11.287  -0.232  1.00 31.00  ? 59  THR A C   1 
ATOM   156  O  O   . THR A 1 20  ? -8.001  12.122  0.716   1.00 31.68  ? 59  THR A O   1 
ATOM   157  C  CB  . THR A 1 20  ? -8.423  13.001  -2.064  1.00 32.38  ? 59  THR A CB  1 
ATOM   158  O  OG1 . THR A 1 20  ? -9.297  13.394  -3.118  1.00 35.39  ? 59  THR A OG1 1 
ATOM   159  C  CG2 . THR A 1 20  ? -7.001  12.923  -2.554  1.00 34.75  ? 59  THR A CG2 1 
ATOM   160  N  N   . ASN A 1 21  ? -7.646  10.059  -0.197  1.00 30.96  ? 60  ASN A N   1 
ATOM   161  C  CA  . ASN A 1 21  ? -6.985  9.503   1.007   1.00 30.06  ? 60  ASN A CA  1 
ATOM   162  C  C   . ASN A 1 21  ? -5.599  10.149  1.137   1.00 31.77  ? 60  ASN A C   1 
ATOM   163  O  O   . ASN A 1 21  ? -4.986  10.545  0.126   1.00 30.00  ? 60  ASN A O   1 
ATOM   164  C  CB  . ASN A 1 21  ? -6.973  7.972   0.946   1.00 29.38  ? 60  ASN A CB  1 
ATOM   165  C  CG  . ASN A 1 21  ? -6.725  7.305   2.279   1.00 33.97  ? 60  ASN A CG  1 
ATOM   166  O  OD1 . ASN A 1 21  ? -6.551  7.975   3.316   1.00 32.86  ? 60  ASN A OD1 1 
ATOM   167  N  ND2 . ASN A 1 21  ? -6.758  5.980   2.260   1.00 29.59  ? 60  ASN A ND2 1 
ATOM   168  N  N   . GLU A 1 22  ? -5.132  10.320  2.366   1.00 29.43  ? 61  GLU A N   1 
ATOM   169  C  CA  . GLU A 1 22  ? -3.775  10.837  2.653   1.00 29.41  ? 61  GLU A CA  1 
ATOM   170  C  C   . GLU A 1 22  ? -3.139  9.856   3.627   1.00 29.86  ? 61  GLU A C   1 
ATOM   171  O  O   . GLU A 1 22  ? -3.907  9.345   4.492   1.00 33.55  ? 61  GLU A O   1 
ATOM   172  C  CB  . GLU A 1 22  ? -3.839  12.240  3.267   1.00 32.20  ? 61  GLU A CB  1 
ATOM   173  C  CG  . GLU A 1 22  ? -4.783  13.191  2.573   1.00 33.03  ? 61  GLU A CG  1 
ATOM   174  C  CD  . GLU A 1 22  ? -4.858  14.577  3.190   1.00 33.99  ? 61  GLU A CD  1 
ATOM   175  O  OE1 . GLU A 1 22  ? -5.849  15.273  2.930   1.00 34.50  ? 61  GLU A OE1 1 
ATOM   176  O  OE2 . GLU A 1 22  ? -3.901  14.953  3.884   1.00 37.48  ? 61  GLU A OE2 1 
ATOM   177  N  N   . MET A 1 23  ? -1.838  9.608   3.501   1.00 29.70  ? 62  MET A N   1 
ATOM   178  C  CA  . MET A 1 23  ? -1.037  8.804   4.449   1.00 31.97  ? 62  MET A CA  1 
ATOM   179  C  C   . MET A 1 23  ? 0.148   9.642   4.907   1.00 31.90  ? 62  MET A C   1 
ATOM   180  O  O   . MET A 1 23  ? 0.824   10.250  4.065   1.00 31.22  ? 62  MET A O   1 
ATOM   181  C  CB  . MET A 1 23  ? -0.499  7.498   3.843   1.00 30.76  ? 62  MET A CB  1 
ATOM   182  C  CG  . MET A 1 23  ? -1.576  6.517   3.523   1.00 32.15  ? 62  MET A CG  1 
ATOM   183  S  SD  . MET A 1 23  ? -2.327  5.689   4.968   1.00 31.26  ? 62  MET A SD  1 
ATOM   184  C  CE  . MET A 1 23  ? -3.630  4.821   4.099   1.00 33.02  ? 62  MET A CE  1 
ATOM   185  N  N   . ILE A 1 24  ? 0.388   9.674   6.219   1.00 31.05  ? 63  ILE A N   1 
ATOM   186  C  CA  . ILE A 1 24  ? 1.521   10.458  6.780   1.00 34.22  ? 63  ILE A CA  1 
ATOM   187  C  C   . ILE A 1 24  ? 2.822   9.711   6.532   1.00 32.92  ? 63  ILE A C   1 
ATOM   188  O  O   . ILE A 1 24  ? 2.868   8.493   6.795   1.00 35.16  ? 63  ILE A O   1 
ATOM   189  C  CB  . ILE A 1 24  ? 1.358   10.704  8.288   1.00 38.29  ? 63  ILE A CB  1 
ATOM   190  C  CG1 . ILE A 1 24  ? -0.012  11.287  8.638   1.00 42.68  ? 63  ILE A CG1 1 
ATOM   191  C  CG2 . ILE A 1 24  ? 2.522   11.570  8.759   1.00 39.96  ? 63  ILE A CG2 1 
ATOM   192  C  CD1 . ILE A 1 24  ? -0.120  12.751  8.403   1.00 42.38  ? 63  ILE A CD1 1 
ATOM   193  N  N   . VAL A 1 25  ? 3.854   10.447  6.131   1.00 36.28  ? 64  VAL A N   1 
ATOM   194  C  CA  . VAL A 1 25  ? 5.253   9.958   6.041   1.00 37.22  ? 64  VAL A CA  1 
ATOM   195  C  C   . VAL A 1 25  ? 6.102   10.759  7.039   1.00 41.33  ? 64  VAL A C   1 
ATOM   196  O  O   . VAL A 1 25  ? 5.872   11.960  7.173   1.00 43.20  ? 64  VAL A O   1 
ATOM   197  C  CB  . VAL A 1 25  ? 5.746   10.074  4.595   1.00 37.06  ? 64  VAL A CB  1 
ATOM   198  C  CG1 . VAL A 1 25  ? 4.897   9.208   3.680   1.00 37.79  ? 64  VAL A CG1 1 
ATOM   199  C  CG2 . VAL A 1 25  ? 5.732   11.510  4.098   1.00 37.70  ? 64  VAL A CG2 1 
ATOM   200  N  N   . THR A 1 26  ? 7.000   10.089  7.758   1.00 41.90  ? 65  THR A N   1 
ATOM   201  C  CA  . THR A 1 26  ? 7.887   10.704  8.785   1.00 46.58  ? 65  THR A CA  1 
ATOM   202  C  C   . THR A 1 26  ? 9.306   10.242  8.480   1.00 51.22  ? 65  THR A C   1 
ATOM   203  O  O   . THR A 1 26  ? 9.456   9.294   7.685   1.00 43.76  ? 65  THR A O   1 
ATOM   204  C  CB  . THR A 1 26  ? 7.485   10.347  10.223  1.00 39.07  ? 65  THR A CB  1 
ATOM   205  O  OG1 . THR A 1 26  ? 7.743   8.965   10.459  1.00 41.95  ? 65  THR A OG1 1 
ATOM   206  C  CG2 . THR A 1 26  ? 6.047   10.679  10.544  1.00 41.80  ? 65  THR A CG2 1 
ATOM   207  N  N   . LYS A 1 27  ? 10.307  10.886  9.078   1.00 50.30  ? 66  LYS A N   1 
ATOM   208  C  CA  . LYS A 1 27  ? 11.731  10.521  8.870   1.00 50.63  ? 66  LYS A CA  1 
ATOM   209  C  C   . LYS A 1 27  ? 11.957  9.090   9.376   1.00 48.68  ? 66  LYS A C   1 
ATOM   210  O  O   . LYS A 1 27  ? 12.776  8.371   8.762   1.00 48.53  ? 66  LYS A O   1 
ATOM   211  C  CB  . LYS A 1 27  ? 12.645  11.535  9.568   1.00 57.83  ? 66  LYS A CB  1 
ATOM   212  C  CG  . LYS A 1 27  ? 14.124  11.173  9.584   1.00 60.89  ? 66  LYS A CG  1 
ATOM   213  C  CD  . LYS A 1 27  ? 15.040  12.387  9.555   1.00 74.30  ? 66  LYS A CD  1 
ATOM   214  C  CE  . LYS A 1 27  ? 16.509  12.017  9.503   1.00 78.71  ? 66  LYS A CE  1 
ATOM   215  N  NZ  . LYS A 1 27  ? 16.973  11.461  10.796  1.00 83.05  ? 66  LYS A NZ  1 
ATOM   216  N  N   . ASN A 1 28  ? 11.240  8.692   10.433  1.00 51.58  ? 67  ASN A N   1 
ATOM   217  C  CA  . ASN A 1 28  ? 11.404  7.388   11.127  1.00 56.40  ? 67  ASN A CA  1 
ATOM   218  C  C   . ASN A 1 28  ? 10.430  6.351   10.546  1.00 52.51  ? 67  ASN A C   1 
ATOM   219  O  O   . ASN A 1 28  ? 10.724  5.144   10.650  1.00 43.39  ? 67  ASN A O   1 
ATOM   220  C  CB  . ASN A 1 28  ? 11.233  7.539   12.642  1.00 60.92  ? 67  ASN A CB  1 
ATOM   221  C  CG  . ASN A 1 28  ? 12.515  7.918   13.358  1.00 64.89  ? 67  ASN A CG  1 
ATOM   222  O  OD1 . ASN A 1 28  ? 13.397  8.563   12.793  1.00 59.68  ? 67  ASN A OD1 1 
ATOM   223  N  ND2 . ASN A 1 28  ? 12.629  7.512   14.613  1.00 70.51  ? 67  ASN A ND2 1 
ATOM   224  N  N   . GLY A 1 29  ? 9.310   6.805   9.973   1.00 50.92  ? 68  GLY A N   1 
ATOM   225  C  CA  . GLY A 1 29  ? 8.320   5.928   9.321   1.00 42.99  ? 68  GLY A CA  1 
ATOM   226  C  C   . GLY A 1 29  ? 7.055   5.840   10.135  1.00 42.26  ? 68  GLY A C   1 
ATOM   227  O  O   . GLY A 1 29  ? 7.151   5.683   11.372  1.00 46.19  ? 68  GLY A O   1 
ATOM   228  N  N   . ARG A 1 30  ? 5.912   5.958   9.471   1.00 35.06  ? 69  ARG A N   1 
ATOM   229  C  CA  . ARG A 1 30  ? 4.565   5.936   10.083  1.00 36.69  ? 69  ARG A CA  1 
ATOM   230  C  C   . ARG A 1 30  ? 3.808   4.746   9.511   1.00 38.02  ? 69  ARG A C   1 
ATOM   231  O  O   . ARG A 1 30  ? 3.816   4.562   8.267   1.00 36.56  ? 69  ARG A O   1 
ATOM   232  C  CB  . ARG A 1 30  ? 3.835   7.255   9.824   1.00 36.85  ? 69  ARG A CB  1 
ATOM   233  C  CG  . ARG A 1 30  ? 2.437   7.332   10.413  1.00 40.52  ? 69  ARG A CG  1 
ATOM   234  C  CD  . ARG A 1 30  ? 2.487   7.341   11.938  1.00 42.91  ? 69  ARG A CD  1 
ATOM   235  N  NE  . ARG A 1 30  ? 3.253   8.474   12.432  1.00 47.87  ? 69  ARG A NE  1 
ATOM   236  C  CZ  . ARG A 1 30  ? 2.782   9.716   12.562  1.00 50.74  ? 69  ARG A CZ  1 
ATOM   237  N  NH1 . ARG A 1 30  ? 3.568   10.668  13.032  1.00 53.59  ? 69  ARG A NH1 1 
ATOM   238  N  NH2 . ARG A 1 30  ? 1.532   10.002  12.242  1.00 50.62  ? 69  ARG A NH2 1 
ATOM   239  N  N   . ARG A 1 31  ? 3.181   3.959   10.378  1.00 36.97  ? 70  ARG A N   1 
ATOM   240  C  CA  . ARG A 1 31  ? 2.284   2.874   9.929   1.00 38.90  ? 70  ARG A CA  1 
ATOM   241  C  C   . ARG A 1 31  ? 1.049   3.496   9.274   1.00 35.05  ? 70  ARG A C   1 
ATOM   242  O  O   . ARG A 1 31  ? 0.707   4.667   9.564   1.00 35.50  ? 70  ARG A O   1 
ATOM   243  C  CB  . ARG A 1 31  ? 1.963   1.902   11.066  1.00 40.42  ? 70  ARG A CB  1 
ATOM   244  C  CG  . ARG A 1 31  ? 3.053   0.858   11.232  1.00 49.26  ? 70  ARG A CG  1 
ATOM   245  C  CD  . ARG A 1 31  ? 3.536   0.697   12.646  1.00 58.67  ? 70  ARG A CD  1 
ATOM   246  N  NE  . ARG A 1 31  ? 2.798   -0.308  13.391  1.00 65.22  ? 70  ARG A NE  1 
ATOM   247  C  CZ  . ARG A 1 31  ? 2.780   -0.392  14.722  1.00 70.31  ? 70  ARG A CZ  1 
ATOM   248  N  NH1 . ARG A 1 31  ? 3.438   0.485   15.469  1.00 72.68  ? 70  ARG A NH1 1 
ATOM   249  N  NH2 . ARG A 1 31  ? 2.090   -1.356  15.303  1.00 68.87  ? 70  ARG A NH2 1 
ATOM   250  N  N   . MET A 1 32  ? 0.464   2.733   8.359   1.00 33.26  ? 71  MET A N   1 
ATOM   251  C  CA  . MET A 1 32  ? -0.734  3.081   7.567   1.00 31.68  ? 71  MET A CA  1 
ATOM   252  C  C   . MET A 1 32  ? -2.003  2.844   8.378   1.00 31.15  ? 71  MET A C   1 
ATOM   253  O  O   . MET A 1 32  ? -2.072  1.832   9.124   1.00 31.85  ? 71  MET A O   1 
ATOM   254  C  CB  . MET A 1 32  ? -0.809  2.176   6.324   1.00 31.66  ? 71  MET A CB  1 
ATOM   255  C  CG  . MET A 1 32  ? 0.326   2.424   5.356   1.00 33.04  ? 71  MET A CG  1 
ATOM   256  S  SD  . MET A 1 32  ? 0.261   1.323   3.942   1.00 32.36  ? 71  MET A SD  1 
ATOM   257  C  CE  . MET A 1 32  ? -1.277  1.822   3.184   1.00 33.01  ? 71  MET A CE  1 
ATOM   258  N  N   . PHE A 1 33  ? -2.987  3.715   8.173   1.00 31.51  ? 72  PHE A N   1 
ATOM   259  C  CA  . PHE A 1 33  ? -4.408  3.494   8.532   1.00 31.33  ? 72  PHE A CA  1 
ATOM   260  C  C   . PHE A 1 33  ? -5.253  4.095   7.426   1.00 33.16  ? 72  PHE A C   1 
ATOM   261  O  O   . PHE A 1 33  ? -5.082  5.268   7.098   1.00 37.54  ? 72  PHE A O   1 
ATOM   262  C  CB  . PHE A 1 33  ? -4.856  4.164   9.841   1.00 34.42  ? 72  PHE A CB  1 
ATOM   263  C  CG  . PHE A 1 33  ? -6.275  3.775   10.194  1.00 34.49  ? 72  PHE A CG  1 
ATOM   264  C  CD1 . PHE A 1 33  ? -6.531  2.552   10.797  1.00 35.28  ? 72  PHE A CD1 1 
ATOM   265  C  CD2 . PHE A 1 33  ? -7.359  4.552   9.815   1.00 36.19  ? 72  PHE A CD2 1 
ATOM   266  C  CE1 . PHE A 1 33  ? -7.830  2.147   11.068  1.00 35.21  ? 72  PHE A CE1 1 
ATOM   267  C  CE2 . PHE A 1 33  ? -8.663  4.155   10.095  1.00 36.79  ? 72  PHE A CE2 1 
ATOM   268  C  CZ  . PHE A 1 33  ? -8.895  2.957   10.737  1.00 36.83  ? 72  PHE A CZ  1 
ATOM   269  N  N   . PRO A 1 34  ? -6.198  3.334   6.851   1.00 32.92  ? 73  PRO A N   1 
ATOM   270  C  CA  . PRO A 1 34  ? -6.345  1.915   7.165   1.00 34.26  ? 73  PRO A CA  1 
ATOM   271  C  C   . PRO A 1 34  ? -5.128  1.071   6.736   1.00 30.35  ? 73  PRO A C   1 
ATOM   272  O  O   . PRO A 1 34  ? -4.267  1.535   6.007   1.00 31.76  ? 73  PRO A O   1 
ATOM   273  C  CB  . PRO A 1 34  ? -7.617  1.466   6.442   1.00 37.05  ? 73  PRO A CB  1 
ATOM   274  C  CG  . PRO A 1 34  ? -8.234  2.733   5.864   1.00 36.16  ? 73  PRO A CG  1 
ATOM   275  C  CD  . PRO A 1 34  ? -7.187  3.821   5.889   1.00 35.04  ? 73  PRO A CD  1 
ATOM   276  N  N   . VAL A 1 35  ? -5.046  -0.113  7.331   1.00 33.77  ? 74  VAL A N   1 
ATOM   277  C  CA  . VAL A 1 35  ? -4.062  -1.177  7.023   1.00 32.26  ? 74  VAL A CA  1 
ATOM   278  C  C   . VAL A 1 35  ? -4.550  -1.902  5.765   1.00 30.43  ? 74  VAL A C   1 
ATOM   279  O  O   . VAL A 1 35  ? -5.749  -2.267  5.683   1.00 31.06  ? 74  VAL A O   1 
ATOM   280  C  CB  . VAL A 1 35  ? -3.939  -2.167  8.199   1.00 36.92  ? 74  VAL A CB  1 
ATOM   281  C  CG1 . VAL A 1 35  ? -3.105  -3.377  7.817   1.00 38.79  ? 74  VAL A CG1 1 
ATOM   282  C  CG2 . VAL A 1 35  ? -3.383  -1.500  9.453   1.00 38.67  ? 74  VAL A CG2 1 
ATOM   283  N  N   . LEU A 1 36  ? -3.643  -2.177  4.855   1.00 31.46  ? 75  LEU A N   1 
ATOM   284  C  CA  . LEU A 1 36  ? -3.982  -3.039  3.696   1.00 32.24  ? 75  LEU A CA  1 
ATOM   285  C  C   . LEU A 1 36  ? -4.127  -4.482  4.193   1.00 32.55  ? 75  LEU A C   1 
ATOM   286  O  O   . LEU A 1 36  ? -3.124  -5.072  4.673   1.00 30.10  ? 75  LEU A O   1 
ATOM   287  C  CB  . LEU A 1 36  ? -2.901  -2.905  2.633   1.00 33.80  ? 75  LEU A CB  1 
ATOM   288  C  CG  . LEU A 1 36  ? -3.109  -3.749  1.375   1.00 37.68  ? 75  LEU A CG  1 
ATOM   289  C  CD1 . LEU A 1 36  ? -4.323  -3.280  0.609   1.00 40.21  ? 75  LEU A CD1 1 
ATOM   290  C  CD2 . LEU A 1 36  ? -1.873  -3.677  0.498   1.00 39.50  ? 75  LEU A CD2 1 
ATOM   291  N  N   . LYS A 1 37  ? -5.323  -5.052  4.061   1.00 34.11  ? 76  LYS A N   1 
ATOM   292  C  CA  . LYS A 1 37  ? -5.577  -6.489  4.359   1.00 35.49  ? 76  LYS A CA  1 
ATOM   293  C  C   . LYS A 1 37  ? -6.138  -7.138  3.099   1.00 36.96  ? 76  LYS A C   1 
ATOM   294  O  O   . LYS A 1 37  ? -7.083  -6.562  2.518   1.00 37.15  ? 76  LYS A O   1 
ATOM   295  C  CB  . LYS A 1 37  ? -6.567  -6.619  5.517   1.00 42.08  ? 76  LYS A CB  1 
ATOM   296  C  CG  . LYS A 1 37  ? -6.067  -5.989  6.805   1.00 43.38  ? 76  LYS A CG  1 
ATOM   297  C  CD  . LYS A 1 37  ? -7.131  -5.808  7.847   1.00 47.81  ? 76  LYS A CD  1 
ATOM   298  C  CE  . LYS A 1 37  ? -6.611  -4.999  9.018   1.00 51.75  ? 76  LYS A CE  1 
ATOM   299  N  NZ  . LYS A 1 37  ? -7.327  -5.347  10.266  1.00 56.30  ? 76  LYS A NZ  1 
ATOM   300  N  N   . VAL A 1 38  ? -5.580  -8.279  2.698   1.00 38.77  ? 77  VAL A N   1 
ATOM   301  C  CA  . VAL A 1 38  ? -5.930  -8.937  1.408   1.00 42.04  ? 77  VAL A CA  1 
ATOM   302  C  C   . VAL A 1 38  ? -6.477  -10.338 1.700   1.00 42.51  ? 77  VAL A C   1 
ATOM   303  O  O   . VAL A 1 38  ? -5.873  -11.063 2.487   1.00 36.64  ? 77  VAL A O   1 
ATOM   304  C  CB  . VAL A 1 38  ? -4.720  -8.971  0.458   1.00 44.18  ? 77  VAL A CB  1 
ATOM   305  C  CG1 . VAL A 1 38  ? -4.036  -7.611  0.373   1.00 47.84  ? 77  VAL A CG1 1 
ATOM   306  C  CG2 . VAL A 1 38  ? -3.717  -10.024 0.858   1.00 49.30  ? 77  VAL A CG2 1 
ATOM   307  N  N   . ASN A 1 39  ? -7.576  -10.692 1.043   1.00 41.84  ? 78  ASN A N   1 
ATOM   308  C  CA  . ASN A 1 39  ? -8.126  -12.063 1.030   1.00 44.79  ? 78  ASN A CA  1 
ATOM   309  C  C   . ASN A 1 39  ? -7.489  -12.778 -0.162  1.00 40.67  ? 78  ASN A C   1 
ATOM   310  O  O   . ASN A 1 39  ? -7.487  -12.224 -1.283  1.00 40.19  ? 78  ASN A O   1 
ATOM   311  C  CB  . ASN A 1 39  ? -9.654  -12.012 1.049   1.00 50.38  ? 78  ASN A CB  1 
ATOM   312  C  CG  . ASN A 1 39  ? -10.172 -11.334 2.299   1.00 55.80  ? 78  ASN A CG  1 
ATOM   313  O  OD1 . ASN A 1 39  ? -9.778  -11.679 3.413   1.00 59.10  ? 78  ASN A OD1 1 
ATOM   314  N  ND2 . ASN A 1 39  ? -11.037 -10.349 2.127   1.00 58.64  ? 78  ASN A ND2 1 
ATOM   315  N  N   . VAL A 1 40  ? -6.886  -13.934 0.089   1.00 40.48  ? 79  VAL A N   1 
ATOM   316  C  CA  . VAL A 1 40  ? -6.254  -14.756 -0.973  1.00 41.15  ? 79  VAL A CA  1 
ATOM   317  C  C   . VAL A 1 40  ? -6.840  -16.168 -0.911  1.00 44.58  ? 79  VAL A C   1 
ATOM   318  O  O   . VAL A 1 40  ? -6.900  -16.735 0.191   1.00 45.90  ? 79  VAL A O   1 
ATOM   319  C  CB  . VAL A 1 40  ? -4.727  -14.762 -0.833  1.00 43.15  ? 79  VAL A CB  1 
ATOM   320  C  CG1 . VAL A 1 40  ? -4.087  -15.664 -1.864  1.00 43.04  ? 79  VAL A CG1 1 
ATOM   321  C  CG2 . VAL A 1 40  ? -4.173  -13.347 -0.952  1.00 43.80  ? 79  VAL A CG2 1 
ATOM   322  N  N   . SER A 1 41  ? -7.277  -16.672 -2.065  1.00 44.36  ? 80  SER A N   1 
ATOM   323  C  CA  . SER A 1 41  ? -7.675  -18.086 -2.288  1.00 42.97  ? 80  SER A CA  1 
ATOM   324  C  C   . SER A 1 41  ? -7.000  -18.599 -3.558  1.00 39.17  ? 80  SER A C   1 
ATOM   325  O  O   . SER A 1 41  ? -6.527  -17.783 -4.364  1.00 43.62  ? 80  SER A O   1 
ATOM   326  C  CB  . SER A 1 41  ? -9.181  -18.233 -2.339  1.00 46.30  ? 80  SER A CB  1 
ATOM   327  O  OG  . SER A 1 41  ? -9.754  -17.411 -3.344  1.00 46.12  ? 80  SER A OG  1 
ATOM   328  N  N   . GLY A 1 42  ? -6.941  -19.920 -3.721  1.00 46.01  ? 81  GLY A N   1 
ATOM   329  C  CA  . GLY A 1 42  ? -6.479  -20.556 -4.967  1.00 40.23  ? 81  GLY A CA  1 
ATOM   330  C  C   . GLY A 1 42  ? -4.989  -20.808 -4.960  1.00 43.53  ? 81  GLY A C   1 
ATOM   331  O  O   . GLY A 1 42  ? -4.482  -21.285 -5.972  1.00 43.93  ? 81  GLY A O   1 
ATOM   332  N  N   . LEU A 1 43  ? -4.294  -20.528 -3.852  1.00 42.77  ? 82  LEU A N   1 
ATOM   333  C  CA  . LEU A 1 43  ? -2.894  -20.985 -3.683  1.00 42.12  ? 82  LEU A CA  1 
ATOM   334  C  C   . LEU A 1 43  ? -2.900  -22.505 -3.462  1.00 43.54  ? 82  LEU A C   1 
ATOM   335  O  O   . LEU A 1 43  ? -3.915  -23.037 -2.981  1.00 43.26  ? 82  LEU A O   1 
ATOM   336  C  CB  . LEU A 1 43  ? -2.251  -20.281 -2.489  1.00 43.54  ? 82  LEU A CB  1 
ATOM   337  C  CG  . LEU A 1 43  ? -2.128  -18.760 -2.603  1.00 46.40  ? 82  LEU A CG  1 
ATOM   338  C  CD1 . LEU A 1 43  ? -1.484  -18.189 -1.345  1.00 47.46  ? 82  LEU A CD1 1 
ATOM   339  C  CD2 . LEU A 1 43  ? -1.327  -18.380 -3.838  1.00 44.52  ? 82  LEU A CD2 1 
ATOM   340  N  N   . ASP A 1 44  ? -1.798  -23.161 -3.817  1.00 47.32  ? 83  ASP A N   1 
ATOM   341  C  CA  . ASP A 1 44  ? -1.485  -24.559 -3.418  1.00 48.22  ? 83  ASP A CA  1 
ATOM   342  C  C   . ASP A 1 44  ? -1.163  -24.534 -1.925  1.00 50.03  ? 83  ASP A C   1 
ATOM   343  O  O   . ASP A 1 44  ? -0.159  -23.948 -1.528  1.00 49.92  ? 83  ASP A O   1 
ATOM   344  C  CB  . ASP A 1 44  ? -0.350  -25.077 -4.301  1.00 51.98  ? 83  ASP A CB  1 
ATOM   345  C  CG  . ASP A 1 44  ? 0.081   -26.511 -4.052  1.00 52.16  ? 83  ASP A CG  1 
ATOM   346  O  OD1 . ASP A 1 44  ? -0.070  -26.990 -2.916  1.00 52.15  ? 83  ASP A OD1 1 
ATOM   347  O  OD2 . ASP A 1 44  ? 0.601   -27.111 -4.999  1.00 53.74  ? 83  ASP A OD2 1 
ATOM   348  N  N   . PRO A 1 45  ? -2.006  -25.125 -1.046  1.00 47.38  ? 84  PRO A N   1 
ATOM   349  C  CA  . PRO A 1 45  ? -1.792  -25.032 0.396   1.00 47.48  ? 84  PRO A CA  1 
ATOM   350  C  C   . PRO A 1 45  ? -0.376  -25.471 0.788   1.00 47.71  ? 84  PRO A C   1 
ATOM   351  O  O   . PRO A 1 45  ? 0.115   -25.020 1.795   1.00 48.93  ? 84  PRO A O   1 
ATOM   352  C  CB  . PRO A 1 45  ? -2.831  -25.987 1.008   1.00 49.16  ? 84  PRO A CB  1 
ATOM   353  C  CG  . PRO A 1 45  ? -3.886  -26.171 -0.065  1.00 49.24  ? 84  PRO A CG  1 
ATOM   354  C  CD  . PRO A 1 45  ? -3.190  -25.930 -1.387  1.00 49.08  ? 84  PRO A CD  1 
ATOM   355  N  N   . ASN A 1 46  ? 0.251   -26.305 -0.044  1.00 52.44  ? 85  ASN A N   1 
ATOM   356  C  CA  . ASN A 1 46  ? 1.545   -26.976 0.251   1.00 50.73  ? 85  ASN A CA  1 
ATOM   357  C  C   . ASN A 1 46  ? 2.710   -26.275 -0.442  1.00 47.80  ? 85  ASN A C   1 
ATOM   358  O  O   . ASN A 1 46  ? 3.859   -26.635 -0.124  1.00 47.51  ? 85  ASN A O   1 
ATOM   359  C  CB  . ASN A 1 46  ? 1.476   -28.454 -0.127  1.00 51.37  ? 85  ASN A CB  1 
ATOM   360  C  CG  . ASN A 1 46  ? 0.621   -29.199 0.868   1.00 53.36  ? 85  ASN A CG  1 
ATOM   361  O  OD1 . ASN A 1 46  ? 0.965   -29.244 2.047   1.00 56.03  ? 85  ASN A OD1 1 
ATOM   362  N  ND2 . ASN A 1 46  ? -0.502  -29.730 0.415   1.00 53.88  ? 85  ASN A ND2 1 
ATOM   363  N  N   . ALA A 1 47  ? 2.437   -25.345 -1.363  1.00 45.56  ? 86  ALA A N   1 
ATOM   364  C  CA  . ALA A 1 47  ? 3.475   -24.546 -2.051  1.00 41.46  ? 86  ALA A CA  1 
ATOM   365  C  C   . ALA A 1 47  ? 3.944   -23.440 -1.103  1.00 36.70  ? 86  ALA A C   1 
ATOM   366  O  O   . ALA A 1 47  ? 3.236   -23.140 -0.127  1.00 41.65  ? 86  ALA A O   1 
ATOM   367  C  CB  . ALA A 1 47  ? 2.964   -23.990 -3.353  1.00 41.63  ? 86  ALA A CB  1 
ATOM   368  N  N   . MET A 1 48  ? 5.120   -22.890 -1.376  1.00 44.08  ? 87  MET A N   1 
ATOM   369  C  CA  . MET A 1 48  ? 5.789   -21.850 -0.554  1.00 42.07  ? 87  MET A CA  1 
ATOM   370  C  C   . MET A 1 48  ? 5.645   -20.498 -1.267  1.00 37.89  ? 87  MET A C   1 
ATOM   371  O  O   . MET A 1 48  ? 5.849   -20.479 -2.471  1.00 38.91  ? 87  MET A O   1 
ATOM   372  C  CB  . MET A 1 48  ? 7.269   -22.198 -0.407  1.00 47.05  ? 87  MET A CB  1 
ATOM   373  C  CG  . MET A 1 48  ? 7.509   -23.595 0.162   1.00 56.23  ? 87  MET A CG  1 
ATOM   374  S  SD  . MET A 1 48  ? 8.090   -23.570 1.865   1.00 59.42  ? 87  MET A SD  1 
ATOM   375  C  CE  . MET A 1 48  ? 7.205   -22.127 2.453   1.00 47.61  ? 87  MET A CE  1 
ATOM   376  N  N   . TYR A 1 49  ? 5.272   -19.434 -0.544  1.00 38.12  ? 88  TYR A N   1 
ATOM   377  C  CA  . TYR A 1 49  ? 5.073   -18.076 -1.112  1.00 36.80  ? 88  TYR A CA  1 
ATOM   378  C  C   . TYR A 1 49  ? 5.657   -17.000 -0.184  1.00 35.49  ? 88  TYR A C   1 
ATOM   379  O  O   . TYR A 1 49  ? 5.680   -17.182 1.043   1.00 34.60  ? 88  TYR A O   1 
ATOM   380  C  CB  . TYR A 1 49  ? 3.587   -17.786 -1.329  1.00 36.65  ? 88  TYR A CB  1 
ATOM   381  C  CG  . TYR A 1 49  ? 2.845   -18.788 -2.179  1.00 40.13  ? 88  TYR A CG  1 
ATOM   382  C  CD1 . TYR A 1 49  ? 2.704   -18.615 -3.549  1.00 39.80  ? 88  TYR A CD1 1 
ATOM   383  C  CD2 . TYR A 1 49  ? 2.292   -19.924 -1.614  1.00 38.03  ? 88  TYR A CD2 1 
ATOM   384  C  CE1 . TYR A 1 49  ? 2.036   -19.540 -4.332  1.00 40.49  ? 88  TYR A CE1 1 
ATOM   385  C  CE2 . TYR A 1 49  ? 1.618   -20.864 -2.381  1.00 41.82  ? 88  TYR A CE2 1 
ATOM   386  C  CZ  . TYR A 1 49  ? 1.498   -20.677 -3.749  1.00 40.62  ? 88  TYR A CZ  1 
ATOM   387  O  OH  . TYR A 1 49  ? 0.820   -21.586 -4.505  1.00 39.77  ? 88  TYR A OH  1 
ATOM   388  N  N   . SER A 1 50  ? 6.101   -15.882 -0.766  1.00 32.33  ? 89  SER A N   1 
ATOM   389  C  CA  . SER A 1 50  ? 6.382   -14.614 -0.053  1.00 32.51  ? 89  SER A CA  1 
ATOM   390  C  C   . SER A 1 50  ? 5.400   -13.552 -0.553  1.00 35.78  ? 89  SER A C   1 
ATOM   391  O  O   . SER A 1 50  ? 5.023   -13.626 -1.736  1.00 30.81  ? 89  SER A O   1 
ATOM   392  C  CB  . SER A 1 50  ? 7.806   -14.203 -0.215  1.00 34.01  ? 89  SER A CB  1 
ATOM   393  O  OG  . SER A 1 50  ? 8.651   -15.225 0.276   1.00 37.37  ? 89  SER A OG  1 
ATOM   394  N  N   . PHE A 1 51  ? 4.889   -12.717 0.352   1.00 30.75  ? 90  PHE A N   1 
ATOM   395  C  CA  . PHE A 1 51  ? 3.979   -11.599 0.014   1.00 31.42  ? 90  PHE A CA  1 
ATOM   396  C  C   . PHE A 1 51  ? 4.764   -10.299 0.123   1.00 34.92  ? 90  PHE A C   1 
ATOM   397  O  O   . PHE A 1 51  ? 5.359   -9.974  1.204   1.00 32.98  ? 90  PHE A O   1 
ATOM   398  C  CB  . PHE A 1 51  ? 2.741   -11.590 0.898   1.00 32.85  ? 90  PHE A CB  1 
ATOM   399  C  CG  . PHE A 1 51  ? 1.628   -12.485 0.432   1.00 33.73  ? 90  PHE A CG  1 
ATOM   400  C  CD1 . PHE A 1 51  ? 0.382   -11.961 0.145   1.00 36.41  ? 90  PHE A CD1 1 
ATOM   401  C  CD2 . PHE A 1 51  ? 1.819   -13.850 0.290   1.00 33.00  ? 90  PHE A CD2 1 
ATOM   402  C  CE1 . PHE A 1 51  ? -0.660  -12.787 -0.235  1.00 37.42  ? 90  PHE A CE1 1 
ATOM   403  C  CE2 . PHE A 1 51  ? 0.776   -14.674 -0.094  1.00 37.23  ? 90  PHE A CE2 1 
ATOM   404  C  CZ  . PHE A 1 51  ? -0.456  -14.143 -0.372  1.00 35.61  ? 90  PHE A CZ  1 
ATOM   405  N  N   . LEU A 1 52  ? 4.783   -9.577  -0.999  1.00 32.79  ? 91  LEU A N   1 
ATOM   406  C  CA  . LEU A 1 52  ? 5.569   -8.339  -1.187  1.00 30.39  ? 91  LEU A CA  1 
ATOM   407  C  C   . LEU A 1 52  ? 4.570   -7.207  -1.380  1.00 32.61  ? 91  LEU A C   1 
ATOM   408  O  O   . LEU A 1 52  ? 3.504   -7.455  -1.999  1.00 28.19  ? 91  LEU A O   1 
ATOM   409  C  CB  . LEU A 1 52  ? 6.456   -8.486  -2.417  1.00 33.80  ? 91  LEU A CB  1 
ATOM   410  C  CG  . LEU A 1 52  ? 7.834   -9.104  -2.207  1.00 37.32  ? 91  LEU A CG  1 
ATOM   411  C  CD1 . LEU A 1 52  ? 7.752   -10.416 -1.451  1.00 39.15  ? 91  LEU A CD1 1 
ATOM   412  C  CD2 . LEU A 1 52  ? 8.518   -9.298  -3.552  1.00 35.67  ? 91  LEU A CD2 1 
ATOM   413  N  N   . LEU A 1 53  ? 4.912   -6.017  -0.893  1.00 27.89  ? 92  LEU A N   1 
ATOM   414  C  CA  . LEU A 1 53  ? 4.060   -4.823  -1.017  1.00 29.03  ? 92  LEU A CA  1 
ATOM   415  C  C   . LEU A 1 53  ? 4.922   -3.725  -1.630  1.00 26.62  ? 92  LEU A C   1 
ATOM   416  O  O   . LEU A 1 53  ? 6.057   -3.514  -1.165  1.00 27.91  ? 92  LEU A O   1 
ATOM   417  C  CB  . LEU A 1 53  ? 3.514   -4.431  0.361   1.00 28.80  ? 92  LEU A CB  1 
ATOM   418  C  CG  . LEU A 1 53  ? 2.843   -3.062  0.429   1.00 29.47  ? 92  LEU A CG  1 
ATOM   419  C  CD1 . LEU A 1 53  ? 1.613   -2.999  -0.442  1.00 28.98  ? 92  LEU A CD1 1 
ATOM   420  C  CD2 . LEU A 1 53  ? 2.480   -2.699  1.875   1.00 29.36  ? 92  LEU A CD2 1 
ATOM   421  N  N   . ASP A 1 54  ? 4.415   -3.039  -2.652  1.00 27.48  ? 93  ASP A N   1 
ATOM   422  C  CA  . ASP A 1 54  ? 5.089   -1.809  -3.124  1.00 25.43  ? 93  ASP A CA  1 
ATOM   423  C  C   . ASP A 1 54  ? 4.020   -0.770  -3.452  1.00 23.57  ? 93  ASP A C   1 
ATOM   424  O  O   . ASP A 1 54  ? 2.817   -1.024  -3.269  1.00 27.87  ? 93  ASP A O   1 
ATOM   425  C  CB  . ASP A 1 54  ? 6.100   -2.090  -4.246  1.00 27.27  ? 93  ASP A CB  1 
ATOM   426  C  CG  . ASP A 1 54  ? 5.504   -2.700  -5.498  1.00 27.05  ? 93  ASP A CG  1 
ATOM   427  O  OD1 . ASP A 1 54  ? 4.255   -2.680  -5.646  1.00 27.46  ? 93  ASP A OD1 1 
ATOM   428  O  OD2 . ASP A 1 54  ? 6.305   -3.189  -6.318  1.00 29.38  ? 93  ASP A OD2 1 
ATOM   429  N  N   . PHE A 1 55  ? 4.480   0.412   -3.808  1.00 26.93  ? 94  PHE A N   1 
ATOM   430  C  CA  . PHE A 1 55  ? 3.625   1.592   -4.045  1.00 26.59  ? 94  PHE A CA  1 
ATOM   431  C  C   . PHE A 1 55  ? 3.981   2.150   -5.415  1.00 26.38  ? 94  PHE A C   1 
ATOM   432  O  O   . PHE A 1 55  ? 5.081   2.648   -5.568  1.00 27.67  ? 94  PHE A O   1 
ATOM   433  C  CB  . PHE A 1 55  ? 3.832   2.604   -2.925  1.00 24.75  ? 94  PHE A CB  1 
ATOM   434  C  CG  . PHE A 1 55  ? 3.486   2.038   -1.570  1.00 25.22  ? 94  PHE A CG  1 
ATOM   435  C  CD1 . PHE A 1 55  ? 2.192   2.122   -1.090  1.00 27.83  ? 94  PHE A CD1 1 
ATOM   436  C  CD2 . PHE A 1 55  ? 4.414   1.317   -0.838  1.00 27.27  ? 94  PHE A CD2 1 
ATOM   437  C  CE1 . PHE A 1 55  ? 1.852   1.594   0.146   1.00 27.53  ? 94  PHE A CE1 1 
ATOM   438  C  CE2 . PHE A 1 55  ? 4.070   0.779   0.396   1.00 26.57  ? 94  PHE A CE2 1 
ATOM   439  C  CZ  . PHE A 1 55  ? 2.781   0.888   0.867   1.00 27.55  ? 94  PHE A CZ  1 
ATOM   440  N  N   . VAL A 1 56  ? 3.047   2.070   -6.348  1.00 28.91  ? 95  VAL A N   1 
ATOM   441  C  CA  . VAL A 1 56  ? 3.252   2.608   -7.723  1.00 28.38  ? 95  VAL A CA  1 
ATOM   442  C  C   . VAL A 1 56  ? 2.895   4.081   -7.677  1.00 25.85  ? 95  VAL A C   1 
ATOM   443  O  O   . VAL A 1 56  ? 1.765   4.363   -7.272  1.00 25.73  ? 95  VAL A O   1 
ATOM   444  C  CB  . VAL A 1 56  ? 2.349   1.885   -8.731  1.00 27.85  ? 95  VAL A CB  1 
ATOM   445  C  CG1 . VAL A 1 56  ? 2.539   2.474   -10.121 1.00 26.94  ? 95  VAL A CG1 1 
ATOM   446  C  CG2 . VAL A 1 56  ? 2.595   0.384   -8.700  1.00 30.81  ? 95  VAL A CG2 1 
ATOM   447  N  N   . ALA A 1 57  ? 3.753   4.955   -8.198  1.00 26.98  ? 96  ALA A N   1 
ATOM   448  C  CA  . ALA A 1 57  ? 3.434   6.379   -8.420  1.00 28.52  ? 96  ALA A CA  1 
ATOM   449  C  C   . ALA A 1 57  ? 2.344   6.439   -9.483  1.00 28.08  ? 96  ALA A C   1 
ATOM   450  O  O   . ALA A 1 57  ? 2.621   6.018   -10.619 1.00 26.07  ? 96  ALA A O   1 
ATOM   451  C  CB  . ALA A 1 57  ? 4.689   7.144   -8.790  1.00 28.91  ? 96  ALA A CB  1 
ATOM   452  N  N   . ALA A 1 58  ? 1.112   6.799   -9.103  1.00 28.18  ? 97  ALA A N   1 
ATOM   453  C  CA  . ALA A 1 58  ? -0.109  6.698   -9.940  1.00 27.53  ? 97  ALA A CA  1 
ATOM   454  C  C   . ALA A 1 58  ? -0.037  7.683   -11.119 1.00 30.01  ? 97  ALA A C   1 
ATOM   455  O  O   . ALA A 1 58  ? -0.669  7.452   -12.189 1.00 28.07  ? 97  ALA A O   1 
ATOM   456  C  CB  . ALA A 1 58  ? -1.334  6.955   -9.112  1.00 29.14  ? 97  ALA A CB  1 
ATOM   457  N  N   . ASP A 1 59  ? 0.690   8.769   -10.917 1.00 30.46  ? 98  ASP A N   1 
ATOM   458  C  CA  . ASP A 1 59  ? 0.987   9.768   -11.970 1.00 32.20  ? 98  ASP A CA  1 
ATOM   459  C  C   . ASP A 1 59  ? 2.353   10.353  -11.651 1.00 33.61  ? 98  ASP A C   1 
ATOM   460  O  O   . ASP A 1 59  ? 2.922   10.023  -10.594 1.00 36.54  ? 98  ASP A O   1 
ATOM   461  C  CB  . ASP A 1 59  ? -0.141  10.791  -12.052 1.00 31.57  ? 98  ASP A CB  1 
ATOM   462  C  CG  . ASP A 1 59  ? -0.306  11.542  -10.729 1.00 32.76  ? 98  ASP A CG  1 
ATOM   463  O  OD1 . ASP A 1 59  ? 0.636   12.250  -10.348 1.00 35.04  ? 98  ASP A OD1 1 
ATOM   464  O  OD2 . ASP A 1 59  ? -1.345  11.368  -10.095 1.00 33.72  ? 98  ASP A OD2 1 
ATOM   465  N  N   . ASN A 1 60  ? 2.855   11.197  -12.541 1.00 34.55  ? 99  ASN A N   1 
ATOM   466  C  CA  . ASN A 1 60  ? 4.217   11.751  -12.449 1.00 34.83  ? 99  ASN A CA  1 
ATOM   467  C  C   . ASN A 1 60  ? 4.184   13.147  -11.827 1.00 36.25  ? 99  ASN A C   1 
ATOM   468  O  O   . ASN A 1 60  ? 5.189   13.852  -11.975 1.00 40.30  ? 99  ASN A O   1 
ATOM   469  C  CB  . ASN A 1 60  ? 4.854   11.782  -13.838 1.00 39.29  ? 99  ASN A CB  1 
ATOM   470  C  CG  . ASN A 1 60  ? 5.098   10.392  -14.367 1.00 40.22  ? 99  ASN A CG  1 
ATOM   471  O  OD1 . ASN A 1 60  ? 5.024   10.188  -15.571 1.00 50.14  ? 99  ASN A OD1 1 
ATOM   472  N  ND2 . ASN A 1 60  ? 5.365   9.443   -13.487 1.00 35.63  ? 99  ASN A ND2 1 
ATOM   473  N  N   . HIS A 1 61  ? 3.111   13.526  -11.128 1.00 37.02  ? 100 HIS A N   1 
ATOM   474  C  CA  . HIS A 1 61  ? 2.925   14.932  -10.691 1.00 36.18  ? 100 HIS A CA  1 
ATOM   475  C  C   . HIS A 1 61  ? 3.080   15.104  -9.170  1.00 42.16  ? 100 HIS A C   1 
ATOM   476  O  O   . HIS A 1 61  ? 2.918   14.118  -8.393  1.00 37.18  ? 100 HIS A O   1 
ATOM   477  C  CB  . HIS A 1 61  ? 1.588   15.455  -11.209 1.00 35.14  ? 100 HIS A CB  1 
ATOM   478  C  CG  . HIS A 1 61  ? 1.496   15.576  -12.694 1.00 39.78  ? 100 HIS A CG  1 
ATOM   479  N  ND1 . HIS A 1 61  ? 1.479   16.816  -13.334 1.00 39.37  ? 100 HIS A ND1 1 
ATOM   480  C  CD2 . HIS A 1 61  ? 1.348   14.640  -13.661 1.00 37.45  ? 100 HIS A CD2 1 
ATOM   481  C  CE1 . HIS A 1 61  ? 1.342   16.628  -14.632 1.00 44.82  ? 100 HIS A CE1 1 
ATOM   482  N  NE2 . HIS A 1 61  ? 1.253   15.298  -14.861 1.00 39.39  ? 100 HIS A NE2 1 
ATOM   483  N  N   . ARG A 1 62  ? 3.400   16.340  -8.783  1.00 43.10  ? 101 ARG A N   1 
ATOM   484  C  CA  . ARG A 1 62  ? 3.347   16.861  -7.395  1.00 43.55  ? 101 ARG A CA  1 
ATOM   485  C  C   . ARG A 1 62  ? 1.941   17.430  -7.166  1.00 38.48  ? 101 ARG A C   1 
ATOM   486  O  O   . ARG A 1 62  ? 1.437   18.202  -8.028  1.00 41.05  ? 101 ARG A O   1 
ATOM   487  C  CB  . ARG A 1 62  ? 4.480   17.880  -7.240  1.00 52.30  ? 101 ARG A CB  1 
ATOM   488  C  CG  . ARG A 1 62  ? 4.368   18.816  -6.042  1.00 60.56  ? 101 ARG A CG  1 
ATOM   489  C  CD  . ARG A 1 62  ? 5.676   19.544  -5.773  1.00 64.62  ? 101 ARG A CD  1 
ATOM   490  N  NE  . ARG A 1 62  ? 6.700   18.580  -5.391  1.00 74.11  ? 101 ARG A NE  1 
ATOM   491  C  CZ  . ARG A 1 62  ? 6.912   18.131  -4.155  1.00 78.63  ? 101 ARG A CZ  1 
ATOM   492  N  NH1 . ARG A 1 62  ? 6.194   18.579  -3.139  1.00 76.28  ? 101 ARG A NH1 1 
ATOM   493  N  NH2 . ARG A 1 62  ? 7.860   17.233  -3.940  1.00 83.85  ? 101 ARG A NH2 1 
ATOM   494  N  N   . TRP A 1 63  ? 1.295   17.042  -6.068  1.00 35.83  ? 102 TRP A N   1 
ATOM   495  C  CA  . TRP A 1 63  ? -0.082  17.474  -5.733  1.00 35.03  ? 102 TRP A CA  1 
ATOM   496  C  C   . TRP A 1 63  ? -0.016  18.503  -4.592  1.00 40.51  ? 102 TRP A C   1 
ATOM   497  O  O   . TRP A 1 63  ? 0.853   18.363  -3.726  1.00 41.60  ? 102 TRP A O   1 
ATOM   498  C  CB  . TRP A 1 63  ? -0.941  16.252  -5.371  1.00 35.46  ? 102 TRP A CB  1 
ATOM   499  C  CG  . TRP A 1 63  ? -1.229  15.343  -6.532  1.00 32.93  ? 102 TRP A CG  1 
ATOM   500  C  CD1 . TRP A 1 63  ? -0.365  14.461  -7.118  1.00 32.89  ? 102 TRP A CD1 1 
ATOM   501  C  CD2 . TRP A 1 63  ? -2.470  15.218  -7.242  1.00 32.46  ? 102 TRP A CD2 1 
ATOM   502  N  NE1 . TRP A 1 63  ? -0.992  13.788  -8.132  1.00 32.79  ? 102 TRP A NE1 1 
ATOM   503  C  CE2 . TRP A 1 63  ? -2.269  14.254  -8.260  1.00 31.48  ? 102 TRP A CE2 1 
ATOM   504  C  CE3 . TRP A 1 63  ? -3.719  15.836  -7.139  1.00 32.26  ? 102 TRP A CE3 1 
ATOM   505  C  CZ2 . TRP A 1 63  ? -3.291  13.858  -9.118  1.00 32.18  ? 102 TRP A CZ2 1 
ATOM   506  C  CZ3 . TRP A 1 63  ? -4.725  15.461  -7.998  1.00 34.32  ? 102 TRP A CZ3 1 
ATOM   507  C  CH2 . TRP A 1 63  ? -4.509  14.480  -8.976  1.00 33.45  ? 102 TRP A CH2 1 
ATOM   508  N  N   . LYS A 1 64  ? -0.928  19.472  -4.583  1.00 43.15  ? 103 LYS A N   1 
ATOM   509  C  CA  . LYS A 1 64  ? -1.025  20.529  -3.541  1.00 46.57  ? 103 LYS A CA  1 
ATOM   510  C  C   . LYS A 1 64  ? -2.501  20.716  -3.178  1.00 44.18  ? 103 LYS A C   1 
ATOM   511  O  O   . LYS A 1 64  ? -3.366  20.604  -4.064  1.00 38.78  ? 103 LYS A O   1 
ATOM   512  C  CB  . LYS A 1 64  ? -0.362  21.823  -4.027  1.00 56.89  ? 103 LYS A CB  1 
ATOM   513  C  CG  . LYS A 1 64  ? -0.096  21.900  -5.527  1.00 67.16  ? 103 LYS A CG  1 
ATOM   514  C  CD  . LYS A 1 64  ? -0.044  23.315  -6.088  1.00 72.09  ? 103 LYS A CD  1 
ATOM   515  C  CE  . LYS A 1 64  ? -0.301  23.363  -7.582  1.00 74.75  ? 103 LYS A CE  1 
ATOM   516  N  NZ  . LYS A 1 64  ? -0.697  24.721  -8.029  1.00 74.97  ? 103 LYS A NZ  1 
ATOM   517  N  N   . TYR A 1 65  ? -2.786  20.953  -1.901  1.00 44.22  ? 104 TYR A N   1 
ATOM   518  C  CA  . TYR A 1 65  ? -4.163  21.163  -1.398  1.00 43.19  ? 104 TYR A CA  1 
ATOM   519  C  C   . TYR A 1 65  ? -4.402  22.669  -1.501  1.00 44.44  ? 104 TYR A C   1 
ATOM   520  O  O   . TYR A 1 65  ? -3.832  23.407  -0.704  1.00 47.51  ? 104 TYR A O   1 
ATOM   521  C  CB  . TYR A 1 65  ? -4.329  20.586  0.008   1.00 39.04  ? 104 TYR A CB  1 
ATOM   522  C  CG  . TYR A 1 65  ? -5.750  20.397  0.476   1.00 41.08  ? 104 TYR A CG  1 
ATOM   523  C  CD1 . TYR A 1 65  ? -6.580  19.454  -0.097  1.00 41.54  ? 104 TYR A CD1 1 
ATOM   524  C  CD2 . TYR A 1 65  ? -6.263  21.132  1.542   1.00 42.03  ? 104 TYR A CD2 1 
ATOM   525  C  CE1 . TYR A 1 65  ? -7.875  19.248  0.356   1.00 42.84  ? 104 TYR A CE1 1 
ATOM   526  C  CE2 . TYR A 1 65  ? -7.555  20.929  2.008   1.00 39.84  ? 104 TYR A CE2 1 
ATOM   527  C  CZ  . TYR A 1 65  ? -8.367  19.990  1.417   1.00 41.76  ? 104 TYR A CZ  1 
ATOM   528  O  OH  . TYR A 1 65  ? -9.647  19.783  1.858   1.00 42.53  ? 104 TYR A OH  1 
ATOM   529  N  N   . VAL A 1 66  ? -5.124  23.074  -2.541  1.00 46.60  ? 105 VAL A N   1 
ATOM   530  C  CA  . VAL A 1 66  ? -5.352  24.496  -2.930  1.00 51.59  ? 105 VAL A CA  1 
ATOM   531  C  C   . VAL A 1 66  ? -6.823  24.797  -2.677  1.00 50.53  ? 105 VAL A C   1 
ATOM   532  O  O   . VAL A 1 66  ? -7.683  24.176  -3.346  1.00 48.02  ? 105 VAL A O   1 
ATOM   533  C  CB  . VAL A 1 66  ? -4.961  24.743  -4.401  1.00 50.56  ? 105 VAL A CB  1 
ATOM   534  C  CG1 . VAL A 1 66  ? -5.548  26.040  -4.943  1.00 53.25  ? 105 VAL A CG1 1 
ATOM   535  C  CG2 . VAL A 1 66  ? -3.453  24.725  -4.569  1.00 49.60  ? 105 VAL A CG2 1 
ATOM   536  N  N   . ASN A 1 67  ? -7.097  25.696  -1.732  1.00 54.97  ? 106 ASN A N   1 
ATOM   537  C  CA  . ASN A 1 67  ? -8.472  26.176  -1.455  1.00 57.54  ? 106 ASN A CA  1 
ATOM   538  C  C   . ASN A 1 67  ? -9.383  24.955  -1.327  1.00 51.15  ? 106 ASN A C   1 
ATOM   539  O  O   . ASN A 1 67  ? -10.340 24.865  -2.099  1.00 47.07  ? 106 ASN A O   1 
ATOM   540  C  CB  . ASN A 1 67  ? -8.939  27.142  -2.549  1.00 64.44  ? 106 ASN A CB  1 
ATOM   541  C  CG  . ASN A 1 67  ? -7.989  28.308  -2.740  1.00 65.77  ? 106 ASN A CG  1 
ATOM   542  O  OD1 . ASN A 1 67  ? -7.490  28.867  -1.768  1.00 64.71  ? 106 ASN A OD1 1 
ATOM   543  N  ND2 . ASN A 1 67  ? -7.721  28.671  -3.985  1.00 63.15  ? 106 ASN A ND2 1 
ATOM   544  N  N   . GLY A 1 68  ? -9.040  24.023  -0.430  1.00 53.50  ? 107 GLY A N   1 
ATOM   545  C  CA  . GLY A 1 68  ? -9.893  22.881  -0.043  1.00 49.26  ? 107 GLY A CA  1 
ATOM   546  C  C   . GLY A 1 68  ? -9.964  21.784  -1.096  1.00 48.50  ? 107 GLY A C   1 
ATOM   547  O  O   . GLY A 1 68  ? -10.868 20.942  -1.001  1.00 46.80  ? 107 GLY A O   1 
ATOM   548  N  N   . GLU A 1 69  ? -9.069  21.776  -2.078  1.00 47.23  ? 108 GLU A N   1 
ATOM   549  C  CA  . GLU A 1 69  ? -9.123  20.773  -3.176  1.00 51.81  ? 108 GLU A CA  1 
ATOM   550  C  C   . GLU A 1 69  ? -7.693  20.377  -3.547  1.00 44.93  ? 108 GLU A C   1 
ATOM   551  O  O   . GLU A 1 69  ? -6.828  21.256  -3.578  1.00 46.36  ? 108 GLU A O   1 
ATOM   552  C  CB  . GLU A 1 69  ? -9.951  21.306  -4.353  1.00 59.31  ? 108 GLU A CB  1 
ATOM   553  C  CG  . GLU A 1 69  ? -9.227  22.302  -5.258  1.00 70.62  ? 108 GLU A CG  1 
ATOM   554  C  CD  . GLU A 1 69  ? -9.830  22.528  -6.643  1.00 81.11  ? 108 GLU A CD  1 
ATOM   555  O  OE1 . GLU A 1 69  ? -10.960 22.047  -6.902  1.00 80.65  ? 108 GLU A OE1 1 
ATOM   556  O  OE2 . GLU A 1 69  ? -9.160  23.193  -7.471  1.00 86.94  ? 108 GLU A OE2 1 
ATOM   557  N  N   . TRP A 1 70  ? -7.451  19.080  -3.766  1.00 45.74  ? 109 TRP A N   1 
ATOM   558  C  CA  . TRP A 1 70  ? -6.150  18.557  -4.258  1.00 39.10  ? 109 TRP A CA  1 
ATOM   559  C  C   . TRP A 1 70  ? -6.035  18.849  -5.759  1.00 41.77  ? 109 TRP A C   1 
ATOM   560  O  O   . TRP A 1 70  ? -6.978  18.508  -6.487  1.00 43.68  ? 109 TRP A O   1 
ATOM   561  C  CB  . TRP A 1 70  ? -6.020  17.050  -3.990  1.00 39.63  ? 109 TRP A CB  1 
ATOM   562  C  CG  . TRP A 1 70  ? -5.673  16.723  -2.573  1.00 36.24  ? 109 TRP A CG  1 
ATOM   563  C  CD1 . TRP A 1 70  ? -6.500  16.214  -1.610  1.00 35.56  ? 109 TRP A CD1 1 
ATOM   564  C  CD2 . TRP A 1 70  ? -4.389  16.884  -1.957  1.00 32.98  ? 109 TRP A CD2 1 
ATOM   565  N  NE1 . TRP A 1 70  ? -5.818  16.063  -0.437  1.00 37.63  ? 109 TRP A NE1 1 
ATOM   566  C  CE2 . TRP A 1 70  ? -4.524  16.472  -0.612  1.00 34.40  ? 109 TRP A CE2 1 
ATOM   567  C  CE3 . TRP A 1 70  ? -3.142  17.323  -2.403  1.00 32.37  ? 109 TRP A CE3 1 
ATOM   568  C  CZ2 . TRP A 1 70  ? -3.454  16.485  0.273   1.00 36.75  ? 109 TRP A CZ2 1 
ATOM   569  C  CZ3 . TRP A 1 70  ? -2.089  17.361  -1.518  1.00 37.68  ? 109 TRP A CZ3 1 
ATOM   570  C  CH2 . TRP A 1 70  ? -2.243  16.941  -0.195  1.00 38.37  ? 109 TRP A CH2 1 
ATOM   571  N  N   . VAL A 1 71  ? -4.914  19.421  -6.202  1.00 42.27  ? 110 VAL A N   1 
ATOM   572  C  CA  . VAL A 1 71  ? -4.688  19.773  -7.641  1.00 43.26  ? 110 VAL A CA  1 
ATOM   573  C  C   . VAL A 1 71  ? -3.268  19.399  -8.018  1.00 39.37  ? 110 VAL A C   1 
ATOM   574  O  O   . VAL A 1 71  ? -2.323  19.630  -7.265  1.00 38.96  ? 110 VAL A O   1 
ATOM   575  C  CB  . VAL A 1 71  ? -5.006  21.250  -7.954  1.00 46.73  ? 110 VAL A CB  1 
ATOM   576  C  CG1 . VAL A 1 71  ? -6.499  21.516  -7.869  1.00 47.21  ? 110 VAL A CG1 1 
ATOM   577  C  CG2 . VAL A 1 71  ? -4.243  22.206  -7.069  1.00 48.20  ? 110 VAL A CG2 1 
ATOM   578  N  N   . PRO A 1 72  ? -3.093  18.739  -9.184  1.00 41.45  ? 111 PRO A N   1 
ATOM   579  C  CA  . PRO A 1 72  ? -1.773  18.364  -9.652  1.00 41.18  ? 111 PRO A CA  1 
ATOM   580  C  C   . PRO A 1 72  ? -1.038  19.567  -10.239 1.00 44.64  ? 111 PRO A C   1 
ATOM   581  O  O   . PRO A 1 72  ? -1.687  20.386  -10.860 1.00 45.49  ? 111 PRO A O   1 
ATOM   582  C  CB  . PRO A 1 72  ? -2.050  17.326  -10.738 1.00 39.69  ? 111 PRO A CB  1 
ATOM   583  C  CG  . PRO A 1 72  ? -3.401  17.686  -11.277 1.00 39.82  ? 111 PRO A CG  1 
ATOM   584  C  CD  . PRO A 1 72  ? -4.148  18.331  -10.122 1.00 43.15  ? 111 PRO A CD  1 
ATOM   585  N  N   . GLY A 1 73  ? 0.275   19.602  -10.022 1.00 44.93  ? 112 GLY A N   1 
ATOM   586  C  CA  . GLY A 1 73  ? 1.193   20.580  -10.623 1.00 48.67  ? 112 GLY A CA  1 
ATOM   587  C  C   . GLY A 1 73  ? 1.258   20.393  -12.127 1.00 50.36  ? 112 GLY A C   1 
ATOM   588  O  O   . GLY A 1 73  ? 0.604   19.455  -12.662 1.00 47.41  ? 112 GLY A O   1 
ATOM   589  N  N   . GLY A 1 74  ? 2.013   21.257  -12.800 1.00 49.86  ? 113 GLY A N   1 
ATOM   590  C  CA  . GLY A 1 74  ? 2.121   21.242  -14.266 1.00 53.16  ? 113 GLY A CA  1 
ATOM   591  C  C   . GLY A 1 74  ? 3.468   20.730  -14.721 1.00 55.51  ? 113 GLY A C   1 
ATOM   592  O  O   . GLY A 1 74  ? 3.679   20.727  -15.944 1.00 66.30  ? 113 GLY A O   1 
ATOM   593  N  N   . LYS A 1 75  ? 4.346   20.309  -13.796 1.00 55.66  ? 114 LYS A N   1 
ATOM   594  C  CA  . LYS A 1 75  ? 5.759   19.961  -14.123 1.00 58.43  ? 114 LYS A CA  1 
ATOM   595  C  C   . LYS A 1 75  ? 6.050   18.493  -13.802 1.00 52.70  ? 114 LYS A C   1 
ATOM   596  O  O   . LYS A 1 75  ? 6.913   18.183  -12.987 1.00 48.49  ? 114 LYS A O   1 
ATOM   597  C  CB  . LYS A 1 75  ? 6.715   20.911  -13.397 1.00 65.81  ? 114 LYS A CB  1 
ATOM   598  C  CG  . LYS A 1 75  ? 7.944   21.314  -14.205 1.00 74.98  ? 114 LYS A CG  1 
ATOM   599  C  CD  . LYS A 1 75  ? 7.628   21.721  -15.644 1.00 78.54  ? 114 LYS A CD  1 
ATOM   600  C  CE  . LYS A 1 75  ? 8.583   22.746  -16.225 1.00 83.58  ? 114 LYS A CE  1 
ATOM   601  N  NZ  . LYS A 1 75  ? 9.975   22.245  -16.272 1.00 86.74  ? 114 LYS A NZ  1 
ATOM   602  N  N   . PRO A 1 76  ? 5.401   17.531  -14.490 1.00 51.68  ? 115 PRO A N   1 
ATOM   603  C  CA  . PRO A 1 76  ? 5.634   16.113  -14.209 1.00 50.43  ? 115 PRO A CA  1 
ATOM   604  C  C   . PRO A 1 76  ? 7.122   15.733  -14.306 1.00 54.70  ? 115 PRO A C   1 
ATOM   605  O  O   . PRO A 1 76  ? 7.828   16.284  -15.139 1.00 53.88  ? 115 PRO A O   1 
ATOM   606  C  CB  . PRO A 1 76  ? 4.789   15.345  -15.243 1.00 51.24  ? 115 PRO A CB  1 
ATOM   607  C  CG  . PRO A 1 76  ? 4.345   16.385  -16.265 1.00 55.01  ? 115 PRO A CG  1 
ATOM   608  C  CD  . PRO A 1 76  ? 4.436   17.737  -15.578 1.00 55.18  ? 115 PRO A CD  1 
ATOM   609  N  N   . GLU A 1 77  ? 7.565   14.841  -13.413 1.00 53.46  ? 116 GLU A N   1 
ATOM   610  C  CA  . GLU A 1 77  ? 8.911   14.213  -13.424 1.00 57.83  ? 116 GLU A CA  1 
ATOM   611  C  C   . GLU A 1 77  ? 8.725   12.699  -13.398 1.00 59.70  ? 116 GLU A C   1 
ATOM   612  O  O   . GLU A 1 77  ? 7.759   12.208  -12.823 1.00 67.51  ? 116 GLU A O   1 
ATOM   613  C  CB  . GLU A 1 77  ? 9.725   14.669  -12.212 1.00 62.72  ? 116 GLU A CB  1 
ATOM   614  C  CG  . GLU A 1 77  ? 9.896   16.175  -12.115 1.00 69.12  ? 116 GLU A CG  1 
ATOM   615  C  CD  . GLU A 1 77  ? 10.646  16.634  -10.872 1.00 75.58  ? 116 GLU A CD  1 
ATOM   616  O  OE1 . GLU A 1 77  ? 11.531  15.885  -10.407 1.00 75.15  ? 116 GLU A OE1 1 
ATOM   617  O  OE2 . GLU A 1 77  ? 10.334  17.731  -10.352 1.00 77.86  ? 116 GLU A OE2 1 
ATOM   618  N  N   . PRO A 1 78  ? 9.631   11.908  -13.985 1.00 57.68  ? 117 PRO A N   1 
ATOM   619  C  CA  . PRO A 1 78  ? 9.513   10.475  -13.922 1.00 61.74  ? 117 PRO A CA  1 
ATOM   620  C  C   . PRO A 1 78  ? 9.645   10.075  -12.452 1.00 59.74  ? 117 PRO A C   1 
ATOM   621  O  O   . PRO A 1 78  ? 10.407  10.683  -11.735 1.00 55.10  ? 117 PRO A O   1 
ATOM   622  C  CB  . PRO A 1 78  ? 10.739  9.952   -14.670 1.00 60.16  ? 117 PRO A CB  1 
ATOM   623  C  CG  . PRO A 1 78  ? 11.171  11.111  -15.519 1.00 60.47  ? 117 PRO A CG  1 
ATOM   624  C  CD  . PRO A 1 78  ? 10.781  12.346  -14.739 1.00 60.89  ? 117 PRO A CD  1 
ATOM   625  N  N   . GLN A 1 79  ? 8.893   9.057   -12.058 1.00 59.01  ? 118 GLN A N   1 
ATOM   626  C  CA  . GLN A 1 79  ? 8.957   8.619   -10.649 1.00 67.06  ? 118 GLN A CA  1 
ATOM   627  C  C   . GLN A 1 79  ? 9.674   7.274   -10.574 1.00 71.97  ? 118 GLN A C   1 
ATOM   628  O  O   . GLN A 1 79  ? 9.195   6.315   -11.185 1.00 68.02  ? 118 GLN A O   1 
ATOM   629  C  CB  . GLN A 1 79  ? 7.552   8.566   -10.058 1.00 62.01  ? 118 GLN A CB  1 
ATOM   630  C  CG  . GLN A 1 79  ? 6.771   9.860   -10.210 1.00 62.37  ? 118 GLN A CG  1 
ATOM   631  C  CD  . GLN A 1 79  ? 7.331   10.983  -9.379  1.00 62.87  ? 118 GLN A CD  1 
ATOM   632  O  OE1 . GLN A 1 79  ? 7.786   10.789  -8.259  1.00 65.98  ? 118 GLN A OE1 1 
ATOM   633  N  NE2 . GLN A 1 79  ? 7.307   12.180  -9.928  1.00 64.18  ? 118 GLN A NE2 1 
ATOM   634  N  N   . ALA A 1 80  ? 10.774  7.232   -9.829  1.00 80.91  ? 119 ALA A N   1 
ATOM   635  C  CA  . ALA A 1 80  ? 11.540  5.981   -9.636  1.00 82.73  ? 119 ALA A CA  1 
ATOM   636  C  C   . ALA A 1 80  ? 10.638  5.020   -8.877  1.00 77.32  ? 119 ALA A C   1 
ATOM   637  O  O   . ALA A 1 80  ? 9.981   5.454   -7.941  1.00 71.79  ? 119 ALA A O   1 
ATOM   638  C  CB  . ALA A 1 80  ? 12.799  6.242   -8.848  1.00 84.39  ? 119 ALA A CB  1 
ATOM   639  N  N   . PRO A 1 81  ? 10.679  3.705   -9.131  1.00 70.28  ? 120 PRO A N   1 
ATOM   640  C  CA  . PRO A 1 81  ? 9.799   2.789   -8.436  1.00 63.88  ? 120 PRO A CA  1 
ATOM   641  C  C   . PRO A 1 81  ? 10.088  2.755   -6.929  1.00 54.08  ? 120 PRO A C   1 
ATOM   642  O  O   . PRO A 1 81  ? 11.199  2.971   -6.499  1.00 52.38  ? 120 PRO A O   1 
ATOM   643  C  CB  . PRO A 1 81  ? 10.177  1.437   -9.045  1.00 30.00  ? 120 PRO A CB  1 
ATOM   644  C  CG  . PRO A 1 81  ? 11.593  1.641   -9.504  1.00 30.00  ? 120 PRO A CG  1 
ATOM   645  C  CD  . PRO A 1 81  ? 11.586  3.047   -10.047 1.00 30.00  ? 120 PRO A CD  1 
ATOM   646  N  N   . SER A 1 82  ? 9.065   2.451   -6.140  1.00 46.78  ? 121 SER A N   1 
ATOM   647  C  CA  . SER A 1 82  ? 9.298   2.360   -4.676  1.00 43.84  ? 121 SER A CA  1 
ATOM   648  C  C   . SER A 1 82  ? 10.010  1.058   -4.358  1.00 37.85  ? 121 SER A C   1 
ATOM   649  O  O   . SER A 1 82  ? 9.968   0.126   -5.143  1.00 39.31  ? 121 SER A O   1 
ATOM   650  C  CB  . SER A 1 82  ? 8.040   2.495   -3.850  1.00 30.00  ? 121 SER A CB  1 
ATOM   651  O  OG  . SER A 1 82  ? 7.518   1.242   -3.414  1.00 30.00  ? 121 SER A OG  1 
ATOM   652  N  N   . CYS A 1 83  ? 10.555  0.981   -3.154  1.00 37.47  ? 122 CYS A N   1 
ATOM   653  C  CA  . CYS A 1 83  ? 11.156  -0.269  -2.646  1.00 37.91  ? 122 CYS A CA  1 
ATOM   654  C  C   . CYS A 1 83  ? 10.034  -1.251  -2.267  1.00 33.77  ? 122 CYS A C   1 
ATOM   655  O  O   . CYS A 1 83  ? 8.871   -0.894  -2.172  1.00 31.22  ? 122 CYS A O   1 
ATOM   656  C  CB  . CYS A 1 83  ? 12.135  -0.024  -1.506  1.00 41.08  ? 122 CYS A CB  1 
ATOM   657  S  SG  . CYS A 1 83  ? 13.743  0.582   -2.077  1.00 48.88  ? 122 CYS A SG  1 
ATOM   658  N  N   . VAL A 1 84  ? 10.405  -2.496  -2.073  1.00 34.30  ? 123 VAL A N   1 
ATOM   659  C  CA  . VAL A 1 84  ? 9.417   -3.561  -1.794  1.00 35.12  ? 123 VAL A CA  1 
ATOM   660  C  C   . VAL A 1 84  ? 9.521   -3.883  -0.302  1.00 30.73  ? 123 VAL A C   1 
ATOM   661  O  O   . VAL A 1 84  ? 10.637  -4.012  0.201   1.00 32.99  ? 123 VAL A O   1 
ATOM   662  C  CB  . VAL A 1 84  ? 9.675   -4.794  -2.674  1.00 38.37  ? 123 VAL A CB  1 
ATOM   663  C  CG1 . VAL A 1 84  ? 11.001  -5.468  -2.353  1.00 40.56  ? 123 VAL A CG1 1 
ATOM   664  C  CG2 . VAL A 1 84  ? 8.527   -5.778  -2.589  1.00 42.43  ? 123 VAL A CG2 1 
ATOM   665  N  N   . TYR A 1 85  ? 8.374   -4.011  0.344   1.00 30.84  ? 124 TYR A N   1 
ATOM   666  C  CA  . TYR A 1 85  ? 8.246   -4.479  1.741   1.00 28.81  ? 124 TYR A CA  1 
ATOM   667  C  C   . TYR A 1 85  ? 7.867   -5.950  1.685   1.00 30.84  ? 124 TYR A C   1 
ATOM   668  O  O   . TYR A 1 85  ? 6.875   -6.298  1.009   1.00 29.67  ? 124 TYR A O   1 
ATOM   669  C  CB  . TYR A 1 85  ? 7.151   -3.704  2.473   1.00 29.50  ? 124 TYR A CB  1 
ATOM   670  C  CG  . TYR A 1 85  ? 6.824   -4.198  3.864   1.00 32.18  ? 124 TYR A CG  1 
ATOM   671  C  CD1 . TYR A 1 85  ? 7.603   -3.840  4.956   1.00 33.13  ? 124 TYR A CD1 1 
ATOM   672  C  CD2 . TYR A 1 85  ? 5.710   -4.986  4.097   1.00 30.74  ? 124 TYR A CD2 1 
ATOM   673  C  CE1 . TYR A 1 85  ? 7.335   -4.316  6.224   1.00 30.35  ? 124 TYR A CE1 1 
ATOM   674  C  CE2 . TYR A 1 85  ? 5.395   -5.438  5.370   1.00 31.89  ? 124 TYR A CE2 1 
ATOM   675  C  CZ  . TYR A 1 85  ? 6.213   -5.098  6.437   1.00 31.89  ? 124 TYR A CZ  1 
ATOM   676  O  OH  . TYR A 1 85  ? 5.920   -5.502  7.700   1.00 30.79  ? 124 TYR A OH  1 
ATOM   677  N  N   . ILE A 1 86  ? 8.633   -6.794  2.381   0.80 29.46  ? 125 ILE A N   1 
ATOM   678  C  CA  . ILE A 1 86  ? 8.343   -8.250  2.544   0.80 31.90  ? 125 ILE A CA  1 
ATOM   679  C  C   . ILE A 1 86  ? 7.449   -8.443  3.777   0.80 31.62  ? 125 ILE A C   1 
ATOM   680  O  O   . ILE A 1 86  ? 7.865   -8.040  4.890   0.80 29.68  ? 125 ILE A O   1 
ATOM   681  C  CB  . ILE A 1 86  ? 9.649   -9.057  2.645   0.80 34.55  ? 125 ILE A CB  1 
ATOM   682  C  CG1 . ILE A 1 86  ? 10.597  -8.750  1.484   0.80 36.91  ? 125 ILE A CG1 1 
ATOM   683  C  CG2 . ILE A 1 86  ? 9.354   -10.551 2.743   0.80 34.54  ? 125 ILE A CG2 1 
ATOM   684  C  CD1 . ILE A 1 86  ? 11.950  -9.419  1.604   0.80 38.87  ? 125 ILE A CD1 1 
ATOM   685  N  N   . HIS A 1 87  ? 6.269   -9.047  3.595   1.00 30.90  ? 126 HIS A N   1 
ATOM   686  C  CA  . HIS A 1 87  ? 5.359   -9.393  4.713   1.00 30.49  ? 126 HIS A CA  1 
ATOM   687  C  C   . HIS A 1 87  ? 6.183   -10.222 5.694   1.00 31.30  ? 126 HIS A C   1 
ATOM   688  O  O   . HIS A 1 87  ? 6.865   -11.153 5.295   1.00 27.85  ? 126 HIS A O   1 
ATOM   689  C  CB  . HIS A 1 87  ? 4.083   -10.141 4.292   1.00 26.90  ? 126 HIS A CB  1 
ATOM   690  C  CG  . HIS A 1 87  ? 3.088   -10.182 5.396   1.00 33.64  ? 126 HIS A CG  1 
ATOM   691  N  ND1 . HIS A 1 87  ? 3.231   -11.046 6.480   1.00 33.31  ? 126 HIS A ND1 1 
ATOM   692  C  CD2 . HIS A 1 87  ? 2.022   -9.405  5.678   1.00 33.49  ? 126 HIS A CD2 1 
ATOM   693  C  CE1 . HIS A 1 87  ? 2.258   -10.829 7.344   1.00 33.18  ? 126 HIS A CE1 1 
ATOM   694  N  NE2 . HIS A 1 87  ? 1.495   -9.838  6.874   1.00 36.54  ? 126 HIS A NE2 1 
ATOM   695  N  N   . PRO A 1 88  ? 6.202   -9.894  6.998   1.00 31.66  ? 127 PRO A N   1 
ATOM   696  C  CA  . PRO A 1 88  ? 7.092   -10.615 7.919   1.00 33.04  ? 127 PRO A CA  1 
ATOM   697  C  C   . PRO A 1 88  ? 6.781   -12.112 8.098   1.00 32.79  ? 127 PRO A C   1 
ATOM   698  O  O   . PRO A 1 88  ? 7.690   -12.863 8.479   1.00 30.70  ? 127 PRO A O   1 
ATOM   699  C  CB  . PRO A 1 88  ? 6.958   -9.779  9.200   1.00 32.02  ? 127 PRO A CB  1 
ATOM   700  C  CG  . PRO A 1 88  ? 5.566   -9.205  9.125   1.00 33.21  ? 127 PRO A CG  1 
ATOM   701  C  CD  . PRO A 1 88  ? 5.428   -8.833  7.655   1.00 30.68  ? 127 PRO A CD  1 
ATOM   702  N  N   . ASP A 1 89  ? 5.567   -12.571 7.763   1.00 32.53  ? 128 ASP A N   1 
ATOM   703  C  CA  . ASP A 1 89  ? 5.251   -14.025 7.776   1.00 35.71  ? 128 ASP A CA  1 
ATOM   704  C  C   . ASP A 1 89  ? 5.983   -14.736 6.634   1.00 35.35  ? 128 ASP A C   1 
ATOM   705  O  O   . ASP A 1 89  ? 6.019   -15.962 6.669   1.00 35.73  ? 128 ASP A O   1 
ATOM   706  C  CB  . ASP A 1 89  ? 3.750   -14.328 7.694   1.00 35.48  ? 128 ASP A CB  1 
ATOM   707  C  CG  . ASP A 1 89  ? 2.888   -13.746 8.796   1.00 37.67  ? 128 ASP A CG  1 
ATOM   708  O  OD1 . ASP A 1 89  ? 3.419   -13.040 9.656   1.00 38.59  ? 128 ASP A OD1 1 
ATOM   709  O  OD2 . ASP A 1 89  ? 1.657   -13.944 8.729   1.00 34.91  ? 128 ASP A OD2 1 
ATOM   710  N  N   . SER A 1 90  ? 6.533   -14.026 5.635   1.00 34.17  ? 129 SER A N   1 
ATOM   711  C  CA  . SER A 1 90  ? 7.204   -14.650 4.456   1.00 32.36  ? 129 SER A CA  1 
ATOM   712  C  C   . SER A 1 90  ? 8.504   -15.311 4.878   1.00 32.79  ? 129 SER A C   1 
ATOM   713  O  O   . SER A 1 90  ? 9.138   -14.831 5.796   1.00 34.43  ? 129 SER A O   1 
ATOM   714  C  CB  . SER A 1 90  ? 7.516   -13.650 3.384   1.00 31.68  ? 129 SER A CB  1 
ATOM   715  O  OG  . SER A 1 90  ? 6.383   -12.863 3.106   1.00 30.07  ? 129 SER A OG  1 
ATOM   716  N  N   . PRO A 1 91  ? 8.990   -16.382 4.214   1.00 33.86  ? 130 PRO A N   1 
ATOM   717  C  CA  . PRO A 1 91  ? 8.207   -17.206 3.304   1.00 34.19  ? 130 PRO A CA  1 
ATOM   718  C  C   . PRO A 1 91  ? 7.249   -18.098 4.096   1.00 35.57  ? 130 PRO A C   1 
ATOM   719  O  O   . PRO A 1 91  ? 7.554   -18.410 5.250   1.00 35.59  ? 130 PRO A O   1 
ATOM   720  C  CB  . PRO A 1 91  ? 9.257   -18.059 2.595   1.00 37.02  ? 130 PRO A CB  1 
ATOM   721  C  CG  . PRO A 1 91  ? 10.389  -18.147 3.585   1.00 38.10  ? 130 PRO A CG  1 
ATOM   722  C  CD  . PRO A 1 91  ? 10.369  -16.843 4.344   1.00 36.92  ? 130 PRO A CD  1 
ATOM   723  N  N   . ASN A 1 92  ? 6.141   -18.517 3.498   1.00 34.04  ? 131 ASN A N   1 
ATOM   724  C  CA  . ASN A 1 92  ? 5.159   -19.355 4.228   1.00 35.73  ? 131 ASN A CA  1 
ATOM   725  C  C   . ASN A 1 92  ? 4.340   -20.207 3.254   1.00 38.55  ? 131 ASN A C   1 
ATOM   726  O  O   . ASN A 1 92  ? 4.414   -19.993 2.037   1.00 37.02  ? 131 ASN A O   1 
ATOM   727  C  CB  . ASN A 1 92  ? 4.303   -18.545 5.201   1.00 38.50  ? 131 ASN A CB  1 
ATOM   728  C  CG  . ASN A 1 92  ? 4.279   -19.193 6.574   1.00 42.19  ? 131 ASN A CG  1 
ATOM   729  O  OD1 . ASN A 1 92  ? 4.016   -20.389 6.686   1.00 42.04  ? 131 ASN A OD1 1 
ATOM   730  N  ND2 . ASN A 1 92  ? 4.577   -18.425 7.609   1.00 33.97  ? 131 ASN A ND2 1 
ATOM   731  N  N   . PHE A 1 93  ? 3.692   -21.243 3.787   1.00 39.30  ? 132 PHE A N   1 
ATOM   732  C  CA  . PHE A 1 93  ? 2.857   -22.178 2.997   1.00 41.79  ? 132 PHE A CA  1 
ATOM   733  C  C   . PHE A 1 93  ? 1.596   -21.435 2.548   1.00 37.09  ? 132 PHE A C   1 
ATOM   734  O  O   . PHE A 1 93  ? 1.106   -20.538 3.277   1.00 39.77  ? 132 PHE A O   1 
ATOM   735  C  CB  . PHE A 1 93  ? 2.560   -23.449 3.800   1.00 44.36  ? 132 PHE A CB  1 
ATOM   736  C  CG  . PHE A 1 93  ? 3.789   -24.283 4.069   1.00 44.21  ? 132 PHE A CG  1 
ATOM   737  C  CD1 . PHE A 1 93  ? 4.394   -25.000 3.049   1.00 46.98  ? 132 PHE A CD1 1 
ATOM   738  C  CD2 . PHE A 1 93  ? 4.357   -24.333 5.335   1.00 45.58  ? 132 PHE A CD2 1 
ATOM   739  C  CE1 . PHE A 1 93  ? 5.541   -25.745 3.280   1.00 45.88  ? 132 PHE A CE1 1 
ATOM   740  C  CE2 . PHE A 1 93  ? 5.496   -25.096 5.572   1.00 42.63  ? 132 PHE A CE2 1 
ATOM   741  C  CZ  . PHE A 1 93  ? 6.088   -25.794 4.543   1.00 44.00  ? 132 PHE A CZ  1 
ATOM   742  N  N   . GLY A 1 94  ? 1.092   -21.786 1.367   1.00 42.60  ? 133 GLY A N   1 
ATOM   743  C  CA  . GLY A 1 94  ? -0.224  -21.325 0.891   1.00 41.68  ? 133 GLY A CA  1 
ATOM   744  C  C   . GLY A 1 94  ? -1.292  -21.405 1.969   1.00 42.54  ? 133 GLY A C   1 
ATOM   745  O  O   . GLY A 1 94  ? -2.093  -20.474 2.072   1.00 37.97  ? 133 GLY A O   1 
ATOM   746  N  N   . ALA A 1 95  ? -1.339  -22.485 2.757   1.00 43.03  ? 134 ALA A N   1 
ATOM   747  C  CA  . ALA A 1 95  ? -2.364  -22.666 3.812   1.00 42.31  ? 134 ALA A CA  1 
ATOM   748  C  C   . ALA A 1 95  ? -2.286  -21.519 4.829   1.00 38.94  ? 134 ALA A C   1 
ATOM   749  O  O   . ALA A 1 95  ? -3.321  -21.101 5.388   1.00 38.31  ? 134 ALA A O   1 
ATOM   750  C  CB  . ALA A 1 95  ? -2.154  -23.998 4.484   1.00 44.86  ? 134 ALA A CB  1 
ATOM   751  N  N   . HIS A 1 96  ? -1.074  -21.052 5.114   1.00 38.58  ? 135 HIS A N   1 
ATOM   752  C  CA  . HIS A 1 96  ? -0.843  -19.972 6.106   1.00 39.97  ? 135 HIS A CA  1 
ATOM   753  C  C   . HIS A 1 96  ? -1.530  -18.701 5.613   1.00 38.11  ? 135 HIS A C   1 
ATOM   754  O  O   . HIS A 1 96  ? -2.182  -17.966 6.407   1.00 38.55  ? 135 HIS A O   1 
ATOM   755  C  CB  . HIS A 1 96  ? 0.659   -19.733 6.307   1.00 39.64  ? 135 HIS A CB  1 
ATOM   756  C  CG  . HIS A 1 96  ? 0.918   -18.610 7.241   1.00 40.24  ? 135 HIS A CG  1 
ATOM   757  N  ND1 . HIS A 1 96  ? 0.947   -18.786 8.612   1.00 41.57  ? 135 HIS A ND1 1 
ATOM   758  C  CD2 . HIS A 1 96  ? 1.115   -17.294 7.015   1.00 39.78  ? 135 HIS A CD2 1 
ATOM   759  C  CE1 . HIS A 1 96  ? 1.165   -17.629 9.196   1.00 45.01  ? 135 HIS A CE1 1 
ATOM   760  N  NE2 . HIS A 1 96  ? 1.261   -16.690 8.233   1.00 43.24  ? 135 HIS A NE2 1 
ATOM   761  N  N   . TRP A 1 97  ? -1.324  -18.426 4.344   1.00 39.95  ? 136 TRP A N   1 
ATOM   762  C  CA  . TRP A 1 97  ? -1.743  -17.157 3.715   1.00 38.30  ? 136 TRP A CA  1 
ATOM   763  C  C   . TRP A 1 97  ? -3.267  -17.146 3.558   1.00 40.67  ? 136 TRP A C   1 
ATOM   764  O  O   . TRP A 1 97  ? -3.853  -16.059 3.654   1.00 41.87  ? 136 TRP A O   1 
ATOM   765  C  CB  . TRP A 1 97  ? -1.031  -17.011 2.375   1.00 35.37  ? 136 TRP A CB  1 
ATOM   766  C  CG  . TRP A 1 97  ? 0.456   -16.868 2.460   1.00 33.19  ? 136 TRP A CG  1 
ATOM   767  C  CD1 . TRP A 1 97  ? 1.386   -17.691 1.900   1.00 30.57  ? 136 TRP A CD1 1 
ATOM   768  C  CD2 . TRP A 1 97  ? 1.192   -15.797 3.075   1.00 31.01  ? 136 TRP A CD2 1 
ATOM   769  N  NE1 . TRP A 1 97  ? 2.645   -17.212 2.128   1.00 30.73  ? 136 TRP A NE1 1 
ATOM   770  C  CE2 . TRP A 1 97  ? 2.562   -16.061 2.859   1.00 28.88  ? 136 TRP A CE2 1 
ATOM   771  C  CE3 . TRP A 1 97  ? 0.836   -14.657 3.801   1.00 31.60  ? 136 TRP A CE3 1 
ATOM   772  C  CZ2 . TRP A 1 97  ? 3.570   -15.213 3.313   1.00 30.21  ? 136 TRP A CZ2 1 
ATOM   773  C  CZ3 . TRP A 1 97  ? 1.832   -13.817 4.252   1.00 30.94  ? 136 TRP A CZ3 1 
ATOM   774  C  CH2 . TRP A 1 97  ? 3.177   -14.081 3.994   1.00 30.06  ? 136 TRP A CH2 1 
ATOM   775  N  N   . MET A 1 98  ? -3.877  -18.320 3.349   1.00 41.44  ? 137 MET A N   1 
ATOM   776  C  CA  . MET A 1 98  ? -5.323  -18.445 3.024   1.00 44.95  ? 137 MET A CA  1 
ATOM   777  C  C   . MET A 1 98  ? -6.161  -18.572 4.300   1.00 44.31  ? 137 MET A C   1 
ATOM   778  O  O   . MET A 1 98  ? -7.357  -18.336 4.191   1.00 45.85  ? 137 MET A O   1 
ATOM   779  C  CB  . MET A 1 98  ? -5.583  -19.644 2.109   1.00 45.86  ? 137 MET A CB  1 
ATOM   780  C  CG  . MET A 1 98  ? -4.980  -19.466 0.736   1.00 46.19  ? 137 MET A CG  1 
ATOM   781  S  SD  . MET A 1 98  ? -5.499  -20.719 -0.478  1.00 45.54  ? 137 MET A SD  1 
ATOM   782  C  CE  . MET A 1 98  ? -4.572  -22.146 0.087   1.00 49.25  ? 137 MET A CE  1 
ATOM   783  N  N   . LYS A 1 99  ? -5.565  -18.852 5.466   1.00 46.62  ? 138 LYS A N   1 
ATOM   784  C  CA  . LYS A 1 99  ? -6.332  -19.132 6.714   1.00 48.25  ? 138 LYS A CA  1 
ATOM   785  C  C   . LYS A 1 99  ? -6.884  -17.837 7.324   1.00 48.79  ? 138 LYS A C   1 
ATOM   786  O  O   . LYS A 1 99  ? -7.876  -17.922 8.072   1.00 49.33  ? 138 LYS A O   1 
ATOM   787  C  CB  . LYS A 1 99  ? -5.501  -19.937 7.720   1.00 49.21  ? 138 LYS A CB  1 
ATOM   788  C  CG  . LYS A 1 99  ? -4.366  -19.208 8.431   1.00 53.15  ? 138 LYS A CG  1 
ATOM   789  C  CD  . LYS A 1 99  ? -3.452  -20.169 9.198   1.00 61.19  ? 138 LYS A CD  1 
ATOM   790  C  CE  . LYS A 1 99  ? -2.415  -19.499 10.080  1.00 64.04  ? 138 LYS A CE  1 
ATOM   791  N  NZ  . LYS A 1 99  ? -1.210  -20.351 10.278  1.00 67.21  ? 138 LYS A NZ  1 
ATOM   792  N  N   . ALA A 1 100 ? -6.304  -16.672 7.018   1.00 47.39  ? 139 ALA A N   1 
ATOM   793  C  CA  . ALA A 1 100 ? -6.837  -15.363 7.461   1.00 43.56  ? 139 ALA A CA  1 
ATOM   794  C  C   . ALA A 1 100 ? -6.333  -14.255 6.541   1.00 41.01  ? 139 ALA A C   1 
ATOM   795  O  O   . ALA A 1 100 ? -5.334  -14.446 5.857   1.00 40.86  ? 139 ALA A O   1 
ATOM   796  C  CB  . ALA A 1 100 ? -6.444  -15.114 8.895   1.00 46.28  ? 139 ALA A CB  1 
ATOM   797  N  N   . PRO A 1 101 ? -7.001  -13.079 6.497   1.00 41.50  ? 140 PRO A N   1 
ATOM   798  C  CA  . PRO A 1 101 ? -6.553  -11.982 5.644   1.00 40.23  ? 140 PRO A CA  1 
ATOM   799  C  C   . PRO A 1 101 ? -5.074  -11.684 5.913   1.00 39.65  ? 140 PRO A C   1 
ATOM   800  O  O   . PRO A 1 101 ? -4.662  -11.681 7.059   1.00 37.41  ? 140 PRO A O   1 
ATOM   801  C  CB  . PRO A 1 101 ? -7.432  -10.792 6.044   1.00 43.44  ? 140 PRO A CB  1 
ATOM   802  C  CG  . PRO A 1 101 ? -8.687  -11.423 6.628   1.00 43.90  ? 140 PRO A CG  1 
ATOM   803  C  CD  . PRO A 1 101 ? -8.239  -12.749 7.222   1.00 43.75  ? 140 PRO A CD  1 
ATOM   804  N  N   . VAL A 1 102 ? -4.304  -11.457 4.857   1.00 34.78  ? 141 VAL A N   1 
ATOM   805  C  CA  . VAL A 1 102 ? -2.866  -11.076 4.964   1.00 34.46  ? 141 VAL A CA  1 
ATOM   806  C  C   . VAL A 1 102 ? -2.814  -9.572  5.253   1.00 34.10  ? 141 VAL A C   1 
ATOM   807  O  O   . VAL A 1 102 ? -3.247  -8.768  4.393   1.00 33.63  ? 141 VAL A O   1 
ATOM   808  C  CB  . VAL A 1 102 ? -2.088  -11.462 3.694   1.00 32.14  ? 141 VAL A CB  1 
ATOM   809  C  CG1 . VAL A 1 102 ? -0.613  -11.139 3.809   1.00 33.37  ? 141 VAL A CG1 1 
ATOM   810  C  CG2 . VAL A 1 102 ? -2.321  -12.920 3.332   1.00 35.53  ? 141 VAL A CG2 1 
ATOM   811  N  N   . SER A 1 103 ? -2.328  -9.201  6.433   1.00 33.47  ? 142 SER A N   1 
ATOM   812  C  CA  . SER A 1 103 ? -2.448  -7.826  6.965   1.00 34.72  ? 142 SER A CA  1 
ATOM   813  C  C   . SER A 1 103 ? -1.066  -7.164  6.956   1.00 31.75  ? 142 SER A C   1 
ATOM   814  O  O   . SER A 1 103 ? -0.180  -7.690  7.616   1.00 34.25  ? 142 SER A O   1 
ATOM   815  C  CB  . SER A 1 103 ? -3.048  -7.868  8.331   1.00 35.78  ? 142 SER A CB  1 
ATOM   816  O  OG  . SER A 1 103 ? -3.141  -6.571  8.881   1.00 38.33  ? 142 SER A OG  1 
ATOM   817  N  N   . PHE A 1 104 ? -0.894  -6.053  6.231   1.00 29.37  ? 143 PHE A N   1 
ATOM   818  C  CA  . PHE A 1 104 ? 0.416   -5.340  6.145   1.00 29.10  ? 143 PHE A CA  1 
ATOM   819  C  C   . PHE A 1 104 ? 0.456   -4.261  7.233   1.00 32.38  ? 143 PHE A C   1 
ATOM   820  O  O   . PHE A 1 104 ? 0.673   -3.076  6.943   1.00 32.89  ? 143 PHE A O   1 
ATOM   821  C  CB  . PHE A 1 104 ? 0.621   -4.804  4.718   1.00 30.28  ? 143 PHE A CB  1 
ATOM   822  C  CG  . PHE A 1 104 ? 0.790   -5.891  3.684   1.00 30.60  ? 143 PHE A CG  1 
ATOM   823  C  CD1 . PHE A 1 104 ? 2.046   -6.365  3.344   1.00 29.08  ? 143 PHE A CD1 1 
ATOM   824  C  CD2 . PHE A 1 104 ? -0.316  -6.476  3.085   1.00 31.70  ? 143 PHE A CD2 1 
ATOM   825  C  CE1 . PHE A 1 104 ? 2.192   -7.361  2.397   1.00 31.28  ? 143 PHE A CE1 1 
ATOM   826  C  CE2 . PHE A 1 104 ? -0.162  -7.478  2.144   1.00 32.93  ? 143 PHE A CE2 1 
ATOM   827  C  CZ  . PHE A 1 104 ? 1.089   -7.919  1.805   1.00 29.86  ? 143 PHE A CZ  1 
ATOM   828  N  N   . SER A 1 105 ? 0.259   -4.651  8.492   1.00 32.48  ? 144 SER A N   1 
ATOM   829  C  CA  . SER A 1 105 ? 0.062   -3.698  9.614   1.00 32.99  ? 144 SER A CA  1 
ATOM   830  C  C   . SER A 1 105 ? 1.388   -3.061  10.027  1.00 31.73  ? 144 SER A C   1 
ATOM   831  O  O   . SER A 1 105 ? 1.328   -1.988  10.670  1.00 35.53  ? 144 SER A O   1 
ATOM   832  C  CB  . SER A 1 105 ? -0.587  -4.361  10.783  1.00 33.24  ? 144 SER A CB  1 
ATOM   833  O  OG  . SER A 1 105 ? 0.214   -5.432  11.227  1.00 37.14  ? 144 SER A OG  1 
ATOM   834  N  N   . LYS A 1 106 ? 2.515   -3.673  9.686   1.00 30.49  ? 145 LYS A N   1 
ATOM   835  C  CA  . LYS A 1 106 ? 3.844   -3.249  10.210  1.00 31.75  ? 145 LYS A CA  1 
ATOM   836  C  C   . LYS A 1 106 ? 4.634   -2.438  9.183   1.00 32.98  ? 145 LYS A C   1 
ATOM   837  O  O   . LYS A 1 106 ? 5.720   -1.927  9.531   1.00 31.37  ? 145 LYS A O   1 
ATOM   838  C  CB  . LYS A 1 106 ? 4.660   -4.459  10.661  1.00 32.49  ? 145 LYS A CB  1 
ATOM   839  C  CG  . LYS A 1 106 ? 4.019   -5.281  11.760  1.00 32.65  ? 145 LYS A CG  1 
ATOM   840  C  CD  . LYS A 1 106 ? 3.586   -4.483  12.936  1.00 32.84  ? 145 LYS A CD  1 
ATOM   841  C  CE  . LYS A 1 106 ? 3.340   -5.364  14.139  1.00 32.82  ? 145 LYS A CE  1 
ATOM   842  N  NZ  . LYS A 1 106 ? 2.880   -4.521  15.258  1.00 36.45  ? 145 LYS A NZ  1 
ATOM   843  N  N   . VAL A 1 107 ? 4.132   -2.272  7.957   1.00 30.96  ? 146 VAL A N   1 
ATOM   844  C  CA  . VAL A 1 107 ? 4.880   -1.438  6.986   1.00 31.12  ? 146 VAL A CA  1 
ATOM   845  C  C   . VAL A 1 107 ? 4.852   0.008   7.486   1.00 27.83  ? 146 VAL A C   1 
ATOM   846  O  O   . VAL A 1 107 ? 3.800   0.471   7.923   1.00 28.71  ? 146 VAL A O   1 
ATOM   847  C  CB  . VAL A 1 107 ? 4.365   -1.558  5.541   1.00 28.18  ? 146 VAL A CB  1 
ATOM   848  C  CG1 . VAL A 1 107 ? 2.939   -1.064  5.376   1.00 29.40  ? 146 VAL A CG1 1 
ATOM   849  C  CG2 . VAL A 1 107 ? 5.298   -0.827  4.598   1.00 29.43  ? 146 VAL A CG2 1 
ATOM   850  N  N   . LYS A 1 108 ? 5.987   0.687   7.397   1.00 31.41  ? 147 LYS A N   1 
ATOM   851  C  CA  . LYS A 1 108 ? 6.131   2.117   7.777   1.00 32.99  ? 147 LYS A CA  1 
ATOM   852  C  C   . LYS A 1 108 ? 6.514   2.946   6.553   1.00 32.33  ? 147 LYS A C   1 
ATOM   853  O  O   . LYS A 1 108 ? 7.468   2.580   5.853   1.00 32.87  ? 147 LYS A O   1 
ATOM   854  C  CB  . LYS A 1 108 ? 7.233   2.287   8.820   1.00 38.88  ? 147 LYS A CB  1 
ATOM   855  C  CG  . LYS A 1 108 ? 6.939   1.658   10.167  1.00 43.51  ? 147 LYS A CG  1 
ATOM   856  C  CD  . LYS A 1 108 ? 8.162   1.660   11.054  1.00 44.59  ? 147 LYS A CD  1 
ATOM   857  C  CE  . LYS A 1 108 ? 7.826   1.953   12.494  1.00 47.31  ? 147 LYS A CE  1 
ATOM   858  N  NZ  . LYS A 1 108 ? 9.025   1.802   13.347  1.00 46.61  ? 147 LYS A NZ  1 
ATOM   859  N  N   . LEU A 1 109 ? 5.787   4.029   6.317   1.00 34.48  ? 148 LEU A N   1 
ATOM   860  C  CA  . LEU A 1 109 ? 6.019   4.953   5.178   1.00 34.65  ? 148 LEU A CA  1 
ATOM   861  C  C   . LEU A 1 109 ? 6.916   6.099   5.657   1.00 36.41  ? 148 LEU A C   1 
ATOM   862  O  O   . LEU A 1 109 ? 6.539   6.768   6.649   1.00 33.82  ? 148 LEU A O   1 
ATOM   863  C  CB  . LEU A 1 109 ? 4.659   5.454   4.691   1.00 32.74  ? 148 LEU A CB  1 
ATOM   864  C  CG  . LEU A 1 109 ? 3.664   4.355   4.301   1.00 33.15  ? 148 LEU A CG  1 
ATOM   865  C  CD1 . LEU A 1 109 ? 2.424   4.956   3.654   1.00 32.93  ? 148 LEU A CD1 1 
ATOM   866  C  CD2 . LEU A 1 109 ? 4.326   3.300   3.409   1.00 32.53  ? 148 LEU A CD2 1 
ATOM   867  N  N   . THR A 1 110 ? 8.051   6.316   4.996   1.00 35.81  ? 149 THR A N   1 
ATOM   868  C  CA  . THR A 1 110 ? 8.995   7.409   5.353   1.00 41.90  ? 149 THR A CA  1 
ATOM   869  C  C   . THR A 1 110 ? 9.160   8.366   4.173   1.00 43.55  ? 149 THR A C   1 
ATOM   870  O  O   . THR A 1 110 ? 8.749   8.000   3.045   1.00 42.37  ? 149 THR A O   1 
ATOM   871  C  CB  . THR A 1 110 ? 10.350  6.873   5.855   1.00 42.18  ? 149 THR A CB  1 
ATOM   872  O  OG1 . THR A 1 110 ? 11.147  8.000   6.224   1.00 45.92  ? 149 THR A OG1 1 
ATOM   873  C  CG2 . THR A 1 110 ? 11.116  6.049   4.846   1.00 41.52  ? 149 THR A CG2 1 
ATOM   874  N  N   . ASN A 1 111 ? 9.758   9.533   4.445   1.00 42.75  ? 150 ASN A N   1 
ATOM   875  C  CA  . ASN A 1 111 ? 10.203  10.514  3.419   1.00 47.76  ? 150 ASN A CA  1 
ATOM   876  C  C   . ASN A 1 111 ? 11.734  10.585  3.381   1.00 48.37  ? 150 ASN A C   1 
ATOM   877  O  O   . ASN A 1 111 ? 12.228  11.405  2.623   1.00 47.42  ? 150 ASN A O   1 
ATOM   878  C  CB  . ASN A 1 111 ? 9.555   11.897  3.591   1.00 48.27  ? 150 ASN A CB  1 
ATOM   879  C  CG  . ASN A 1 111 ? 9.674   12.525  4.968   1.00 45.69  ? 150 ASN A CG  1 
ATOM   880  O  OD1 . ASN A 1 111 ? 9.092   13.580  5.203   1.00 51.18  ? 150 ASN A OD1 1 
ATOM   881  N  ND2 . ASN A 1 111 ? 10.381  11.899  5.889   1.00 43.54  ? 150 ASN A ND2 1 
ATOM   882  N  N   . LYS A 1 112 ? 12.462  9.718   4.091   1.00 54.17  ? 151 LYS A N   1 
ATOM   883  C  CA  . LYS A 1 112 ? 13.953  9.758   4.140   1.00 64.27  ? 151 LYS A CA  1 
ATOM   884  C  C   . LYS A 1 112 ? 14.532  8.369   3.847   1.00 70.16  ? 151 LYS A C   1 
ATOM   885  O  O   . LYS A 1 112 ? 14.031  7.389   4.432   1.00 70.21  ? 151 LYS A O   1 
ATOM   886  C  CB  . LYS A 1 112 ? 14.432  10.268  5.506   1.00 71.66  ? 151 LYS A CB  1 
ATOM   887  C  CG  . LYS A 1 112 ? 14.039  11.703  5.855   1.00 76.55  ? 151 LYS A CG  1 
ATOM   888  C  CD  . LYS A 1 112 ? 14.976  12.769  5.301   1.00 83.00  ? 151 LYS A CD  1 
ATOM   889  C  CE  . LYS A 1 112 ? 14.824  14.103  6.004   1.00 84.58  ? 151 LYS A CE  1 
ATOM   890  N  NZ  . LYS A 1 112 ? 15.460  15.202  5.242   1.00 86.70  ? 151 LYS A NZ  1 
ATOM   891  N  N   . LEU A 1 113 ? 15.535  8.297   2.959   1.00 79.29  ? 152 LEU A N   1 
ATOM   892  C  CA  . LEU A 1 113 ? 16.416  7.107   2.769   1.00 81.66  ? 152 LEU A CA  1 
ATOM   893  C  C   . LEU A 1 113 ? 16.883  6.635   4.154   1.00 86.17  ? 152 LEU A C   1 
ATOM   894  O  O   . LEU A 1 113 ? 17.471  7.450   4.893   1.00 86.42  ? 152 LEU A O   1 
ATOM   895  C  CB  . LEU A 1 113 ? 17.596  7.410   1.826   1.00 81.49  ? 152 LEU A CB  1 
ATOM   896  C  CG  . LEU A 1 113 ? 18.187  8.829   1.767   1.00 82.82  ? 152 LEU A CG  1 
ATOM   897  C  CD1 . LEU A 1 113 ? 17.440  9.725   0.780   1.00 81.35  ? 152 LEU A CD1 1 
ATOM   898  C  CD2 . LEU A 1 113 ? 18.301  9.502   3.132   1.00 84.61  ? 152 LEU A CD2 1 
ATOM   899  N  N   . ASN A 1 114 ? 16.587  5.383   4.512   1.00 88.12  ? 153 ASN A N   1 
ATOM   900  C  CA  . ASN A 1 114 ? 16.646  4.898   5.919   1.00 94.38  ? 153 ASN A CA  1 
ATOM   901  C  C   . ASN A 1 114 ? 17.234  3.485   5.979   1.00 94.08  ? 153 ASN A C   1 
ATOM   902  O  O   . ASN A 1 114 ? 17.247  2.796   4.935   1.00 96.63  ? 153 ASN A O   1 
ATOM   903  C  CB  . ASN A 1 114 ? 15.264  4.943   6.583   1.00 97.45  ? 153 ASN A CB  1 
ATOM   904  C  CG  . ASN A 1 114 ? 14.883  6.320   7.088   1.00 101.01 ? 153 ASN A CG  1 
ATOM   905  O  OD1 . ASN A 1 114 ? 15.735  7.103   7.511   1.00 102.93 ? 153 ASN A OD1 1 
ATOM   906  N  ND2 . ASN A 1 114 ? 13.597  6.627   7.051   1.00 98.81  ? 153 ASN A ND2 1 
ATOM   907  N  N   . GLY A 1 115 ? 17.667  3.085   7.184   1.00 94.43  ? 154 GLY A N   1 
ATOM   908  C  CA  . GLY A 1 115 ? 18.332  1.803   7.499   1.00 91.62  ? 154 GLY A CA  1 
ATOM   909  C  C   . GLY A 1 115 ? 17.702  0.618   6.790   1.00 84.83  ? 154 GLY A C   1 
ATOM   910  O  O   . GLY A 1 115 ? 18.439  -0.330  6.475   1.00 83.53  ? 154 GLY A O   1 
ATOM   911  N  N   . GLY A 1 116 ? 16.390  0.664   6.555   1.00 82.95  ? 155 GLY A N   1 
ATOM   912  C  CA  . GLY A 1 116 ? 15.640  -0.390  5.850   1.00 77.51  ? 155 GLY A CA  1 
ATOM   913  C  C   . GLY A 1 116 ? 14.520  -0.908  6.721   1.00 74.29  ? 155 GLY A C   1 
ATOM   914  O  O   . GLY A 1 116 ? 14.484  -0.567  7.914   1.00 78.32  ? 155 GLY A O   1 
ATOM   915  N  N   . GLY A 1 117 ? 13.661  -1.744  6.152   1.00 75.36  ? 156 GLY A N   1 
ATOM   916  C  CA  . GLY A 1 117 ? 12.295  -1.964  6.652   1.00 69.06  ? 156 GLY A CA  1 
ATOM   917  C  C   . GLY A 1 117 ? 11.392  -0.891  6.082   1.00 61.79  ? 156 GLY A C   1 
ATOM   918  O  O   . GLY A 1 117 ? 10.621  -1.213  5.163   1.00 66.81  ? 156 GLY A O   1 
ATOM   919  N  N   . GLN A 1 118 ? 11.542  0.350   6.559   1.00 57.36  ? 157 GLN A N   1 
ATOM   920  C  CA  . GLN A 1 118 ? 10.727  1.525   6.136   1.00 51.73  ? 157 GLN A CA  1 
ATOM   921  C  C   . GLN A 1 118 ? 10.754  1.643   4.610   1.00 47.14  ? 157 GLN A C   1 
ATOM   922  O  O   . GLN A 1 118 ? 11.793  1.368   4.020   1.00 43.75  ? 157 GLN A O   1 
ATOM   923  C  CB  . GLN A 1 118 ? 11.258  2.840   6.713   1.00 54.52  ? 157 GLN A CB  1 
ATOM   924  C  CG  . GLN A 1 118 ? 11.175  2.937   8.224   1.00 56.50  ? 157 GLN A CG  1 
ATOM   925  C  CD  . GLN A 1 118 ? 12.529  2.931   8.892   1.00 58.07  ? 157 GLN A CD  1 
ATOM   926  O  OE1 . GLN A 1 118 ? 12.748  3.640   9.867   1.00 60.95  ? 157 GLN A OE1 1 
ATOM   927  N  NE2 . GLN A 1 118 ? 13.451  2.131   8.386   1.00 53.86  ? 157 GLN A NE2 1 
ATOM   928  N  N   . ILE A 1 119 ? 9.635   2.036   4.004   1.00 40.35  ? 158 ILE A N   1 
ATOM   929  C  CA  . ILE A 1 119 ? 9.538   2.268   2.537   1.00 38.37  ? 158 ILE A CA  1 
ATOM   930  C  C   . ILE A 1 119 ? 9.477   3.776   2.303   1.00 37.56  ? 158 ILE A C   1 
ATOM   931  O  O   . ILE A 1 119 ? 8.535   4.416   2.823   1.00 36.02  ? 158 ILE A O   1 
ATOM   932  C  CB  . ILE A 1 119 ? 8.297   1.566   1.962   1.00 37.20  ? 158 ILE A CB  1 
ATOM   933  C  CG1 . ILE A 1 119 ? 8.357   0.053   2.192   1.00 38.38  ? 158 ILE A CG1 1 
ATOM   934  C  CG2 . ILE A 1 119 ? 8.096   1.946   0.507   1.00 34.78  ? 158 ILE A CG2 1 
ATOM   935  C  CD1 . ILE A 1 119 ? 9.583   -0.645  1.594   1.00 38.40  ? 158 ILE A CD1 1 
ATOM   936  N  N   . MET A 1 120 ? 10.410  4.290   1.500   1.00 39.37  ? 159 MET A N   1 
ATOM   937  C  CA  . MET A 1 120 ? 10.525  5.739   1.210   1.00 42.28  ? 159 MET A CA  1 
ATOM   938  C  C   . MET A 1 120 ? 9.567   6.112   0.081   1.00 38.84  ? 159 MET A C   1 
ATOM   939  O  O   . MET A 1 120 ? 9.596   5.476   -0.996  1.00 37.89  ? 159 MET A O   1 
ATOM   940  C  CB  . MET A 1 120 ? 11.951  6.126   0.813   1.00 50.00  ? 159 MET A CB  1 
ATOM   941  C  CG  . MET A 1 120 ? 12.139  7.631   0.707   1.00 56.62  ? 159 MET A CG  1 
ATOM   942  S  SD  . MET A 1 120 ? 13.835  8.043   0.276   1.00 66.83  ? 159 MET A SD  1 
ATOM   943  C  CE  . MET A 1 120 ? 13.746  7.908   -1.512  1.00 66.69  ? 159 MET A CE  1 
ATOM   944  N  N   . LEU A 1 121 ? 8.708   7.089   0.335   1.00 36.48  ? 160 LEU A N   1 
ATOM   945  C  CA  . LEU A 1 121 ? 7.818   7.668   -0.692  1.00 34.08  ? 160 LEU A CA  1 
ATOM   946  C  C   . LEU A 1 121 ? 8.193   9.140   -0.833  1.00 40.83  ? 160 LEU A C   1 
ATOM   947  O  O   . LEU A 1 121 ? 8.769   9.683   0.129   1.00 38.97  ? 160 LEU A O   1 
ATOM   948  C  CB  . LEU A 1 121 ? 6.355   7.511   -0.265  1.00 36.03  ? 160 LEU A CB  1 
ATOM   949  C  CG  . LEU A 1 121 ? 5.887   6.095   0.052   1.00 32.45  ? 160 LEU A CG  1 
ATOM   950  C  CD1 . LEU A 1 121 ? 4.413   6.075   0.404   1.00 32.03  ? 160 LEU A CD1 1 
ATOM   951  C  CD2 . LEU A 1 121 ? 6.171   5.150   -1.117  1.00 35.56  ? 160 LEU A CD2 1 
ATOM   952  N  N   . ASN A 1 122 ? 7.857   9.743   -1.974  1.00 44.12  ? 161 ASN A N   1 
ATOM   953  C  CA  . ASN A 1 122 ? 7.938   11.207  -2.211  1.00 43.33  ? 161 ASN A CA  1 
ATOM   954  C  C   . ASN A 1 122 ? 6.667   11.853  -1.652  1.00 43.51  ? 161 ASN A C   1 
ATOM   955  O  O   . ASN A 1 122 ? 5.550   11.506  -2.102  1.00 37.01  ? 161 ASN A O   1 
ATOM   956  C  CB  . ASN A 1 122 ? 8.083   11.546  -3.695  1.00 43.42  ? 161 ASN A CB  1 
ATOM   957  C  CG  . ASN A 1 122 ? 9.376   11.052  -4.303  1.00 47.67  ? 161 ASN A CG  1 
ATOM   958  O  OD1 . ASN A 1 122 ? 10.427  11.125  -3.669  1.00 50.56  ? 161 ASN A OD1 1 
ATOM   959  N  ND2 . ASN A 1 122 ? 9.312   10.572  -5.537  1.00 51.45  ? 161 ASN A ND2 1 
ATOM   960  N  N   . SER A 1 123 ? 6.819   12.795  -0.726  1.00 39.53  ? 162 SER A N   1 
ATOM   961  C  CA  . SER A 1 123 ? 5.685   13.578  -0.186  1.00 40.99  ? 162 SER A CA  1 
ATOM   962  C  C   . SER A 1 123 ? 4.962   14.286  -1.339  1.00 35.89  ? 162 SER A C   1 
ATOM   963  O  O   . SER A 1 123 ? 5.633   14.671  -2.312  1.00 34.79  ? 162 SER A O   1 
ATOM   964  C  CB  . SER A 1 123 ? 6.156   14.552  0.858   1.00 45.38  ? 162 SER A CB  1 
ATOM   965  O  OG  . SER A 1 123 ? 5.032   15.088  1.530   1.00 52.58  ? 162 SER A OG  1 
ATOM   966  N  N   . LEU A 1 124 ? 3.639   14.423  -1.230  1.00 35.98  ? 163 LEU A N   1 
ATOM   967  C  CA  . LEU A 1 124 ? 2.729   15.105  -2.189  1.00 36.00  ? 163 LEU A CA  1 
ATOM   968  C  C   . LEU A 1 124 ? 2.702   14.380  -3.550  1.00 36.68  ? 163 LEU A C   1 
ATOM   969  O  O   . LEU A 1 124 ? 2.260   14.985  -4.540  1.00 34.97  ? 163 LEU A O   1 
ATOM   970  C  CB  . LEU A 1 124 ? 3.150   16.573  -2.325  1.00 40.18  ? 163 LEU A CB  1 
ATOM   971  C  CG  . LEU A 1 124 ? 3.047   17.399  -1.035  1.00 40.13  ? 163 LEU A CG  1 
ATOM   972  C  CD1 . LEU A 1 124 ? 3.370   18.863  -1.295  1.00 43.17  ? 163 LEU A CD1 1 
ATOM   973  C  CD2 . LEU A 1 124 ? 1.665   17.293  -0.405  1.00 37.70  ? 163 LEU A CD2 1 
ATOM   974  N  N   . HIS A 1 125 ? 3.119   13.117  -3.597  1.00 33.67  ? 164 HIS A N   1 
ATOM   975  C  CA  . HIS A 1 125 ? 2.832   12.223  -4.753  1.00 34.88  ? 164 HIS A CA  1 
ATOM   976  C  C   . HIS A 1 125 ? 1.696   11.262  -4.402  1.00 34.87  ? 164 HIS A C   1 
ATOM   977  O  O   . HIS A 1 125 ? 1.497   10.927  -3.192  1.00 30.64  ? 164 HIS A O   1 
ATOM   978  C  CB  . HIS A 1 125 ? 4.108   11.525  -5.217  1.00 36.53  ? 164 HIS A CB  1 
ATOM   979  C  CG  . HIS A 1 125 ? 5.026   12.489  -5.885  1.00 43.15  ? 164 HIS A CG  1 
ATOM   980  N  ND1 . HIS A 1 125 ? 5.604   13.550  -5.203  1.00 48.13  ? 164 HIS A ND1 1 
ATOM   981  C  CD2 . HIS A 1 125 ? 5.401   12.611  -7.177  1.00 44.72  ? 164 HIS A CD2 1 
ATOM   982  C  CE1 . HIS A 1 125 ? 6.329   14.267  -6.044  1.00 44.77  ? 164 HIS A CE1 1 
ATOM   983  N  NE2 . HIS A 1 125 ? 6.225   13.707  -7.261  1.00 48.78  ? 164 HIS A NE2 1 
ATOM   984  N  N   . LYS A 1 126 ? 0.987   10.831  -5.441  1.00 30.98  ? 165 LYS A N   1 
ATOM   985  C  CA  . LYS A 1 126 ? -0.166  9.924   -5.330  1.00 31.67  ? 165 LYS A CA  1 
ATOM   986  C  C   . LYS A 1 126 ? 0.341   8.511   -5.629  1.00 32.94  ? 165 LYS A C   1 
ATOM   987  O  O   . LYS A 1 126 ? 1.072   8.351   -6.616  1.00 29.36  ? 165 LYS A O   1 
ATOM   988  C  CB  . LYS A 1 126 ? -1.271  10.382  -6.269  1.00 32.85  ? 165 LYS A CB  1 
ATOM   989  C  CG  . LYS A 1 126 ? -2.578  9.625   -6.128  1.00 37.08  ? 165 LYS A CG  1 
ATOM   990  C  CD  . LYS A 1 126 ? -3.666  10.204  -6.987  1.00 38.73  ? 165 LYS A CD  1 
ATOM   991  C  CE  . LYS A 1 126 ? -4.688  10.996  -6.201  1.00 43.09  ? 165 LYS A CE  1 
ATOM   992  N  NZ  . LYS A 1 126 ? -5.701  11.611  -7.090  1.00 42.16  ? 165 LYS A NZ  1 
ATOM   993  N  N   . TYR A 1 127 ? -0.088  7.550   -4.822  1.00 28.70  ? 166 TYR A N   1 
ATOM   994  C  CA  . TYR A 1 127 ? 0.431   6.163   -4.818  1.00 26.61  ? 166 TYR A CA  1 
ATOM   995  C  C   . TYR A 1 127 ? -0.725  5.187   -4.887  1.00 27.43  ? 166 TYR A C   1 
ATOM   996  O  O   . TYR A 1 127 ? -1.778  5.412   -4.281  1.00 26.43  ? 166 TYR A O   1 
ATOM   997  C  CB  . TYR A 1 127 ? 1.313   5.894   -3.601  1.00 27.57  ? 166 TYR A CB  1 
ATOM   998  C  CG  . TYR A 1 127 ? 2.622   6.615   -3.676  1.00 28.96  ? 166 TYR A CG  1 
ATOM   999  C  CD1 . TYR A 1 127 ? 3.638   6.140   -4.475  1.00 28.78  ? 166 TYR A CD1 1 
ATOM   1000 C  CD2 . TYR A 1 127 ? 2.821   7.815   -3.011  1.00 31.20  ? 166 TYR A CD2 1 
ATOM   1001 C  CE1 . TYR A 1 127 ? 4.844   6.803   -4.594  1.00 30.98  ? 166 TYR A CE1 1 
ATOM   1002 C  CE2 . TYR A 1 127 ? 4.030   8.485   -3.110  1.00 29.75  ? 166 TYR A CE2 1 
ATOM   1003 C  CZ  . TYR A 1 127 ? 5.038   7.984   -3.908  1.00 31.93  ? 166 TYR A CZ  1 
ATOM   1004 O  OH  . TYR A 1 127 ? 6.217   8.647   -4.040  1.00 36.29  ? 166 TYR A OH  1 
ATOM   1005 N  N   . GLU A 1 128 ? -0.484  4.096   -5.618  1.00 25.77  ? 167 GLU A N   1 
ATOM   1006 C  CA  . GLU A 1 128 ? -1.408  2.944   -5.686  1.00 26.15  ? 167 GLU A CA  1 
ATOM   1007 C  C   . GLU A 1 128 ? -0.683  1.731   -5.130  1.00 26.51  ? 167 GLU A C   1 
ATOM   1008 O  O   . GLU A 1 128 ? 0.248   1.205   -5.741  1.00 25.95  ? 167 GLU A O   1 
ATOM   1009 C  CB  . GLU A 1 128 ? -1.846  2.658   -7.124  1.00 25.26  ? 167 GLU A CB  1 
ATOM   1010 C  CG  . GLU A 1 128 ? -2.928  1.613   -7.203  1.00 25.48  ? 167 GLU A CG  1 
ATOM   1011 C  CD  . GLU A 1 128 ? -3.542  1.570   -8.600  1.00 24.70  ? 167 GLU A CD  1 
ATOM   1012 O  OE1 . GLU A 1 128 ? -2.907  0.986   -9.488  1.00 26.76  ? 167 GLU A OE1 1 
ATOM   1013 O  OE2 . GLU A 1 128 ? -4.625  2.088   -8.757  1.00 22.27  ? 167 GLU A OE2 1 
ATOM   1014 N  N   . PRO A 1 129 ? -1.072  1.287   -3.922  1.00 24.30  ? 168 PRO A N   1 
ATOM   1015 C  CA  . PRO A 1 129 ? -0.527  0.057   -3.375  1.00 26.32  ? 168 PRO A CA  1 
ATOM   1016 C  C   . PRO A 1 129 ? -0.752  -1.140  -4.319  1.00 24.16  ? 168 PRO A C   1 
ATOM   1017 O  O   . PRO A 1 129 ? -1.797  -1.222  -4.960  1.00 25.78  ? 168 PRO A O   1 
ATOM   1018 C  CB  . PRO A 1 129 ? -1.316  -0.132  -2.082  1.00 25.54  ? 168 PRO A CB  1 
ATOM   1019 C  CG  . PRO A 1 129 ? -1.718  1.282   -1.695  1.00 24.51  ? 168 PRO A CG  1 
ATOM   1020 C  CD  . PRO A 1 129 ? -2.021  1.961   -3.012  1.00 25.11  ? 168 PRO A CD  1 
ATOM   1021 N  N   . ARG A 1 130 ? 0.223   -2.039  -4.303  1.00 26.08  ? 169 ARG A N   1 
ATOM   1022 C  CA  . ARG A 1 130 ? 0.307   -3.218  -5.188  1.00 26.60  ? 169 ARG A CA  1 
ATOM   1023 C  C   . ARG A 1 130 ? 1.014   -4.334  -4.415  1.00 26.32  ? 169 ARG A C   1 
ATOM   1024 O  O   . ARG A 1 130 ? 2.037   -4.100  -3.728  1.00 27.22  ? 169 ARG A O   1 
ATOM   1025 C  CB  . ARG A 1 130 ? 0.995   -2.805  -6.491  1.00 27.69  ? 169 ARG A CB  1 
ATOM   1026 C  CG  . ARG A 1 130 ? 1.282   -3.946  -7.459  1.00 30.15  ? 169 ARG A CG  1 
ATOM   1027 C  CD  . ARG A 1 130 ? 1.977   -3.346  -8.667  1.00 26.36  ? 169 ARG A CD  1 
ATOM   1028 N  NE  . ARG A 1 130 ? 3.369   -3.065  -8.403  1.00 26.05  ? 169 ARG A NE  1 
ATOM   1029 C  CZ  . ARG A 1 130 ? 4.253   -2.678  -9.295  1.00 27.19  ? 169 ARG A CZ  1 
ATOM   1030 N  NH1 . ARG A 1 130 ? 3.899   -2.475  -10.562 1.00 28.70  ? 169 ARG A NH1 1 
ATOM   1031 N  NH2 . ARG A 1 130 ? 5.502   -2.481  -8.934  1.00 26.22  ? 169 ARG A NH2 1 
ATOM   1032 N  N   . ILE A 1 131 ? 0.516   -5.548  -4.541  1.00 26.71  ? 170 ILE A N   1 
ATOM   1033 C  CA  . ILE A 1 131 ? 1.233   -6.692  -3.934  1.00 26.52  ? 170 ILE A CA  1 
ATOM   1034 C  C   . ILE A 1 131 ? 1.761   -7.593  -5.053  1.00 30.07  ? 170 ILE A C   1 
ATOM   1035 O  O   . ILE A 1 131 ? 1.239   -7.560  -6.206  1.00 26.62  ? 170 ILE A O   1 
ATOM   1036 C  CB  . ILE A 1 131 ? 0.328   -7.434  -2.942  1.00 28.94  ? 170 ILE A CB  1 
ATOM   1037 C  CG1 . ILE A 1 131 ? -0.896  -8.027  -3.636  1.00 29.89  ? 170 ILE A CG1 1 
ATOM   1038 C  CG2 . ILE A 1 131 ? -0.057  -6.530  -1.779  1.00 29.97  ? 170 ILE A CG2 1 
ATOM   1039 C  CD1 . ILE A 1 131 ? -1.577  -9.122  -2.855  1.00 35.26  ? 170 ILE A CD1 1 
ATOM   1040 N  N   . HIS A 1 132 ? 2.785   -8.350  -4.711  1.00 28.40  ? 171 HIS A N   1 
ATOM   1041 C  CA  . HIS A 1 132 ? 3.321   -9.459  -5.525  1.00 28.05  ? 171 HIS A CA  1 
ATOM   1042 C  C   . HIS A 1 132 ? 3.256   -10.713 -4.670  1.00 29.67  ? 171 HIS A C   1 
ATOM   1043 O  O   . HIS A 1 132 ? 3.739   -10.677 -3.493  1.00 29.79  ? 171 HIS A O   1 
ATOM   1044 C  CB  . HIS A 1 132 ? 4.737   -9.158  -5.970  1.00 28.08  ? 171 HIS A CB  1 
ATOM   1045 C  CG  . HIS A 1 132 ? 4.894   -7.783  -6.503  1.00 32.14  ? 171 HIS A CG  1 
ATOM   1046 N  ND1 . HIS A 1 132 ? 4.383   -7.415  -7.740  1.00 30.99  ? 171 HIS A ND1 1 
ATOM   1047 C  CD2 . HIS A 1 132 ? 5.496   -6.682  -5.988  1.00 30.17  ? 171 HIS A CD2 1 
ATOM   1048 C  CE1 . HIS A 1 132 ? 4.678   -6.151  -7.966  1.00 31.61  ? 171 HIS A CE1 1 
ATOM   1049 N  NE2 . HIS A 1 132 ? 5.332   -5.667  -6.895  1.00 33.15  ? 171 HIS A NE2 1 
ATOM   1050 N  N   . ILE A 1 133 ? 2.673   -11.770 -5.215  1.00 31.00  ? 172 ILE A N   1 
ATOM   1051 C  CA  . ILE A 1 133 ? 2.686   -13.100 -4.541  1.00 31.76  ? 172 ILE A CA  1 
ATOM   1052 C  C   . ILE A 1 133 ? 3.696   -13.943 -5.302  1.00 33.77  ? 172 ILE A C   1 
ATOM   1053 O  O   . ILE A 1 133 ? 3.496   -14.179 -6.524  1.00 32.12  ? 172 ILE A O   1 
ATOM   1054 C  CB  . ILE A 1 133 ? 1.300   -13.743 -4.474  1.00 33.24  ? 172 ILE A CB  1 
ATOM   1055 C  CG1 . ILE A 1 133 ? 0.291   -12.861 -3.758  1.00 34.77  ? 172 ILE A CG1 1 
ATOM   1056 C  CG2 . ILE A 1 133 ? 1.397   -15.097 -3.802  1.00 31.73  ? 172 ILE A CG2 1 
ATOM   1057 C  CD1 . ILE A 1 133 ? -1.131  -13.284 -3.974  1.00 35.64  ? 172 ILE A CD1 1 
ATOM   1058 N  N   . VAL A 1 134 ? 4.797   -14.266 -4.628  1.00 34.35  ? 173 VAL A N   1 
ATOM   1059 C  CA  . VAL A 1 134 ? 5.980   -14.917 -5.255  1.00 31.74  ? 173 VAL A CA  1 
ATOM   1060 C  C   . VAL A 1 134 ? 6.016   -16.364 -4.744  1.00 33.02  ? 173 VAL A C   1 
ATOM   1061 O  O   . VAL A 1 134 ? 6.150   -16.565 -3.508  1.00 34.54  ? 173 VAL A O   1 
ATOM   1062 C  CB  . VAL A 1 134 ? 7.284   -14.159 -4.986  1.00 34.50  ? 173 VAL A CB  1 
ATOM   1063 C  CG1 . VAL A 1 134 ? 8.443   -14.775 -5.758  1.00 35.64  ? 173 VAL A CG1 1 
ATOM   1064 C  CG2 . VAL A 1 134 ? 7.166   -12.663 -5.307  1.00 37.30  ? 173 VAL A CG2 1 
ATOM   1065 N  N   . ARG A 1 135 ? 5.767   -17.309 -5.644  1.00 35.33  ? 174 ARG A N   1 
ATOM   1066 C  CA  . ARG A 1 135 ? 5.956   -18.760 -5.378  1.00 39.62  ? 174 ARG A CA  1 
ATOM   1067 C  C   . ARG A 1 135 ? 7.459   -19.019 -5.362  1.00 39.04  ? 174 ARG A C   1 
ATOM   1068 O  O   . ARG A 1 135 ? 8.088   -18.827 -6.399  1.00 38.26  ? 174 ARG A O   1 
ATOM   1069 C  CB  . ARG A 1 135 ? 5.224   -19.607 -6.427  1.00 44.45  ? 174 ARG A CB  1 
ATOM   1070 C  CG  . ARG A 1 135 ? 5.322   -21.102 -6.177  1.00 48.06  ? 174 ARG A CG  1 
ATOM   1071 C  CD  . ARG A 1 135 ? 4.392   -21.896 -7.065  1.00 52.07  ? 174 ARG A CD  1 
ATOM   1072 N  NE  . ARG A 1 135 ? 4.584   -23.319 -6.804  1.00 58.30  ? 174 ARG A NE  1 
ATOM   1073 C  CZ  . ARG A 1 135 ? 3.719   -24.282 -7.118  1.00 58.94  ? 174 ARG A CZ  1 
ATOM   1074 N  NH1 . ARG A 1 135 ? 2.575   -23.999 -7.718  1.00 60.39  ? 174 ARG A NH1 1 
ATOM   1075 N  NH2 . ARG A 1 135 ? 4.000   -25.535 -6.817  1.00 58.06  ? 174 ARG A NH2 1 
ATOM   1076 N  N   . VAL A 1 136 ? 7.983   -19.467 -4.218  1.00 45.61  ? 175 VAL A N   1 
ATOM   1077 C  CA  . VAL A 1 136 ? 9.441   -19.620 -3.948  1.00 47.57  ? 175 VAL A CA  1 
ATOM   1078 C  C   . VAL A 1 136 ? 9.723   -21.086 -3.587  1.00 57.05  ? 175 VAL A C   1 
ATOM   1079 O  O   . VAL A 1 136 ? 8.768   -21.819 -3.199  1.00 49.71  ? 175 VAL A O   1 
ATOM   1080 C  CB  . VAL A 1 136 ? 9.874   -18.679 -2.808  1.00 50.64  ? 175 VAL A CB  1 
ATOM   1081 C  CG1 . VAL A 1 136 ? 9.740   -17.214 -3.201  1.00 53.50  ? 175 VAL A CG1 1 
ATOM   1082 C  CG2 . VAL A 1 136 ? 9.098   -18.936 -1.522  1.00 50.50  ? 175 VAL A CG2 1 
ATOM   1083 N  N   . GLY A 1 137 ? 10.989  -21.493 -3.671  1.00 62.87  ? 176 GLY A N   1 
ATOM   1084 C  CA  . GLY A 1 137 ? 11.463  -22.804 -3.188  1.00 73.06  ? 176 GLY A CA  1 
ATOM   1085 C  C   . GLY A 1 137 ? 11.268  -23.885 -4.232  1.00 78.56  ? 176 GLY A C   1 
ATOM   1086 O  O   . GLY A 1 137 ? 12.209  -24.688 -4.433  1.00 84.97  ? 176 GLY A O   1 
ATOM   1087 N  N   . GLY A 1 138 ? 10.091  -23.899 -4.871  1.00 76.36  ? 177 GLY A N   1 
ATOM   1088 C  CA  . GLY A 1 138 ? 9.745   -24.806 -5.979  1.00 79.59  ? 177 GLY A CA  1 
ATOM   1089 C  C   . GLY A 1 138 ? 10.704  -24.662 -7.156  1.00 79.60  ? 177 GLY A C   1 
ATOM   1090 O  O   . GLY A 1 138 ? 11.593  -23.806 -7.156  1.00 70.54  ? 177 GLY A O   1 
ATOM   1091 N  N   . PRO A 1 139 ? 10.541  -25.502 -8.199  1.00 85.82  ? 178 PRO A N   1 
ATOM   1092 C  CA  . PRO A 1 139 ? 11.370  -25.404 -9.399  1.00 85.60  ? 178 PRO A CA  1 
ATOM   1093 C  C   . PRO A 1 139 ? 10.915  -24.182 -10.209 1.00 85.51  ? 178 PRO A C   1 
ATOM   1094 O  O   . PRO A 1 139 ? 11.752  -23.360 -10.558 1.00 79.34  ? 178 PRO A O   1 
ATOM   1095 C  CB  . PRO A 1 139 ? 11.108  -26.731 -10.129 1.00 88.83  ? 178 PRO A CB  1 
ATOM   1096 C  CG  . PRO A 1 139 ? 9.726   -27.184 -9.655  1.00 87.68  ? 178 PRO A CG  1 
ATOM   1097 C  CD  . PRO A 1 139 ? 9.519   -26.559 -8.290  1.00 87.25  ? 178 PRO A CD  1 
ATOM   1098 N  N   . GLN A 1 140 ? 9.596   -24.103 -10.434 1.00 84.88  ? 179 GLN A N   1 
ATOM   1099 C  CA  . GLN A 1 140 ? 8.878   -23.030 -11.170 1.00 82.49  ? 179 GLN A CA  1 
ATOM   1100 C  C   . GLN A 1 140 ? 8.633   -21.859 -10.209 1.00 70.53  ? 179 GLN A C   1 
ATOM   1101 O  O   . GLN A 1 140 ? 7.624   -21.878 -9.480  1.00 70.62  ? 179 GLN A O   1 
ATOM   1102 C  CB  . GLN A 1 140 ? 7.577   -23.578 -11.777 1.00 89.08  ? 179 GLN A CB  1 
ATOM   1103 C  CG  . GLN A 1 140 ? 6.535   -24.044 -10.754 1.00 94.66  ? 179 GLN A CG  1 
ATOM   1104 C  CD  . GLN A 1 140 ? 5.550   -25.069 -11.276 1.00 97.37  ? 179 GLN A CD  1 
ATOM   1105 O  OE1 . GLN A 1 140 ? 5.001   -24.941 -12.370 1.00 97.25  ? 179 GLN A OE1 1 
ATOM   1106 N  NE2 . GLN A 1 140 ? 5.290   -26.091 -10.473 1.00 92.01  ? 179 GLN A NE2 1 
ATOM   1107 N  N   . ARG A 1 141 ? 9.534   -20.877 -10.194 1.00 60.32  ? 180 ARG A N   1 
ATOM   1108 C  CA  . ARG A 1 141 ? 9.230   -19.546 -9.609  1.00 57.14  ? 180 ARG A CA  1 
ATOM   1109 C  C   . ARG A 1 141 ? 8.058   -18.962 -10.415 1.00 52.64  ? 180 ARG A C   1 
ATOM   1110 O  O   . ARG A 1 141 ? 8.028   -19.198 -11.644 1.00 48.76  ? 180 ARG A O   1 
ATOM   1111 C  CB  . ARG A 1 141 ? 10.482  -18.662 -9.607  1.00 60.24  ? 180 ARG A CB  1 
ATOM   1112 C  CG  . ARG A 1 141 ? 10.217  -17.235 -9.152  1.00 66.61  ? 180 ARG A CG  1 
ATOM   1113 C  CD  . ARG A 1 141 ? 11.470  -16.413 -8.931  1.00 68.57  ? 180 ARG A CD  1 
ATOM   1114 N  NE  . ARG A 1 141 ? 11.527  -16.026 -7.532  1.00 77.21  ? 180 ARG A NE  1 
ATOM   1115 C  CZ  . ARG A 1 141 ? 12.419  -16.446 -6.639  1.00 76.56  ? 180 ARG A CZ  1 
ATOM   1116 N  NH1 . ARG A 1 141 ? 12.338  -16.017 -5.391  1.00 64.04  ? 180 ARG A NH1 1 
ATOM   1117 N  NH2 . ARG A 1 141 ? 13.400  -17.260 -6.990  1.00 80.33  ? 180 ARG A NH2 1 
ATOM   1118 N  N   . MET A 1 142 ? 7.097   -18.303 -9.745  1.00 42.54  ? 181 MET A N   1 
ATOM   1119 C  CA  . MET A 1 142 ? 5.949   -17.592 -10.378 1.00 40.05  ? 181 MET A CA  1 
ATOM   1120 C  C   . MET A 1 142 ? 5.642   -16.337 -9.548  1.00 39.81  ? 181 MET A C   1 
ATOM   1121 O  O   . MET A 1 142 ? 5.893   -16.341 -8.326  1.00 32.96  ? 181 MET A O   1 
ATOM   1122 C  CB  . MET A 1 142 ? 4.702   -18.482 -10.466 1.00 37.94  ? 181 MET A CB  1 
ATOM   1123 C  CG  . MET A 1 142 ? 3.518   -17.892 -11.262 1.00 39.75  ? 181 MET A CG  1 
ATOM   1124 S  SD  . MET A 1 142 ? 3.953   -17.113 -12.843 1.00 42.02  ? 181 MET A SD  1 
ATOM   1125 C  CE  . MET A 1 142 ? 2.423   -16.264 -13.240 1.00 50.27  ? 181 MET A CE  1 
ATOM   1126 N  N   . ILE A 1 143 ? 5.154   -15.287 -10.207 1.00 38.61  ? 182 ILE A N   1 
ATOM   1127 C  CA  . ILE A 1 143 ? 4.706   -14.017 -9.562  1.00 34.90  ? 182 ILE A CA  1 
ATOM   1128 C  C   . ILE A 1 143 ? 3.293   -13.737 -10.056 1.00 34.77  ? 182 ILE A C   1 
ATOM   1129 O  O   . ILE A 1 143 ? 3.066   -13.801 -11.307 1.00 32.39  ? 182 ILE A O   1 
ATOM   1130 C  CB  . ILE A 1 143 ? 5.677   -12.860 -9.865  1.00 35.30  ? 182 ILE A CB  1 
ATOM   1131 C  CG1 . ILE A 1 143 ? 7.059   -13.174 -9.307  1.00 34.29  ? 182 ILE A CG1 1 
ATOM   1132 C  CG2 . ILE A 1 143 ? 5.146   -11.523 -9.325  1.00 34.99  ? 182 ILE A CG2 1 
ATOM   1133 C  CD1 . ILE A 1 143 ? 8.155   -12.328 -9.864  1.00 36.99  ? 182 ILE A CD1 1 
ATOM   1134 N  N   . THR A 1 144 ? 2.386   -13.458 -9.125  1.00 33.12  ? 183 THR A N   1 
ATOM   1135 C  CA  . THR A 1 144 ? 1.068   -12.848 -9.421  1.00 35.30  ? 183 THR A CA  1 
ATOM   1136 C  C   . THR A 1 144 ? 1.064   -11.476 -8.740  1.00 34.08  ? 183 THR A C   1 
ATOM   1137 O  O   . THR A 1 144 ? 1.458   -11.386 -7.550  1.00 30.53  ? 183 THR A O   1 
ATOM   1138 C  CB  . THR A 1 144 ? -0.094  -13.777 -9.072  1.00 38.30  ? 183 THR A CB  1 
ATOM   1139 O  OG1 . THR A 1 144 ? -0.297  -13.803 -7.663  1.00 60.14  ? 183 THR A OG1 1 
ATOM   1140 C  CG2 . THR A 1 144 ? 0.136   -15.184 -9.566  1.00 34.08  ? 183 THR A CG2 1 
ATOM   1141 N  N   . SER A 1 145 ? 0.681   -10.448 -9.482  1.00 31.65  ? 184 SER A N   1 
ATOM   1142 C  CA  . SER A 1 145 ? 0.657   -9.062  -8.958  1.00 29.26  ? 184 SER A CA  1 
ATOM   1143 C  C   . SER A 1 145 ? -0.773  -8.572  -8.957  1.00 31.21  ? 184 SER A C   1 
ATOM   1144 O  O   . SER A 1 145 ? -1.587  -8.992  -9.815  1.00 29.13  ? 184 SER A O   1 
ATOM   1145 C  CB  . SER A 1 145 ? 1.551   -8.175  -9.722  1.00 29.48  ? 184 SER A CB  1 
ATOM   1146 O  OG  . SER A 1 145 ? 2.876   -8.642  -9.614  1.00 31.93  ? 184 SER A OG  1 
ATOM   1147 N  N   . HIS A 1 146 ? -1.081  -7.689  -8.022  1.00 26.85  ? 185 HIS A N   1 
ATOM   1148 C  CA  . HIS A 1 146 ? -2.416  -7.093  -7.899  1.00 28.64  ? 185 HIS A CA  1 
ATOM   1149 C  C   . HIS A 1 146 ? -2.315  -5.689  -7.313  1.00 28.45  ? 185 HIS A C   1 
ATOM   1150 O  O   . HIS A 1 146 ? -1.729  -5.506  -6.237  1.00 30.55  ? 185 HIS A O   1 
ATOM   1151 C  CB  . HIS A 1 146 ? -3.302  -7.985  -7.035  1.00 30.75  ? 185 HIS A CB  1 
ATOM   1152 C  CG  . HIS A 1 146 ? -4.745  -7.802  -7.336  1.00 35.47  ? 185 HIS A CG  1 
ATOM   1153 N  ND1 . HIS A 1 146 ? -5.498  -6.810  -6.756  1.00 40.91  ? 185 HIS A ND1 1 
ATOM   1154 C  CD2 . HIS A 1 146 ? -5.571  -8.479  -8.153  1.00 39.97  ? 185 HIS A CD2 1 
ATOM   1155 C  CE1 . HIS A 1 146 ? -6.729  -6.881  -7.203  1.00 42.40  ? 185 HIS A CE1 1 
ATOM   1156 N  NE2 . HIS A 1 146 ? -6.796  -7.890  -8.061  1.00 43.64  ? 185 HIS A NE2 1 
ATOM   1157 N  N   A CYS A 1 147 ? -2.919  -4.731  -8.024  0.25 29.90  ? 186 CYS A N   1 
ATOM   1158 N  N   B CYS A 1 147 ? -2.880  -4.694  -7.995  0.25 28.61  ? 186 CYS A N   1 
ATOM   1159 C  CA  A CYS A 1 147 ? -3.101  -3.313  -7.613  0.25 28.86  ? 186 CYS A CA  1 
ATOM   1160 C  CA  B CYS A 1 147 ? -2.930  -3.293  -7.492  0.25 26.58  ? 186 CYS A CA  1 
ATOM   1161 C  C   A CYS A 1 147 ? -4.389  -3.153  -6.828  0.25 28.62  ? 186 CYS A C   1 
ATOM   1162 C  C   B CYS A 1 147 ? -4.348  -3.000  -6.987  0.25 26.81  ? 186 CYS A C   1 
ATOM   1163 O  O   A CYS A 1 147 ? -5.316  -3.945  -7.056  0.25 27.93  ? 186 CYS A O   1 
ATOM   1164 O  O   B CYS A 1 147 ? -5.299  -3.591  -7.508  0.25 25.45  ? 186 CYS A O   1 
ATOM   1165 C  CB  A CYS A 1 147 ? -3.261  -2.413  -8.824  0.25 30.74  ? 186 CYS A CB  1 
ATOM   1166 C  CB  B CYS A 1 147 ? -2.460  -2.320  -8.568  0.25 27.07  ? 186 CYS A CB  1 
ATOM   1167 S  SG  A CYS A 1 147 ? -1.792  -2.413  -9.868  0.25 26.01  ? 186 CYS A SG  1 
ATOM   1168 S  SG  B CYS A 1 147 ? -3.417  -2.411  -10.107 0.25 22.88  ? 186 CYS A SG  1 
ATOM   1169 N  N   . PHE A 1 148 ? -4.463  -2.123  -5.981  1.00 29.05  ? 187 PHE A N   1 
ATOM   1170 C  CA  . PHE A 1 148 ? -5.706  -1.844  -5.229  1.00 27.88  ? 187 PHE A CA  1 
ATOM   1171 C  C   . PHE A 1 148 ? -6.074  -0.379  -5.406  1.00 29.67  ? 187 PHE A C   1 
ATOM   1172 O  O   . PHE A 1 148 ? -5.767  0.460   -4.554  1.00 28.86  ? 187 PHE A O   1 
ATOM   1173 C  CB  . PHE A 1 148 ? -5.479  -2.229  -3.769  1.00 29.28  ? 187 PHE A CB  1 
ATOM   1174 C  CG  . PHE A 1 148 ? -5.217  -3.696  -3.558  1.00 31.14  ? 187 PHE A CG  1 
ATOM   1175 C  CD1 . PHE A 1 148 ? -6.276  -4.591  -3.459  1.00 33.87  ? 187 PHE A CD1 1 
ATOM   1176 C  CD2 . PHE A 1 148 ? -3.922  -4.179  -3.512  1.00 30.80  ? 187 PHE A CD2 1 
ATOM   1177 C  CE1 . PHE A 1 148 ? -6.038  -5.947  -3.272  1.00 35.07  ? 187 PHE A CE1 1 
ATOM   1178 C  CE2 . PHE A 1 148 ? -3.686  -5.530  -3.293  1.00 35.78  ? 187 PHE A CE2 1 
ATOM   1179 C  CZ  . PHE A 1 148 ? -4.745  -6.409  -3.187  1.00 33.34  ? 187 PHE A CZ  1 
ATOM   1180 N  N   . PRO A 1 149 ? -6.729  -0.018  -6.530  1.00 28.74  ? 188 PRO A N   1 
ATOM   1181 C  CA  . PRO A 1 149 ? -7.174  1.360   -6.738  1.00 29.19  ? 188 PRO A CA  1 
ATOM   1182 C  C   . PRO A 1 149 ? -7.930  1.974   -5.543  1.00 28.90  ? 188 PRO A C   1 
ATOM   1183 O  O   . PRO A 1 149 ? -7.806  3.149   -5.337  1.00 27.38  ? 188 PRO A O   1 
ATOM   1184 C  CB  . PRO A 1 149 ? -8.085  1.242   -7.979  1.00 30.33  ? 188 PRO A CB  1 
ATOM   1185 C  CG  . PRO A 1 149 ? -7.638  0.002   -8.716  1.00 33.89  ? 188 PRO A CG  1 
ATOM   1186 C  CD  . PRO A 1 149 ? -7.008  -0.896  -7.679  1.00 32.26  ? 188 PRO A CD  1 
ATOM   1187 N  N   . GLU A 1 150 ? -8.720  1.174   -4.822  1.00 28.81  ? 189 GLU A N   1 
ATOM   1188 C  CA  . GLU A 1 150 ? -9.519  1.619   -3.645  1.00 30.73  ? 189 GLU A CA  1 
ATOM   1189 C  C   . GLU A 1 150 ? -8.606  2.236   -2.570  1.00 28.70  ? 189 GLU A C   1 
ATOM   1190 O  O   . GLU A 1 150 ? -9.103  3.008   -1.723  1.00 29.72  ? 189 GLU A O   1 
ATOM   1191 C  CB  . GLU A 1 150 ? -10.292 0.403   -3.134  1.00 34.05  ? 189 GLU A CB  1 
ATOM   1192 C  CG  . GLU A 1 150 ? -10.919 -0.400  -4.273  1.00 37.31  ? 189 GLU A CG  1 
ATOM   1193 C  CD  . GLU A 1 150 ? -10.297 -1.741  -4.657  1.00 38.11  ? 189 GLU A CD  1 
ATOM   1194 O  OE1 . GLU A 1 150 ? -11.101 -2.685  -4.787  1.00 49.26  ? 189 GLU A OE1 1 
ATOM   1195 O  OE2 . GLU A 1 150 ? -9.045  -1.873  -4.844  1.00 30.01  ? 189 GLU A OE2 1 
ATOM   1196 N  N   . THR A 1 151 ? -7.318  1.893   -2.581  1.00 28.99  ? 190 THR A N   1 
ATOM   1197 C  CA  . THR A 1 151 ? -6.362  2.188   -1.484  1.00 27.90  ? 190 THR A CA  1 
ATOM   1198 C  C   . THR A 1 151 ? -5.407  3.296   -1.907  1.00 26.52  ? 190 THR A C   1 
ATOM   1199 O  O   . THR A 1 151 ? -4.455  3.542   -1.161  1.00 29.62  ? 190 THR A O   1 
ATOM   1200 C  CB  . THR A 1 151 ? -5.623  0.921   -1.028  1.00 29.03  ? 190 THR A CB  1 
ATOM   1201 O  OG1 . THR A 1 151 ? -4.678  0.501   -2.027  1.00 26.34  ? 190 THR A OG1 1 
ATOM   1202 C  CG2 . THR A 1 151 ? -6.617  -0.171  -0.691  1.00 29.70  ? 190 THR A CG2 1 
ATOM   1203 N  N   . GLN A 1 152 ? -5.634  3.917   -3.080  1.00 25.78  ? 191 GLN A N   1 
ATOM   1204 C  CA  . GLN A 1 152 ? -4.833  5.089   -3.506  1.00 25.98  ? 191 GLN A CA  1 
ATOM   1205 C  C   . GLN A 1 152 ? -4.795  6.138   -2.391  1.00 26.98  ? 191 GLN A C   1 
ATOM   1206 O  O   . GLN A 1 152 ? -5.826  6.357   -1.724  1.00 30.20  ? 191 GLN A O   1 
ATOM   1207 C  CB  . GLN A 1 152 ? -5.406  5.728   -4.775  1.00 29.23  ? 191 GLN A CB  1 
ATOM   1208 C  CG  . GLN A 1 152 ? -5.083  4.917   -6.027  1.00 32.38  ? 191 GLN A CG  1 
ATOM   1209 C  CD  . GLN A 1 152 ? -5.933  5.365   -7.194  1.00 40.07  ? 191 GLN A CD  1 
ATOM   1210 O  OE1 . GLN A 1 152 ? -6.663  6.359   -7.120  1.00 40.82  ? 191 GLN A OE1 1 
ATOM   1211 N  NE2 . GLN A 1 152 ? -5.901  4.589   -8.266  1.00 38.52  ? 191 GLN A NE2 1 
ATOM   1212 N  N   . PHE A 1 153 ? -3.649  6.779   -2.225  1.00 28.48  ? 192 PHE A N   1 
ATOM   1213 C  CA  . PHE A 1 153 ? -3.495  7.908   -1.293  1.00 29.81  ? 192 PHE A CA  1 
ATOM   1214 C  C   . PHE A 1 153 ? -2.425  8.861   -1.799  1.00 29.41  ? 192 PHE A C   1 
ATOM   1215 O  O   . PHE A 1 153 ? -1.572  8.525   -2.605  1.00 28.85  ? 192 PHE A O   1 
ATOM   1216 C  CB  . PHE A 1 153 ? -3.097  7.400   0.100   1.00 27.22  ? 192 PHE A CB  1 
ATOM   1217 C  CG  . PHE A 1 153 ? -1.781  6.685   0.144   1.00 25.61  ? 192 PHE A CG  1 
ATOM   1218 C  CD1 . PHE A 1 153 ? -0.595  7.377   0.299   1.00 27.87  ? 192 PHE A CD1 1 
ATOM   1219 C  CD2 . PHE A 1 153 ? -1.726  5.311   -0.027  1.00 26.53  ? 192 PHE A CD2 1 
ATOM   1220 C  CE1 . PHE A 1 153 ? 0.620   6.704   0.303   1.00 29.12  ? 192 PHE A CE1 1 
ATOM   1221 C  CE2 . PHE A 1 153 ? -0.515  4.645   -0.027  1.00 27.12  ? 192 PHE A CE2 1 
ATOM   1222 C  CZ  . PHE A 1 153 ? 0.652   5.334   0.169   1.00 27.16  ? 192 PHE A CZ  1 
ATOM   1223 N  N   . ILE A 1 154 ? -2.439  10.067  -1.238  1.00 28.20  ? 193 ILE A N   1 
ATOM   1224 C  CA  . ILE A 1 154 ? -1.341  11.044  -1.402  1.00 28.65  ? 193 ILE A CA  1 
ATOM   1225 C  C   . ILE A 1 154 ? -0.532  11.001  -0.116  1.00 30.39  ? 193 ILE A C   1 
ATOM   1226 O  O   . ILE A 1 154 ? -1.178  11.017  0.959   1.00 32.02  ? 193 ILE A O   1 
ATOM   1227 C  CB  . ILE A 1 154 ? -1.912  12.445  -1.694  1.00 30.58  ? 193 ILE A CB  1 
ATOM   1228 C  CG1 . ILE A 1 154 ? -2.768  12.433  -2.968  1.00 33.91  ? 193 ILE A CG1 1 
ATOM   1229 C  CG2 . ILE A 1 154 ? -0.770  13.453  -1.742  1.00 32.08  ? 193 ILE A CG2 1 
ATOM   1230 C  CD1 . ILE A 1 154 ? -3.450  13.750  -3.298  1.00 36.73  ? 193 ILE A CD1 1 
ATOM   1231 N  N   . ALA A 1 155 ? 0.780   10.854  -0.244  1.00 29.50  ? 194 ALA A N   1 
ATOM   1232 C  CA  . ALA A 1 155 ? 1.761   10.896  0.859   1.00 32.24  ? 194 ALA A CA  1 
ATOM   1233 C  C   . ALA A 1 155 ? 1.866   12.356  1.318   1.00 32.65  ? 194 ALA A C   1 
ATOM   1234 O  O   . ALA A 1 155 ? 1.979   13.225  0.441   1.00 33.77  ? 194 ALA A O   1 
ATOM   1235 C  CB  . ALA A 1 155 ? 3.079   10.342  0.387   1.00 33.91  ? 194 ALA A CB  1 
ATOM   1236 N  N   . VAL A 1 156 ? 1.743   12.607  2.624   1.00 33.24  ? 195 VAL A N   1 
ATOM   1237 C  CA  . VAL A 1 156 ? 1.743   13.976  3.233   1.00 33.97  ? 195 VAL A CA  1 
ATOM   1238 C  C   . VAL A 1 156 ? 2.548   13.939  4.535   1.00 34.95  ? 195 VAL A C   1 
ATOM   1239 O  O   . VAL A 1 156 ? 2.548   12.898  5.195   1.00 32.39  ? 195 VAL A O   1 
ATOM   1240 C  CB  . VAL A 1 156 ? 0.308   14.498  3.469   1.00 33.95  ? 195 VAL A CB  1 
ATOM   1241 C  CG1 . VAL A 1 156 ? -0.481  14.566  2.165   1.00 34.90  ? 195 VAL A CG1 1 
ATOM   1242 C  CG2 . VAL A 1 156 ? -0.454  13.703  4.518   1.00 33.78  ? 195 VAL A CG2 1 
ATOM   1243 N  N   . THR A 1 157 ? 3.217   15.034  4.898   1.00 35.94  ? 196 THR A N   1 
ATOM   1244 C  CA  . THR A 1 157 ? 3.894   15.159  6.216   1.00 38.65  ? 196 THR A CA  1 
ATOM   1245 C  C   . THR A 1 157 ? 2.871   15.540  7.297   1.00 37.44  ? 196 THR A C   1 
ATOM   1246 O  O   . THR A 1 157 ? 3.176   15.313  8.473   1.00 34.35  ? 196 THR A O   1 
ATOM   1247 C  CB  . THR A 1 157 ? 5.042   16.172  6.184   1.00 39.66  ? 196 THR A CB  1 
ATOM   1248 O  OG1 . THR A 1 157 ? 4.437   17.393  5.782   1.00 41.10  ? 196 THR A OG1 1 
ATOM   1249 C  CG2 . THR A 1 157 ? 6.163   15.797  5.242   1.00 42.01  ? 196 THR A CG2 1 
ATOM   1250 N  N   . ALA A 1 158 ? 1.711   16.093  6.932   1.00 35.61  ? 197 ALA A N   1 
ATOM   1251 C  CA  . ALA A 1 158 ? 0.575   16.327  7.859   1.00 36.73  ? 197 ALA A CA  1 
ATOM   1252 C  C   . ALA A 1 158 ? -0.725  16.344  7.062   1.00 32.04  ? 197 ALA A C   1 
ATOM   1253 O  O   . ALA A 1 158 ? -0.674  16.737  5.895   1.00 36.38  ? 197 ALA A O   1 
ATOM   1254 C  CB  . ALA A 1 158 ? 0.779   17.620  8.628   1.00 36.89  ? 197 ALA A CB  1 
ATOM   1255 N  N   . TYR A 1 159 ? -1.851  15.932  7.656   1.00 32.49  ? 198 TYR A N   1 
ATOM   1256 C  CA  . TYR A 1 159 ? -3.159  15.895  6.959   1.00 33.62  ? 198 TYR A CA  1 
ATOM   1257 C  C   . TYR A 1 159 ? -3.572  17.292  6.471   1.00 38.53  ? 198 TYR A C   1 
ATOM   1258 O  O   . TYR A 1 159 ? -3.522  18.269  7.227   1.00 33.90  ? 198 TYR A O   1 
ATOM   1259 C  CB  . TYR A 1 159 ? -4.255  15.291  7.835   1.00 35.51  ? 198 TYR A CB  1 
ATOM   1260 C  CG  . TYR A 1 159 ? -4.044  13.838  8.162   1.00 35.01  ? 198 TYR A CG  1 
ATOM   1261 C  CD1 . TYR A 1 159 ? -3.739  12.915  7.172   1.00 33.33  ? 198 TYR A CD1 1 
ATOM   1262 C  CD2 . TYR A 1 159 ? -4.126  13.383  9.466   1.00 35.47  ? 198 TYR A CD2 1 
ATOM   1263 C  CE1 . TYR A 1 159 ? -3.518  11.578  7.470   1.00 33.83  ? 198 TYR A CE1 1 
ATOM   1264 C  CE2 . TYR A 1 159 ? -3.929  12.050  9.781   1.00 35.36  ? 198 TYR A CE2 1 
ATOM   1265 C  CZ  . TYR A 1 159 ? -3.627  11.144  8.780   1.00 36.12  ? 198 TYR A CZ  1 
ATOM   1266 O  OH  . TYR A 1 159 ? -3.434  9.838   9.085   1.00 35.14  ? 198 TYR A OH  1 
ATOM   1267 N  N   . GLN A 1 160 ? -4.050  17.381  5.227   1.00 34.63  ? 199 GLN A N   1 
ATOM   1268 C  CA  . GLN A 1 160 ? -4.494  18.661  4.622   1.00 32.60  ? 199 GLN A CA  1 
ATOM   1269 C  C   . GLN A 1 160 ? -5.999  18.787  4.767   1.00 35.11  ? 199 GLN A C   1 
ATOM   1270 O  O   . GLN A 1 160 ? -6.466  19.857  5.181   1.00 34.27  ? 199 GLN A O   1 
ATOM   1271 C  CB  . GLN A 1 160 ? -4.061  18.715  3.161   1.00 37.24  ? 199 GLN A CB  1 
ATOM   1272 C  CG  . GLN A 1 160 ? -2.565  18.559  2.970   1.00 42.49  ? 199 GLN A CG  1 
ATOM   1273 C  CD  . GLN A 1 160 ? -1.799  19.659  3.656   1.00 46.61  ? 199 GLN A CD  1 
ATOM   1274 O  OE1 . GLN A 1 160 ? -1.846  20.814  3.248   1.00 56.11  ? 199 GLN A OE1 1 
ATOM   1275 N  NE2 . GLN A 1 160 ? -1.079  19.300  4.703   1.00 44.75  ? 199 GLN A NE2 1 
ATOM   1276 N  N   . ASN A 1 161 ? -6.720  17.711  4.452   1.00 32.65  ? 200 ASN A N   1 
ATOM   1277 C  CA  . ASN A 1 161 ? -8.195  17.665  4.437   1.00 34.47  ? 200 ASN A CA  1 
ATOM   1278 C  C   . ASN A 1 161 ? -8.650  17.202  5.818   1.00 34.63  ? 200 ASN A C   1 
ATOM   1279 O  O   . ASN A 1 161 ? -8.395  16.045  6.168   1.00 32.07  ? 200 ASN A O   1 
ATOM   1280 C  CB  . ASN A 1 161 ? -8.667  16.758  3.312   1.00 34.70  ? 200 ASN A CB  1 
ATOM   1281 C  CG  . ASN A 1 161 ? -10.162 16.628  3.232   1.00 35.05  ? 200 ASN A CG  1 
ATOM   1282 O  OD1 . ASN A 1 161 ? -10.894 17.258  3.987   1.00 34.09  ? 200 ASN A OD1 1 
ATOM   1283 N  ND2 . ASN A 1 161 ? -10.624 15.832  2.280   1.00 34.71  ? 200 ASN A ND2 1 
ATOM   1284 N  N   . GLU A 1 162 ? -9.297  18.088  6.581   1.00 34.18  ? 201 GLU A N   1 
ATOM   1285 C  CA  . GLU A 1 162 ? -9.730  17.773  7.967   1.00 34.32  ? 201 GLU A CA  1 
ATOM   1286 C  C   . GLU A 1 162 ? -10.754 16.629  7.925   1.00 32.98  ? 201 GLU A C   1 
ATOM   1287 O  O   . GLU A 1 162 ? -10.887 15.936  8.929   1.00 32.91  ? 201 GLU A O   1 
ATOM   1288 C  CB  . GLU A 1 162 ? -10.303 19.038  8.628   1.00 38.74  ? 201 GLU A CB  1 
ATOM   1289 C  CG  . GLU A 1 162 ? -11.795 19.180  8.394   1.00 47.28  ? 201 GLU A CG  1 
ATOM   1290 C  CD  . GLU A 1 162 ? -12.368 20.581  8.259   1.00 60.17  ? 201 GLU A CD  1 
ATOM   1291 O  OE1 . GLU A 1 162 ? -13.240 20.945  9.083   1.00 58.87  ? 201 GLU A OE1 1 
ATOM   1292 O  OE2 . GLU A 1 162 ? -11.993 21.279  7.290   1.00 77.43  ? 201 GLU A OE2 1 
ATOM   1293 N  N   . GLU A 1 163 ? -11.460 16.415  6.805   1.00 31.51  ? 202 GLU A N   1 
ATOM   1294 C  CA  . GLU A 1 163 ? -12.464 15.324  6.717   1.00 34.92  ? 202 GLU A CA  1 
ATOM   1295 C  C   . GLU A 1 163 ? -11.725 13.986  6.825   1.00 31.83  ? 202 GLU A C   1 
ATOM   1296 O  O   . GLU A 1 163 ? -12.302 13.036  7.375   1.00 32.92  ? 202 GLU A O   1 
ATOM   1297 C  CB  . GLU A 1 163 ? -13.279 15.353  5.421   1.00 34.53  ? 202 GLU A CB  1 
ATOM   1298 C  CG  . GLU A 1 163 ? -14.121 16.587  5.211   1.00 39.87  ? 202 GLU A CG  1 
ATOM   1299 C  CD  . GLU A 1 163 ? -14.486 16.777  3.743   1.00 44.90  ? 202 GLU A CD  1 
ATOM   1300 O  OE1 . GLU A 1 163 ? -15.609 17.206  3.466   1.00 51.35  ? 202 GLU A OE1 1 
ATOM   1301 O  OE2 . GLU A 1 163 ? -13.639 16.461  2.874   1.00 57.19  ? 202 GLU A OE2 1 
ATOM   1302 N  N   . ILE A 1 164 ? -10.507 13.906  6.272   1.00 29.81  ? 203 ILE A N   1 
ATOM   1303 C  CA  . ILE A 1 164 ? -9.604  12.724  6.410   1.00 29.84  ? 203 ILE A CA  1 
ATOM   1304 C  C   . ILE A 1 164 ? -9.187  12.577  7.879   1.00 30.29  ? 203 ILE A C   1 
ATOM   1305 O  O   . ILE A 1 164 ? -9.261  11.477  8.417   1.00 30.22  ? 203 ILE A O   1 
ATOM   1306 C  CB  . ILE A 1 164 ? -8.411  12.856  5.448   1.00 29.55  ? 203 ILE A CB  1 
ATOM   1307 C  CG1 . ILE A 1 164 ? -8.887  12.647  4.006   1.00 29.50  ? 203 ILE A CG1 1 
ATOM   1308 C  CG2 . ILE A 1 164 ? -7.252  11.946  5.829   1.00 32.50  ? 203 ILE A CG2 1 
ATOM   1309 C  CD1 . ILE A 1 164 ? -9.262  11.193  3.677   1.00 34.01  ? 203 ILE A CD1 1 
ATOM   1310 N  N   . THR A 1 165 ? -8.698  13.645  8.493   1.00 30.41  ? 204 THR A N   1 
ATOM   1311 C  CA  . THR A 1 165 ? -8.324  13.645  9.928   1.00 32.57  ? 204 THR A CA  1 
ATOM   1312 C  C   . THR A 1 165 ? -9.463  13.026  10.728  1.00 29.37  ? 204 THR A C   1 
ATOM   1313 O  O   . THR A 1 165 ? -9.182  12.099  11.474  1.00 33.64  ? 204 THR A O   1 
ATOM   1314 C  CB  . THR A 1 165 ? -7.980  15.046  10.423  1.00 32.11  ? 204 THR A CB  1 
ATOM   1315 O  OG1 . THR A 1 165 ? -7.117  15.602  9.435   1.00 32.14  ? 204 THR A OG1 1 
ATOM   1316 C  CG2 . THR A 1 165 ? -7.322  15.044  11.786  1.00 33.56  ? 204 THR A CG2 1 
ATOM   1317 N  N   . ALA A 1 166 ? -10.698 13.463  10.491  1.00 34.73  ? 205 ALA A N   1 
ATOM   1318 C  CA  . ALA A 1 166 ? -11.901 13.017  11.234  1.00 34.27  ? 205 ALA A CA  1 
ATOM   1319 C  C   . ALA A 1 166 ? -12.131 11.527  10.988  1.00 34.55  ? 205 ALA A C   1 
ATOM   1320 O  O   . ALA A 1 166 ? -12.392 10.788  11.949  1.00 31.16  ? 205 ALA A O   1 
ATOM   1321 C  CB  . ALA A 1 166 ? -13.100 13.833  10.826  1.00 38.20  ? 205 ALA A CB  1 
ATOM   1322 N  N   . LEU A 1 167 ? -12.080 11.091  9.723   1.00 34.40  ? 206 LEU A N   1 
ATOM   1323 C  CA  . LEU A 1 167 ? -12.359 9.677   9.365   1.00 31.73  ? 206 LEU A CA  1 
ATOM   1324 C  C   . LEU A 1 167 ? -11.332 8.765   10.016  1.00 28.04  ? 206 LEU A C   1 
ATOM   1325 O  O   . LEU A 1 167 ? -11.729 7.680   10.474  1.00 32.27  ? 206 LEU A O   1 
ATOM   1326 C  CB  . LEU A 1 167 ? -12.296 9.499   7.842   1.00 35.34  ? 206 LEU A CB  1 
ATOM   1327 C  CG  . LEU A 1 167 ? -13.597 9.202   7.101   1.00 40.09  ? 206 LEU A CG  1 
ATOM   1328 C  CD1 . LEU A 1 167 ? -13.293 8.263   5.932   1.00 38.08  ? 206 LEU A CD1 1 
ATOM   1329 C  CD2 . LEU A 1 167 ? -14.694 8.614   7.984   1.00 40.70  ? 206 LEU A CD2 1 
ATOM   1330 N  N   . LYS A 1 168 ? -10.057 9.159   9.981   1.00 27.97  ? 207 LYS A N   1 
ATOM   1331 C  CA  . LYS A 1 168 ? -8.912  8.392   10.530  1.00 29.06  ? 207 LYS A CA  1 
ATOM   1332 C  C   . LYS A 1 168 ? -9.161  8.100   12.014  1.00 32.44  ? 207 LYS A C   1 
ATOM   1333 O  O   . LYS A 1 168 ? -8.972  6.952   12.467  1.00 32.87  ? 207 LYS A O   1 
ATOM   1334 C  CB  . LYS A 1 168 ? -7.591  9.155   10.388  1.00 28.48  ? 207 LYS A CB  1 
ATOM   1335 C  CG  . LYS A 1 168 ? -7.093  9.380   8.961   1.00 33.77  ? 207 LYS A CG  1 
ATOM   1336 C  CD  . LYS A 1 168 ? -6.288  8.258   8.368   1.00 34.67  ? 207 LYS A CD  1 
ATOM   1337 C  CE  . LYS A 1 168 ? -5.933  8.531   6.918   1.00 36.54  ? 207 LYS A CE  1 
ATOM   1338 N  NZ  . LYS A 1 168 ? -4.752  7.753   6.486   1.00 37.09  ? 207 LYS A NZ  1 
ATOM   1339 N  N   . ILE A 1 169 ? -9.597  9.115   12.752  1.00 29.79  ? 208 ILE A N   1 
ATOM   1340 C  CA  . ILE A 1 169 ? -9.845  8.947   14.209  1.00 30.11  ? 208 ILE A CA  1 
ATOM   1341 C  C   . ILE A 1 169 ? -11.127 8.123   14.369  1.00 29.56  ? 208 ILE A C   1 
ATOM   1342 O  O   . ILE A 1 169 ? -11.103 7.124   15.133  1.00 31.93  ? 208 ILE A O   1 
ATOM   1343 C  CB  . ILE A 1 169 ? -9.882  10.335  14.884  1.00 29.03  ? 208 ILE A CB  1 
ATOM   1344 C  CG1 . ILE A 1 169 ? -8.481  10.956  14.883  1.00 27.50  ? 208 ILE A CG1 1 
ATOM   1345 C  CG2 . ILE A 1 169 ? -10.457 10.221  16.292  1.00 31.63  ? 208 ILE A CG2 1 
ATOM   1346 C  CD1 . ILE A 1 169 ? -8.457  12.442  14.974  1.00 30.91  ? 208 ILE A CD1 1 
ATOM   1347 N  N   . LYS A 1 170 ? -12.183 8.457   13.634  1.00 31.78  ? 209 LYS A N   1 
ATOM   1348 C  CA  . LYS A 1 170 ? -13.523 7.834   13.848  1.00 32.82  ? 209 LYS A CA  1 
ATOM   1349 C  C   . LYS A 1 170 ? -13.381 6.312   13.745  1.00 35.35  ? 209 LYS A C   1 
ATOM   1350 O  O   . LYS A 1 170 ? -14.020 5.612   14.562  1.00 34.99  ? 209 LYS A O   1 
ATOM   1351 C  CB  . LYS A 1 170 ? -14.572 8.380   12.871  1.00 33.53  ? 209 LYS A CB  1 
ATOM   1352 C  CG  . LYS A 1 170 ? -16.020 7.980   13.148  1.00 37.76  ? 209 LYS A CG  1 
ATOM   1353 C  CD  . LYS A 1 170 ? -17.024 8.710   12.231  1.00 39.57  ? 209 LYS A CD  1 
ATOM   1354 C  CE  . LYS A 1 170 ? -18.492 8.542   12.581  1.00 42.65  ? 209 LYS A CE  1 
ATOM   1355 N  NZ  . LYS A 1 170 ? -18.999 7.190   12.240  1.00 45.37  ? 209 LYS A NZ  1 
ATOM   1356 N  N   . TYR A 1 171 ? -12.556 5.811   12.815  1.00 34.40  ? 210 TYR A N   1 
ATOM   1357 C  CA  . TYR A 1 171 ? -12.496 4.364   12.489  1.00 36.65  ? 210 TYR A CA  1 
ATOM   1358 C  C   . TYR A 1 171 ? -11.276 3.680   13.089  1.00 35.99  ? 210 TYR A C   1 
ATOM   1359 O  O   . TYR A 1 171 ? -11.225 2.449   12.973  1.00 38.59  ? 210 TYR A O   1 
ATOM   1360 C  CB  . TYR A 1 171 ? -12.695 4.154   10.982  1.00 36.31  ? 210 TYR A CB  1 
ATOM   1361 C  CG  . TYR A 1 171 ? -14.143 4.391   10.654  1.00 35.26  ? 210 TYR A CG  1 
ATOM   1362 C  CD1 . TYR A 1 171 ? -15.107 3.522   11.146  1.00 42.08  ? 210 TYR A CD1 1 
ATOM   1363 C  CD2 . TYR A 1 171 ? -14.573 5.544   10.025  1.00 35.88  ? 210 TYR A CD2 1 
ATOM   1364 C  CE1 . TYR A 1 171 ? -16.455 3.747   10.932  1.00 41.74  ? 210 TYR A CE1 1 
ATOM   1365 C  CE2 . TYR A 1 171 ? -15.918 5.793   9.805   1.00 38.28  ? 210 TYR A CE2 1 
ATOM   1366 C  CZ  . TYR A 1 171 ? -16.862 4.888   10.267  1.00 42.11  ? 210 TYR A CZ  1 
ATOM   1367 O  OH  . TYR A 1 171 ? -18.199 5.094   10.078  1.00 46.20  ? 210 TYR A OH  1 
ATOM   1368 N  N   . ASN A 1 172 ? -10.367 4.393   13.745  1.00 40.44  ? 211 ASN A N   1 
ATOM   1369 C  CA  . ASN A 1 172 ? -9.234  3.731   14.435  1.00 44.55  ? 211 ASN A CA  1 
ATOM   1370 C  C   . ASN A 1 172 ? -9.732  3.217   15.795  1.00 56.11  ? 211 ASN A C   1 
ATOM   1371 O  O   . ASN A 1 172 ? -10.852 3.537   16.217  1.00 49.46  ? 211 ASN A O   1 
ATOM   1372 C  CB  . ASN A 1 172 ? -8.003  4.635   14.498  1.00 47.38  ? 211 ASN A CB  1 
ATOM   1373 C  CG  . ASN A 1 172 ? -8.032  5.610   15.657  1.00 48.05  ? 211 ASN A CG  1 
ATOM   1374 O  OD1 . ASN A 1 172 ? -7.183  6.489   15.751  1.00 51.95  ? 211 ASN A OD1 1 
ATOM   1375 N  ND2 . ASN A 1 172 ? -8.988  5.447   16.551  1.00 45.41  ? 211 ASN A ND2 1 
HETATM 1376 CD CD  . CD  B 2 .   ? -2.264  -0.555  -11.357 0.50 26.76  ? 301 CD  A CD  1 
HETATM 1377 CD CD  . CD  C 2 .   ? -4.739  2.087   -11.034 1.00 28.45  ? 302 CD  A CD  1 
HETATM 1378 CD CD  . CD  D 2 .   ? 14.789  0.926   0.327   1.00 65.75  ? 303 CD  A CD  1 
HETATM 1379 CD CD  . CD  E 2 .   ? 0.932   14.247  -16.731 1.00 35.93  ? 304 CD  A CD  1 
HETATM 1380 CD CD  . CD  F 2 .   ? 15.236  -1.248  -2.665  1.00 66.20  ? 305 CD  A CD  1 
HETATM 1381 N  N1  . NXM G 3 .   ? 13.142  -13.329 0.034   0.80 80.57  ? 306 NXM A N1  1 
HETATM 1382 C  C4  . NXM G 3 .   ? 16.729  -10.839 4.371   0.80 75.86  ? 306 NXM A C4  1 
HETATM 1383 C  C5  . NXM G 3 .   ? 15.875  -12.073 3.983   0.80 76.84  ? 306 NXM A C5  1 
HETATM 1384 C  C6  . NXM G 3 .   ? 14.348  -13.026 0.548   0.80 80.20  ? 306 NXM A C6  1 
HETATM 1385 C  C7  . NXM G 3 .   ? 13.264  -12.920 -1.339  0.80 78.76  ? 306 NXM A C7  1 
HETATM 1386 C  C8  . NXM G 3 .   ? 12.195  -13.039 -2.337  0.80 74.39  ? 306 NXM A C8  1 
HETATM 1387 C  C10 . NXM G 3 .   ? 11.354  -14.303 -2.341  0.80 72.49  ? 306 NXM A C10 1 
HETATM 1388 N  N   . NXM G 3 .   ? 16.194  -9.538  3.888   0.80 77.31  ? 306 NXM A N   1 
HETATM 1389 C  C   . NXM G 3 .   ? 14.903  -13.204 1.919   0.80 78.86  ? 306 NXM A C   1 
HETATM 1390 O  O   . NXM G 3 .   ? 15.166  -12.470 -0.414  0.80 81.88  ? 306 NXM A O   1 
HETATM 1391 C  C1  . NXM G 3 .   ? 15.135  -11.851 2.649   0.80 77.85  ? 306 NXM A C1  1 
HETATM 1392 C  C2  . NXM G 3 .   ? 15.962  -10.894 1.774   0.80 77.14  ? 306 NXM A C2  1 
HETATM 1393 C  C3  . NXM G 3 .   ? 15.931  -9.500  2.427   0.80 76.19  ? 306 NXM A C3  1 
HETATM 1394 C  C9  . NXM G 3 .   ? 10.756  -13.012 -1.852  0.80 72.36  ? 306 NXM A C9  1 
HETATM 1395 N  N2  . NXM G 3 .   ? 14.500  -12.407 -1.571  0.80 82.30  ? 306 NXM A N2  1 
HETATM 1396 O  O   . HOH H 4 .   ? 0.420   -21.210 -6.864  1.00 43.58  ? 401 HOH A O   1 
HETATM 1397 O  O   . HOH H 4 .   ? 7.773   -5.630  9.274   1.00 35.52  ? 402 HOH A O   1 
HETATM 1398 O  O   . HOH H 4 .   ? -14.766 13.173  7.878   1.00 41.54  ? 403 HOH A O   1 
HETATM 1399 O  O   . HOH H 4 .   ? 1.240   -21.028 9.749   1.00 38.10  ? 404 HOH A O   1 
HETATM 1400 O  O   . HOH H 4 .   ? -7.907  -3.722  3.907   1.00 35.15  ? 405 HOH A O   1 
HETATM 1401 O  O   . HOH H 4 .   ? -8.513  -17.929 1.759   1.00 51.43  ? 406 HOH A O   1 
HETATM 1402 O  O   . HOH H 4 .   ? 8.250   -17.991 7.678   0.50 51.41  ? 407 HOH A O   1 
HETATM 1403 O  O   . HOH H 4 .   ? 0.008   -14.183 10.677  1.00 44.20  ? 408 HOH A O   1 
HETATM 1404 O  O   . HOH H 4 .   ? 2.008   11.766  -7.867  1.00 31.41  ? 409 HOH A O   1 
HETATM 1405 O  O   . HOH H 4 .   ? 9.992   13.138  10.302  1.00 50.80  ? 410 HOH A O   1 
HETATM 1406 O  O   . HOH H 4 .   ? -2.857  -8.390  -12.051 1.00 41.70  ? 411 HOH A O   1 
HETATM 1407 O  O   . HOH H 4 .   ? 9.233   13.551  0.058   1.00 46.61  ? 412 HOH A O   1 
HETATM 1408 O  O   . HOH H 4 .   ? -7.786  14.728  1.181   1.00 29.61  ? 413 HOH A O   1 
HETATM 1409 O  O   . HOH H 4 .   ? 8.517   -0.870  6.776   1.00 37.19  ? 414 HOH A O   1 
HETATM 1410 O  O   . HOH H 4 .   ? 3.388   -9.289  -12.176 1.00 29.70  ? 415 HOH A O   1 
HETATM 1411 O  O   . HOH H 4 .   ? -0.391  -13.356 7.084   1.00 40.95  ? 416 HOH A O   1 
HETATM 1412 O  O   . HOH H 4 .   ? -8.234  -2.752  6.651   1.00 44.66  ? 417 HOH A O   1 
HETATM 1413 O  O   . HOH H 4 .   ? 1.448   6.191   6.994   1.00 36.52  ? 418 HOH A O   1 
HETATM 1414 O  O   . HOH H 4 .   ? 1.172   -0.137  8.249   1.00 31.53  ? 419 HOH A O   1 
HETATM 1415 O  O   . HOH H 4 .   ? -13.975 -5.935  1.403   1.00 50.90  ? 420 HOH A O   1 
HETATM 1416 O  O   . HOH H 4 .   ? -7.919  5.135   -0.447  1.00 27.86  ? 421 HOH A O   1 
HETATM 1417 O  O   . HOH H 4 .   ? -2.640  -15.266 6.584   1.00 38.88  ? 422 HOH A O   1 
HETATM 1418 O  O   . HOH H 4 .   ? -5.426  11.183  -9.811  1.00 39.29  ? 423 HOH A O   1 
HETATM 1419 O  O   . HOH H 4 .   ? -6.153  -14.959 2.575   1.00 43.85  ? 424 HOH A O   1 
HETATM 1420 O  O   . HOH H 4 .   ? 11.135  3.184   -1.432  1.00 43.75  ? 425 HOH A O   1 
HETATM 1421 O  O   . HOH H 4 .   ? 8.792   -1.993  -6.801  1.00 39.44  ? 426 HOH A O   1 
HETATM 1422 O  O   . HOH H 4 .   ? 2.858   -22.367 8.315   1.00 49.35  ? 427 HOH A O   1 
HETATM 1423 O  O   . HOH H 4 .   ? -1.604  -11.050 8.430   1.00 36.29  ? 428 HOH A O   1 
HETATM 1424 O  O   . HOH H 4 .   ? 0.045   -11.003 -12.190 1.00 34.59  ? 429 HOH A O   1 
HETATM 1425 O  O   . HOH H 4 .   ? -16.496 5.323   15.916  1.00 37.96  ? 430 HOH A O   1 
HETATM 1426 O  O   . HOH H 4 .   ? -0.932  -1.425  5.248   1.00 31.91  ? 431 HOH A O   1 
HETATM 1427 O  O   . HOH H 4 .   ? 2.001   -11.389 11.489  1.00 40.01  ? 432 HOH A O   1 
HETATM 1428 O  O   . HOH H 4 .   ? -7.674  8.420   -2.527  1.00 32.53  ? 433 HOH A O   1 
HETATM 1429 O  O   . HOH H 4 .   ? -9.706  17.338  -3.446  1.00 43.14  ? 434 HOH A O   1 
HETATM 1430 O  O   . HOH H 4 .   ? -9.575  20.789  5.651   1.00 43.63  ? 435 HOH A O   1 
HETATM 1431 O  O   . HOH H 4 .   ? 2.359   -16.465 -7.841  1.00 45.05  ? 436 HOH A O   1 
HETATM 1432 O  O   . HOH H 4 .   ? -11.685 2.461   -6.558  1.00 46.07  ? 437 HOH A O   1 
HETATM 1433 O  O   . HOH H 4 .   ? -6.991  -3.800  -9.830  1.00 45.16  ? 438 HOH A O   1 
HETATM 1434 O  O   . HOH H 4 .   ? -1.700  15.542  10.520  1.00 39.37  ? 439 HOH A O   1 
HETATM 1435 O  O   . HOH H 4 .   ? 3.079   -6.010  7.944   1.00 29.11  ? 440 HOH A O   1 
HETATM 1436 O  O   . HOH H 4 .   ? 3.797   4.271   13.196  1.00 39.48  ? 441 HOH A O   1 
HETATM 1437 O  O   . HOH H 4 .   ? 1.491   11.071  -15.119 1.00 35.90  ? 442 HOH A O   1 
HETATM 1438 O  O   . HOH H 4 .   ? 9.017   -15.586 8.616   1.00 44.26  ? 443 HOH A O   1 
HETATM 1439 O  O   . HOH H 4 .   ? -16.663 -3.983  2.552   1.00 46.64  ? 444 HOH A O   1 
HETATM 1440 O  O   . HOH H 4 .   ? 13.303  -0.407  2.152   1.00 51.16  ? 445 HOH A O   1 
HETATM 1441 O  O   . HOH H 4 .   ? -7.236  -1.119  9.101   1.00 38.87  ? 446 HOH A O   1 
HETATM 1442 O  O   . HOH H 4 .   ? 1.240   -2.762  -11.971 1.00 28.86  ? 447 HOH A O   1 
HETATM 1443 O  O   . HOH H 4 .   ? 1.764   15.205  11.147  1.00 45.49  ? 448 HOH A O   1 
HETATM 1444 O  O   . HOH H 4 .   ? 5.671   2.161   16.786  1.00 46.22  ? 449 HOH A O   1 
HETATM 1445 O  O   . HOH H 4 .   ? -7.549  -11.826 -8.559  1.00 45.23  ? 450 HOH A O   1 
HETATM 1446 O  O   . HOH H 4 .   ? 5.505   -3.218  16.313  1.00 47.24  ? 451 HOH A O   1 
HETATM 1447 O  O   . HOH H 4 .   ? -6.134  11.951  12.261  1.00 40.02  ? 452 HOH A O   1 
HETATM 1448 O  O   . HOH H 4 .   ? 2.867   17.567  3.042   1.00 47.50  ? 453 HOH A O   1 
HETATM 1449 O  O   . HOH H 4 .   ? 13.526  -3.156  -2.552  1.00 33.24  ? 454 HOH A O   1 
HETATM 1450 O  O   . HOH H 4 .   ? 2.151   -7.963  9.835   1.00 37.58  ? 455 HOH A O   1 
HETATM 1451 O  O   . HOH H 4 .   ? 3.725   18.519  -11.172 1.00 33.08  ? 456 HOH A O   1 
HETATM 1452 O  O   . HOH H 4 .   ? 13.240  2.697   0.934   1.00 40.79  ? 457 HOH A O   1 
HETATM 1453 O  O   . HOH H 4 .   ? -4.195  -5.655  -10.924 1.00 23.75  ? 458 HOH A O   1 
HETATM 1454 O  O   . HOH H 4 .   ? -0.510  0.705   -11.856 0.50 27.06  ? 459 HOH A O   1 
HETATM 1455 O  O   . HOH H 4 .   ? 0.363   -9.920  10.192  1.00 38.26  ? 460 HOH A O   1 
HETATM 1456 O  O   . HOH H 4 .   ? -0.705  12.650  -16.083 1.00 24.75  ? 461 HOH A O   1 
HETATM 1457 O  O   . HOH H 4 .   ? 0.368   16.034  -18.229 1.00 24.45  ? 462 HOH A O   1 
HETATM 1458 O  O   . HOH H 4 .   ? 0.835   -23.407 7.165   1.00 50.67  ? 463 HOH A O   1 
HETATM 1459 O  O   . HOH H 4 .   ? -15.774 11.435  9.959   1.00 41.52  ? 464 HOH A O   1 
HETATM 1460 O  O   . HOH H 4 .   ? -3.924  4.250   -11.715 1.00 23.03  ? 465 HOH A O   1 
HETATM 1461 O  O   . HOH H 4 .   ? 2.719   13.087  -17.514 1.00 31.51  ? 466 HOH A O   1 
HETATM 1462 O  O   . HOH H 4 .   ? -14.364 9.465   16.779  1.00 35.74  ? 467 HOH A O   1 
HETATM 1463 O  O   . HOH H 4 .   ? -18.120 16.075  7.020   1.00 36.57  ? 468 HOH A O   1 
HETATM 1464 O  O   . HOH H 4 .   ? 7.478   -6.901  11.739  1.00 34.17  ? 469 HOH A O   1 
HETATM 1465 O  O   . HOH H 4 .   ? 1.671   -19.143 -8.265  1.00 33.80  ? 470 HOH A O   1 
HETATM 1466 O  O   . HOH H 4 .   ? -4.563  13.691  13.469  1.00 43.78  ? 471 HOH A O   1 
HETATM 1467 O  O   . HOH H 4 .   ? 16.360  -1.173  -0.164  1.00 47.04  ? 472 HOH A O   1 
HETATM 1468 O  O   . HOH H 4 .   ? 17.357  0.360   -2.968  1.00 52.16  ? 473 HOH A O   1 
# 
